data_3WKY
#
_entry.id   3WKY
#
_cell.length_a   156.706
_cell.length_b   156.706
_cell.length_c   283.830
_cell.angle_alpha   90.00
_cell.angle_beta   90.00
_cell.angle_gamma   120.00
#
_symmetry.space_group_name_H-M   'H 3'
#
loop_
_entity.id
_entity.type
_entity.pdbx_description
1 polymer 'Prophenoloxidase b'
2 branched 2-acetamido-2-deoxy-beta-D-glucopyranose-(1-4)-2-acetamido-2-deoxy-beta-D-glucopyranose
3 non-polymer 2-acetamido-2-deoxy-beta-D-glucopyranose
4 non-polymer 'CU2-O2 CLUSTER'
5 non-polymer 1,2-ETHANEDIOL
6 non-polymer 'SODIUM ION'
7 non-polymer 'CHLORIDE ION'
8 non-polymer 'MAGNESIUM ION'
9 water water
#
_entity_poly.entity_id   1
_entity_poly.type   'polypeptide(L)'
_entity_poly.pdbx_seq_one_letter_code
;VELWPSMDEELRQLFYLPYESTSTLADRLGIQLPPLELSPETGTAVTVLDPELKAKLGSALSIPEGIPFFAFNKQHSQAV
KDLSKVFIEAKSLNVLKDVAIMVKDHVNSAVFLAALYHTYYERKDLSPGDTPPLPTVLPDRFVPTFIINKAKKLAKSAII
NNQTEVVVEWHSDETGLSSRSPEHRVSYWREDMNLNSFHWHWHLSNPYYIEPGDRDRRGELFYYMHHNLVARYNMERLSL
NLKPVKAFEDWRIPVQDGYFPHLTTGNGQEWSSRQDSTFFQDIREIPLVDSNYVSQLEMWRTHLYHGIDVGYLIHENGSY
VRLTDNPEVGEDYGINLVGEALEAGDSVNPDVYGNIHNLGHDFLGQSHDPAKKHSTTSGVMGAVETAVRDPVFFRWHKFI
DNVFHRYKLTQPPYTPRQLSGNITVLNVTVQEEHWIDDYVSPENLLHTFFTPKTFNSSSGIDFRLKRDDNITVHIKSNFL
EHPDFSYTITVNNPTSDFKRMKLRIFLAPKFDEEGVKMNYASLLRYWTEVDVFETDPIAPGIAYITRHSNESSILSTSHE
GDKKTAFAFSGCSWPRNLQVPRGTQDGMNFHFFVMATDVPLISLTSHEPGTRKSSSSFCGRPDQPIPDPWPMGYPLERRS
SKATIEDFVDEHPNMMLQEVTITHLRDPSSVLRRPISERKECLLFTC
;
_entity_poly.pdbx_strand_id   A,B
#
# COMPACT_ATOMS: atom_id res chain seq x y z
N ASP A 8 -5.23 40.33 -26.48
CA ASP A 8 -5.29 39.90 -27.88
C ASP A 8 -6.36 38.83 -28.10
N GLU A 9 -7.22 39.06 -29.09
CA GLU A 9 -8.09 38.00 -29.60
CA GLU A 9 -8.08 38.00 -29.60
C GLU A 9 -7.22 37.11 -30.50
N GLU A 10 -5.94 37.47 -30.62
CA GLU A 10 -4.96 36.62 -31.25
C GLU A 10 -4.64 35.49 -30.27
N LEU A 11 -4.56 35.86 -28.98
CA LEU A 11 -4.30 34.92 -27.89
C LEU A 11 -5.44 33.92 -27.72
N ARG A 12 -6.66 34.41 -27.83
CA ARG A 12 -7.83 33.58 -27.66
CA ARG A 12 -7.85 33.59 -27.68
C ARG A 12 -7.91 32.52 -28.76
N GLN A 13 -7.31 32.80 -29.90
CA GLN A 13 -7.29 31.85 -31.01
C GLN A 13 -6.42 30.63 -30.70
N LEU A 14 -5.52 30.76 -29.74
CA LEU A 14 -4.65 29.65 -29.37
C LEU A 14 -5.43 28.51 -28.70
N PHE A 15 -6.61 28.82 -28.17
CA PHE A 15 -7.46 27.84 -27.52
C PHE A 15 -8.18 26.97 -28.54
N TYR A 16 -8.24 27.45 -29.79
CA TYR A 16 -9.09 26.81 -30.80
C TYR A 16 -8.51 25.55 -31.45
N LEU A 17 -9.40 24.71 -31.97
CA LEU A 17 -9.04 23.45 -32.63
C LEU A 17 -7.89 22.71 -31.94
N PRO A 18 -8.07 22.37 -30.64
CA PRO A 18 -6.94 21.84 -29.87
C PRO A 18 -6.47 20.46 -30.32
N TYR A 19 -7.28 19.72 -31.07
CA TYR A 19 -6.85 18.40 -31.54
C TYR A 19 -6.21 18.46 -32.92
N GLU A 20 -6.14 19.66 -33.50
CA GLU A 20 -5.54 19.81 -34.83
C GLU A 20 -4.11 20.32 -34.71
N SER A 21 -3.33 20.15 -35.77
CA SER A 21 -1.96 20.64 -35.76
C SER A 21 -1.94 22.17 -35.73
N THR A 22 -0.81 22.73 -35.32
CA THR A 22 -0.63 24.18 -35.35
C THR A 22 -0.75 24.69 -36.80
N SER A 23 -0.26 23.89 -37.75
CA SER A 23 -0.35 24.26 -39.17
C SER A 23 -1.80 24.40 -39.62
N THR A 24 -2.66 23.47 -39.23
CA THR A 24 -4.08 23.51 -39.59
C THR A 24 -4.75 24.74 -38.99
N LEU A 25 -4.41 25.05 -37.75
CA LEU A 25 -5.00 26.20 -37.08
C LEU A 25 -4.51 27.49 -37.73
N ALA A 26 -3.21 27.55 -38.00
CA ALA A 26 -2.59 28.74 -38.58
C ALA A 26 -3.13 29.02 -39.99
N ASP A 27 -3.28 27.96 -40.77
CA ASP A 27 -3.82 28.10 -42.11
CA ASP A 27 -3.83 28.08 -42.12
C ASP A 27 -5.22 28.69 -42.10
N ARG A 28 -6.05 28.19 -41.20
CA ARG A 28 -7.43 28.63 -41.09
C ARG A 28 -7.50 30.08 -40.60
N LEU A 29 -6.57 30.45 -39.73
CA LEU A 29 -6.64 31.74 -39.05
C LEU A 29 -5.70 32.80 -39.59
N GLY A 30 -4.86 32.45 -40.56
CA GLY A 30 -3.87 33.38 -41.07
C GLY A 30 -2.89 33.79 -40.00
N ILE A 31 -2.38 32.79 -39.27
CA ILE A 31 -1.36 33.01 -38.26
C ILE A 31 0.00 32.66 -38.85
N GLN A 32 0.95 33.58 -38.74
CA GLN A 32 2.29 33.30 -39.23
C GLN A 32 2.99 32.27 -38.35
N LEU A 33 3.58 31.26 -39.00
CA LEU A 33 4.23 30.16 -38.31
C LEU A 33 5.74 30.35 -38.23
N PRO A 34 6.35 29.85 -37.16
CA PRO A 34 7.81 29.74 -37.05
C PRO A 34 8.28 28.64 -38.00
N PRO A 35 9.60 28.40 -38.11
CA PRO A 35 10.08 27.31 -38.98
C PRO A 35 9.41 25.96 -38.71
N LEU A 36 9.15 25.20 -39.77
CA LEU A 36 8.51 23.90 -39.67
C LEU A 36 9.47 22.78 -40.03
N GLU A 37 9.05 21.55 -39.75
CA GLU A 37 9.78 20.35 -40.15
C GLU A 37 8.85 19.16 -40.07
N LEU A 38 9.35 17.99 -40.43
CA LEU A 38 8.57 16.76 -40.34
C LEU A 38 9.01 15.97 -39.12
N SER A 39 8.05 15.55 -38.31
CA SER A 39 8.35 14.81 -37.06
C SER A 39 9.07 13.49 -37.31
N THR A 44 4.37 14.50 -40.20
CA THR A 44 3.81 15.66 -40.89
C THR A 44 4.43 16.99 -40.46
N ALA A 45 3.92 18.07 -41.03
CA ALA A 45 4.39 19.41 -40.70
C ALA A 45 4.14 19.72 -39.23
N VAL A 46 5.23 19.99 -38.51
CA VAL A 46 5.20 20.27 -37.09
C VAL A 46 6.20 21.41 -36.87
N THR A 47 5.93 22.31 -35.93
CA THR A 47 6.84 23.42 -35.65
C THR A 47 8.16 22.89 -35.14
N VAL A 48 9.24 23.62 -35.44
CA VAL A 48 10.53 23.31 -34.85
C VAL A 48 10.51 23.84 -33.43
N LEU A 49 10.90 23.00 -32.48
CA LEU A 49 10.97 23.44 -31.10
C LEU A 49 12.39 23.90 -30.74
N ASP A 50 12.57 25.22 -30.62
CA ASP A 50 13.86 25.80 -30.23
CA ASP A 50 13.86 25.79 -30.25
C ASP A 50 14.39 25.14 -28.97
N PRO A 51 15.64 24.64 -29.02
CA PRO A 51 16.28 24.06 -27.83
C PRO A 51 16.26 25.00 -26.62
N GLU A 52 16.31 26.31 -26.86
CA GLU A 52 16.28 27.29 -25.78
C GLU A 52 14.94 27.29 -25.06
N LEU A 53 13.86 27.12 -25.84
CA LEU A 53 12.53 27.00 -25.27
C LEU A 53 12.36 25.68 -24.54
N LYS A 54 12.77 24.59 -25.19
CA LYS A 54 12.66 23.26 -24.63
C LYS A 54 13.35 23.14 -23.26
N ALA A 55 14.48 23.81 -23.12
CA ALA A 55 15.23 23.77 -21.87
C ALA A 55 14.47 24.45 -20.72
N LYS A 56 13.49 25.27 -21.06
CA LYS A 56 12.72 26.01 -20.06
C LYS A 56 11.46 25.28 -19.64
N LEU A 57 11.13 24.18 -20.33
CA LEU A 57 9.79 23.60 -20.23
C LEU A 57 9.56 22.65 -19.06
N GLY A 58 10.61 22.36 -18.28
CA GLY A 58 10.49 21.45 -17.16
C GLY A 58 9.97 20.10 -17.59
N SER A 59 8.91 19.63 -16.94
CA SER A 59 8.35 18.31 -17.23
C SER A 59 7.18 18.37 -18.20
N ALA A 60 6.92 19.54 -18.77
CA ALA A 60 5.74 19.75 -19.62
C ALA A 60 5.57 18.72 -20.74
N LEU A 61 6.70 18.32 -21.35
CA LEU A 61 6.66 17.43 -22.51
C LEU A 61 6.51 15.96 -22.13
N SER A 62 6.61 15.65 -20.84
CA SER A 62 6.58 14.26 -20.38
C SER A 62 5.20 13.60 -20.48
N ILE A 63 4.15 14.39 -20.62
CA ILE A 63 2.81 13.82 -20.75
C ILE A 63 2.53 13.53 -22.22
N PRO A 64 2.29 12.26 -22.55
CA PRO A 64 2.07 11.88 -23.95
C PRO A 64 0.77 12.42 -24.52
N GLU A 65 0.74 12.68 -25.82
CA GLU A 65 -0.49 13.05 -26.53
CA GLU A 65 -0.49 13.07 -26.50
C GLU A 65 -1.48 11.89 -26.47
N GLY A 66 -2.77 12.19 -26.57
CA GLY A 66 -3.76 11.14 -26.68
C GLY A 66 -4.42 10.68 -25.39
N ILE A 67 -4.19 11.41 -24.30
CA ILE A 67 -4.86 11.13 -23.02
C ILE A 67 -5.32 12.46 -22.45
N PRO A 68 -6.30 12.42 -21.52
CA PRO A 68 -6.74 13.67 -20.90
C PRO A 68 -5.70 14.26 -19.96
N PHE A 69 -5.91 15.52 -19.54
CA PHE A 69 -5.20 16.08 -18.41
C PHE A 69 -5.85 15.56 -17.13
N PHE A 70 -5.09 14.77 -16.37
CA PHE A 70 -5.60 14.19 -15.13
C PHE A 70 -5.22 15.09 -13.96
N ALA A 71 -6.11 16.04 -13.66
CA ALA A 71 -5.80 17.15 -12.79
C ALA A 71 -5.41 16.76 -11.37
N PHE A 72 -5.86 15.59 -10.90
CA PHE A 72 -5.60 15.20 -9.51
C PHE A 72 -4.31 14.42 -9.37
N ASN A 73 -3.73 14.06 -10.52
CA ASN A 73 -2.50 13.29 -10.57
C ASN A 73 -1.28 14.21 -10.47
N LYS A 74 -0.35 13.87 -9.60
CA LYS A 74 0.77 14.77 -9.32
CA LYS A 74 0.82 14.71 -9.30
C LYS A 74 1.68 15.02 -10.53
N GLN A 75 1.91 14.01 -11.35
CA GLN A 75 2.74 14.20 -12.54
CA GLN A 75 2.71 14.17 -12.57
C GLN A 75 2.05 15.11 -13.57
N HIS A 76 0.75 14.92 -13.78
CA HIS A 76 0.01 15.75 -14.72
C HIS A 76 -0.05 17.20 -14.23
N SER A 77 -0.29 17.40 -12.93
CA SER A 77 -0.37 18.76 -12.41
CA SER A 77 -0.32 18.73 -12.33
C SER A 77 1.00 19.46 -12.49
N GLN A 78 2.09 18.72 -12.28
CA GLN A 78 3.42 19.32 -12.37
C GLN A 78 3.71 19.77 -13.80
N ALA A 79 3.18 19.03 -14.77
CA ALA A 79 3.40 19.35 -16.18
C ALA A 79 2.67 20.64 -16.56
N VAL A 80 1.43 20.79 -16.08
CA VAL A 80 0.68 22.02 -16.33
C VAL A 80 1.37 23.20 -15.64
N LYS A 81 1.84 22.97 -14.43
CA LYS A 81 2.53 24.02 -13.69
C LYS A 81 3.82 24.43 -14.41
N ASP A 82 4.54 23.46 -14.94
CA ASP A 82 5.80 23.72 -15.64
C ASP A 82 5.60 24.47 -16.97
N LEU A 83 4.58 24.09 -17.73
CA LEU A 83 4.25 24.80 -18.98
C LEU A 83 3.73 26.21 -18.73
N SER A 84 2.80 26.34 -17.80
CA SER A 84 2.23 27.66 -17.50
C SER A 84 3.32 28.60 -16.99
N LYS A 85 4.32 28.06 -16.31
CA LYS A 85 5.42 28.87 -15.78
C LYS A 85 6.09 29.67 -16.90
N VAL A 86 6.33 29.00 -18.03
CA VAL A 86 6.93 29.65 -19.18
C VAL A 86 6.00 30.70 -19.78
N PHE A 87 4.71 30.37 -19.89
CA PHE A 87 3.71 31.29 -20.40
C PHE A 87 3.62 32.54 -19.51
N ILE A 88 3.57 32.30 -18.21
CA ILE A 88 3.37 33.35 -17.22
C ILE A 88 4.58 34.29 -17.17
N GLU A 89 5.77 33.73 -17.32
CA GLU A 89 7.00 34.50 -17.19
C GLU A 89 7.47 35.14 -18.51
N ALA A 90 6.72 34.92 -19.58
CA ALA A 90 7.03 35.55 -20.87
C ALA A 90 7.07 37.08 -20.73
N LYS A 91 8.07 37.71 -21.36
CA LYS A 91 8.30 39.15 -21.28
CA LYS A 91 8.24 39.14 -21.18
C LYS A 91 7.11 39.98 -21.76
N SER A 92 6.36 39.42 -22.69
CA SER A 92 5.22 40.15 -23.26
C SER A 92 4.16 39.20 -23.81
N LEU A 93 2.98 39.73 -24.10
CA LEU A 93 1.92 38.95 -24.72
C LEU A 93 2.28 38.47 -26.13
N ASN A 94 3.05 39.27 -26.86
CA ASN A 94 3.52 38.85 -28.18
C ASN A 94 4.45 37.64 -28.06
N VAL A 95 5.37 37.69 -27.11
CA VAL A 95 6.26 36.57 -26.85
C VAL A 95 5.49 35.34 -26.34
N LEU A 96 4.50 35.58 -25.48
CA LEU A 96 3.64 34.49 -25.02
C LEU A 96 2.98 33.79 -26.20
N LYS A 97 2.39 34.59 -27.09
CA LYS A 97 1.76 34.08 -28.30
C LYS A 97 2.73 33.24 -29.15
N ASP A 98 3.97 33.70 -29.26
CA ASP A 98 4.99 32.96 -30.02
C ASP A 98 5.37 31.64 -29.35
N VAL A 99 5.53 31.66 -28.04
CA VAL A 99 5.89 30.44 -27.30
C VAL A 99 4.77 29.39 -27.40
N ALA A 100 3.53 29.85 -27.27
CA ALA A 100 2.35 29.00 -27.43
C ALA A 100 2.33 28.31 -28.79
N ILE A 101 2.42 29.11 -29.85
CA ILE A 101 2.42 28.60 -31.23
C ILE A 101 3.54 27.58 -31.46
N MET A 102 4.72 27.86 -30.93
CA MET A 102 5.87 26.96 -31.11
C MET A 102 5.71 25.62 -30.38
N VAL A 103 5.16 25.67 -29.17
CA VAL A 103 5.12 24.49 -28.30
C VAL A 103 3.88 23.62 -28.54
N LYS A 104 2.87 24.18 -29.19
CA LYS A 104 1.57 23.54 -29.33
C LYS A 104 1.60 22.15 -29.95
N ASP A 105 2.46 21.94 -30.95
CA ASP A 105 2.59 20.63 -31.60
C ASP A 105 3.27 19.57 -30.73
N HIS A 106 3.87 19.99 -29.64
CA HIS A 106 4.77 19.14 -28.87
C HIS A 106 4.27 18.79 -27.47
N VAL A 107 3.11 19.34 -27.10
CA VAL A 107 2.55 19.11 -25.78
CA VAL A 107 2.55 19.10 -25.78
C VAL A 107 1.15 18.49 -25.89
N ASN A 108 0.79 17.68 -24.90
CA ASN A 108 -0.54 17.12 -24.77
C ASN A 108 -1.57 18.27 -24.88
N SER A 109 -2.62 18.09 -25.68
CA SER A 109 -3.58 19.17 -25.96
CA SER A 109 -3.50 19.23 -25.94
C SER A 109 -4.28 19.67 -24.71
N ALA A 110 -4.69 18.74 -23.85
CA ALA A 110 -5.43 19.11 -22.65
C ALA A 110 -4.52 19.80 -21.63
N VAL A 111 -3.28 19.33 -21.55
CA VAL A 111 -2.27 19.98 -20.72
C VAL A 111 -2.01 21.40 -21.24
N PHE A 112 -1.96 21.54 -22.57
CA PHE A 112 -1.78 22.85 -23.19
C PHE A 112 -2.91 23.81 -22.81
N LEU A 113 -4.15 23.37 -23.00
CA LEU A 113 -5.33 24.16 -22.62
C LEU A 113 -5.37 24.53 -21.15
N ALA A 114 -5.06 23.57 -20.28
CA ALA A 114 -5.08 23.84 -18.83
C ALA A 114 -4.07 24.93 -18.48
N ALA A 115 -2.85 24.79 -19.00
CA ALA A 115 -1.79 25.76 -18.79
C ALA A 115 -2.20 27.17 -19.27
N LEU A 116 -2.89 27.24 -20.40
CA LEU A 116 -3.34 28.51 -20.95
CA LEU A 116 -3.34 28.51 -20.95
C LEU A 116 -4.38 29.19 -20.06
N TYR A 117 -5.38 28.43 -19.62
CA TYR A 117 -6.39 28.99 -18.71
C TYR A 117 -5.74 29.44 -17.42
N HIS A 118 -4.83 28.62 -16.88
CA HIS A 118 -4.16 28.99 -15.63
C HIS A 118 -3.38 30.29 -15.81
N THR A 119 -2.79 30.44 -16.99
CA THR A 119 -2.00 31.64 -17.33
C THR A 119 -2.85 32.91 -17.28
N TYR A 120 -4.09 32.84 -17.75
CA TYR A 120 -4.97 34.01 -17.66
C TYR A 120 -5.27 34.40 -16.21
N TYR A 121 -5.31 33.43 -15.30
CA TYR A 121 -5.52 33.74 -13.90
C TYR A 121 -4.27 34.33 -13.26
N GLU A 122 -3.12 33.83 -13.66
CA GLU A 122 -1.88 34.22 -13.00
CA GLU A 122 -1.86 34.22 -13.00
C GLU A 122 -1.27 35.50 -13.56
N ARG A 123 -1.44 35.73 -14.86
CA ARG A 123 -0.88 36.95 -15.46
C ARG A 123 -1.78 38.15 -15.15
N LYS A 124 -1.17 39.24 -14.72
CA LYS A 124 -1.92 40.44 -14.36
C LYS A 124 -2.44 41.21 -15.58
N ASP A 125 -1.83 40.97 -16.74
CA ASP A 125 -2.25 41.69 -17.95
C ASP A 125 -3.30 40.92 -18.74
N LEU A 126 -3.76 39.81 -18.17
CA LEU A 126 -4.82 39.00 -18.78
C LEU A 126 -6.00 38.87 -17.83
N SER A 127 -7.19 38.78 -18.39
CA SER A 127 -8.42 38.63 -17.61
C SER A 127 -9.11 37.30 -17.96
N PRO A 128 -9.42 36.48 -16.94
CA PRO A 128 -10.03 35.15 -17.15
C PRO A 128 -11.36 35.25 -17.88
N GLY A 129 -12.03 36.39 -17.72
CA GLY A 129 -13.27 36.64 -18.43
C GLY A 129 -13.11 36.67 -19.94
N ASP A 130 -11.87 36.83 -20.40
CA ASP A 130 -11.59 36.86 -21.83
C ASP A 130 -11.23 35.48 -22.40
N THR A 131 -11.21 34.45 -21.57
CA THR A 131 -10.97 33.10 -22.08
C THR A 131 -12.26 32.62 -22.74
N PRO A 132 -12.13 31.77 -23.79
CA PRO A 132 -13.35 31.26 -24.41
C PRO A 132 -14.07 30.31 -23.45
N PRO A 133 -15.40 30.18 -23.59
CA PRO A 133 -16.15 29.20 -22.79
C PRO A 133 -15.59 27.82 -23.06
N LEU A 134 -15.37 27.02 -22.03
CA LEU A 134 -14.77 25.71 -22.23
C LEU A 134 -15.54 24.78 -23.19
N PRO A 135 -16.89 24.79 -23.16
CA PRO A 135 -17.54 23.89 -24.11
C PRO A 135 -17.33 24.24 -25.58
N THR A 136 -17.01 25.50 -25.90
CA THR A 136 -16.72 25.86 -27.30
C THR A 136 -15.34 25.40 -27.74
N VAL A 137 -14.50 25.05 -26.76
CA VAL A 137 -13.13 24.63 -26.99
C VAL A 137 -13.00 23.10 -26.93
N LEU A 138 -13.66 22.48 -25.95
CA LEU A 138 -13.63 21.01 -25.81
C LEU A 138 -15.05 20.48 -25.71
N PRO A 139 -15.84 20.62 -26.80
CA PRO A 139 -17.22 20.13 -26.70
C PRO A 139 -17.34 18.64 -26.38
N ASP A 140 -16.32 17.85 -26.72
CA ASP A 140 -16.34 16.40 -26.46
C ASP A 140 -16.47 16.08 -24.96
N ARG A 141 -16.11 17.04 -24.10
CA ARG A 141 -16.18 16.84 -22.66
C ARG A 141 -17.59 16.99 -22.09
N PHE A 142 -18.52 17.52 -22.90
CA PHE A 142 -19.84 17.90 -22.38
C PHE A 142 -20.99 17.28 -23.17
N VAL A 143 -20.69 16.79 -24.36
CA VAL A 143 -21.72 16.32 -25.30
C VAL A 143 -21.50 14.81 -25.53
N PRO A 144 -22.60 14.02 -25.46
CA PRO A 144 -22.43 12.56 -25.54
C PRO A 144 -21.81 12.11 -26.84
N THR A 145 -21.08 11.00 -26.76
CA THR A 145 -20.45 10.38 -27.91
C THR A 145 -21.37 10.31 -29.11
N PHE A 146 -22.59 9.81 -28.90
CA PHE A 146 -23.54 9.59 -29.99
CA PHE A 146 -23.49 9.58 -30.04
C PHE A 146 -23.89 10.88 -30.72
N ILE A 147 -23.97 11.97 -29.96
CA ILE A 147 -24.33 13.27 -30.54
C ILE A 147 -23.19 13.87 -31.36
N ILE A 148 -21.97 13.78 -30.84
CA ILE A 148 -20.80 14.20 -31.60
C ILE A 148 -20.69 13.38 -32.91
N ASN A 149 -20.93 12.07 -32.82
CA ASN A 149 -20.87 11.23 -34.01
CA ASN A 149 -20.91 11.18 -33.98
C ASN A 149 -22.00 11.54 -34.98
N LYS A 150 -23.18 11.85 -34.45
CA LYS A 150 -24.31 12.27 -35.27
C LYS A 150 -24.01 13.61 -35.98
N ALA A 151 -23.33 14.50 -35.27
CA ALA A 151 -22.94 15.79 -35.85
C ALA A 151 -21.95 15.64 -37.02
N LYS A 152 -21.00 14.73 -36.92
CA LYS A 152 -20.03 14.49 -37.99
C LYS A 152 -20.72 13.97 -39.24
N LYS A 153 -21.73 13.13 -39.01
CA LYS A 153 -22.59 12.61 -40.07
CA LYS A 153 -22.58 12.61 -40.07
C LYS A 153 -23.33 13.74 -40.77
N LEU A 154 -24.03 14.53 -39.97
CA LEU A 154 -24.82 15.67 -40.46
C LEU A 154 -23.94 16.70 -41.17
N ALA A 155 -22.73 16.89 -40.66
CA ALA A 155 -21.78 17.81 -41.28
C ALA A 155 -21.40 17.32 -42.68
N LYS A 156 -21.06 16.03 -42.78
CA LYS A 156 -20.67 15.43 -44.05
C LYS A 156 -21.76 15.60 -45.11
N SER A 157 -23.00 15.36 -44.72
CA SER A 157 -24.14 15.52 -45.62
C SER A 157 -24.35 16.97 -46.00
N ALA A 158 -24.27 17.86 -45.01
CA ALA A 158 -24.46 19.29 -45.24
C ALA A 158 -23.48 19.82 -46.27
N ILE A 159 -22.20 19.45 -46.12
CA ILE A 159 -21.15 19.89 -47.03
C ILE A 159 -21.47 19.45 -48.45
N ILE A 160 -21.93 18.22 -48.59
CA ILE A 160 -22.29 17.66 -49.88
C ILE A 160 -23.46 18.42 -50.52
N ASN A 161 -24.45 18.78 -49.73
CA ASN A 161 -25.61 19.50 -50.24
C ASN A 161 -25.50 21.02 -50.08
N ASN A 162 -24.26 21.51 -50.01
CA ASN A 162 -23.97 22.95 -49.95
C ASN A 162 -24.68 23.69 -48.84
N GLN A 163 -24.78 23.06 -47.68
CA GLN A 163 -25.39 23.66 -46.50
C GLN A 163 -24.26 24.02 -45.53
N THR A 164 -24.23 25.26 -45.07
CA THR A 164 -23.10 25.74 -44.29
C THR A 164 -23.32 25.66 -42.78
N GLU A 165 -24.56 25.39 -42.36
CA GLU A 165 -24.88 25.27 -40.95
C GLU A 165 -25.68 24.01 -40.65
N VAL A 166 -25.37 23.38 -39.53
CA VAL A 166 -26.19 22.28 -39.04
C VAL A 166 -26.37 22.45 -37.53
N VAL A 167 -27.50 21.98 -37.02
CA VAL A 167 -27.76 22.01 -35.59
C VAL A 167 -28.07 20.58 -35.15
N VAL A 168 -27.43 20.14 -34.08
CA VAL A 168 -27.78 18.85 -33.49
C VAL A 168 -28.18 19.07 -32.03
N GLU A 169 -29.09 18.24 -31.52
CA GLU A 169 -29.52 18.36 -30.13
C GLU A 169 -29.75 17.02 -29.44
N TRP A 170 -29.83 17.05 -28.11
CA TRP A 170 -30.01 15.84 -27.32
CA TRP A 170 -30.08 15.84 -27.35
C TRP A 170 -30.86 16.10 -26.07
N HIS A 171 -31.26 15.01 -25.41
CA HIS A 171 -32.08 15.08 -24.22
CA HIS A 171 -32.12 15.06 -24.23
C HIS A 171 -31.61 14.07 -23.18
N SER A 172 -31.96 14.30 -21.91
CA SER A 172 -31.53 13.43 -20.81
C SER A 172 -32.02 11.99 -20.96
N ASP A 173 -33.17 11.83 -21.62
CA ASP A 173 -33.74 10.51 -21.93
C ASP A 173 -32.78 9.60 -22.71
N GLU A 174 -31.54 10.03 -22.89
CA GLU A 174 -30.62 9.36 -23.80
C GLU A 174 -29.27 8.93 -23.19
N THR A 175 -29.07 9.15 -21.90
CA THR A 175 -27.78 8.80 -21.25
C THR A 175 -27.94 7.92 -20.00
N GLY A 176 -29.16 7.49 -19.75
CA GLY A 176 -29.49 6.72 -18.55
C GLY A 176 -31.00 6.68 -18.53
N LEU A 177 -31.57 5.79 -17.73
CA LEU A 177 -33.01 5.64 -17.71
C LEU A 177 -33.54 6.01 -16.34
N SER A 178 -34.14 7.19 -16.22
CA SER A 178 -34.56 7.67 -14.91
C SER A 178 -35.52 6.71 -14.23
N SER A 179 -36.38 6.05 -15.00
CA SER A 179 -37.39 5.21 -14.38
C SER A 179 -36.78 4.03 -13.63
N ARG A 180 -35.54 3.66 -13.95
CA ARG A 180 -34.88 2.58 -13.23
C ARG A 180 -33.66 3.02 -12.41
N SER A 181 -33.34 4.31 -12.46
CA SER A 181 -32.12 4.81 -11.86
C SER A 181 -32.39 6.18 -11.23
N PRO A 182 -32.72 6.19 -9.93
CA PRO A 182 -33.02 7.47 -9.27
C PRO A 182 -31.91 8.51 -9.46
N GLU A 183 -30.64 8.10 -9.46
CA GLU A 183 -29.55 9.07 -9.61
C GLU A 183 -29.59 9.81 -10.94
N HIS A 184 -30.20 9.20 -11.96
CA HIS A 184 -30.31 9.85 -13.25
C HIS A 184 -31.27 11.04 -13.23
N ARG A 185 -32.16 11.10 -12.23
CA ARG A 185 -33.11 12.21 -12.10
C ARG A 185 -32.40 13.56 -11.92
N VAL A 186 -31.16 13.52 -11.44
CA VAL A 186 -30.42 14.77 -11.21
C VAL A 186 -29.22 14.89 -12.16
N SER A 187 -29.20 14.06 -13.20
CA SER A 187 -28.13 14.10 -14.18
CA SER A 187 -28.11 14.11 -14.16
C SER A 187 -28.09 15.44 -14.93
N TYR A 188 -29.24 16.06 -15.15
CA TYR A 188 -29.24 17.36 -15.85
C TYR A 188 -28.36 18.40 -15.13
N TRP A 189 -28.31 18.29 -13.80
CA TRP A 189 -27.59 19.25 -12.99
C TRP A 189 -26.13 18.86 -12.90
N ARG A 190 -25.84 17.58 -12.59
CA ARG A 190 -24.46 17.12 -12.53
C ARG A 190 -23.73 17.29 -13.87
N GLU A 191 -24.46 17.12 -14.98
CA GLU A 191 -23.85 17.16 -16.30
C GLU A 191 -23.93 18.55 -16.94
N ASP A 192 -24.53 19.51 -16.24
CA ASP A 192 -24.65 20.88 -16.73
C ASP A 192 -23.28 21.39 -17.19
N MET A 193 -23.18 21.78 -18.46
CA MET A 193 -21.87 22.12 -19.00
C MET A 193 -21.23 23.33 -18.32
N ASN A 194 -22.06 24.28 -17.87
CA ASN A 194 -21.53 25.44 -17.16
C ASN A 194 -21.01 25.08 -15.78
N LEU A 195 -21.67 24.14 -15.11
CA LEU A 195 -21.21 23.71 -13.79
C LEU A 195 -19.88 22.97 -13.89
N ASN A 196 -19.78 22.07 -14.87
CA ASN A 196 -18.53 21.37 -15.10
C ASN A 196 -17.40 22.31 -15.50
N SER A 197 -17.71 23.34 -16.31
CA SER A 197 -16.71 24.35 -16.66
C SER A 197 -16.28 25.19 -15.47
N PHE A 198 -17.24 25.52 -14.60
CA PHE A 198 -16.93 26.24 -13.37
C PHE A 198 -15.93 25.43 -12.53
N HIS A 199 -16.16 24.12 -12.46
CA HIS A 199 -15.24 23.28 -11.71
C HIS A 199 -13.81 23.32 -12.27
N TRP A 200 -13.69 23.26 -13.59
CA TRP A 200 -12.40 23.44 -14.26
C TRP A 200 -11.78 24.80 -13.90
N HIS A 201 -12.56 25.86 -14.04
CA HIS A 201 -12.07 27.19 -13.70
C HIS A 201 -11.63 27.31 -12.26
N TRP A 202 -12.41 26.74 -11.34
CA TRP A 202 -12.05 26.84 -9.94
C TRP A 202 -10.68 26.24 -9.70
N HIS A 203 -10.45 25.06 -10.25
CA HIS A 203 -9.20 24.38 -9.97
C HIS A 203 -8.01 24.95 -10.72
N LEU A 204 -8.29 25.70 -11.78
CA LEU A 204 -7.18 26.32 -12.52
C LEU A 204 -6.91 27.72 -11.99
N SER A 205 -7.91 28.31 -11.31
CA SER A 205 -7.70 29.56 -10.59
C SER A 205 -7.03 29.30 -9.24
N ASN A 206 -7.38 28.17 -8.63
CA ASN A 206 -6.86 27.82 -7.31
C ASN A 206 -6.22 26.45 -7.25
N PRO A 207 -5.20 26.20 -8.10
CA PRO A 207 -4.66 24.83 -8.14
C PRO A 207 -3.91 24.51 -6.86
N TYR A 208 -4.03 23.25 -6.43
CA TYR A 208 -3.40 22.83 -5.20
C TYR A 208 -1.88 22.85 -5.32
N TYR A 209 -1.37 22.95 -6.55
CA TYR A 209 0.07 22.99 -6.84
CA TYR A 209 0.07 22.97 -6.75
C TYR A 209 0.63 24.39 -6.83
N ILE A 210 -0.23 25.39 -6.59
CA ILE A 210 0.22 26.79 -6.62
C ILE A 210 1.37 27.01 -5.65
N GLU A 211 2.30 27.90 -5.98
CA GLU A 211 3.34 28.27 -5.03
CA GLU A 211 3.34 28.22 -5.02
C GLU A 211 2.69 28.80 -3.77
N PRO A 212 3.03 28.22 -2.61
CA PRO A 212 2.40 28.60 -1.34
C PRO A 212 2.59 30.08 -1.03
N GLY A 213 1.50 30.79 -0.76
CA GLY A 213 1.56 32.22 -0.52
C GLY A 213 0.93 33.03 -1.64
N ASP A 214 0.94 32.48 -2.85
CA ASP A 214 0.36 33.19 -3.98
C ASP A 214 -1.17 33.15 -4.02
N ARG A 215 -1.75 32.45 -3.06
CA ARG A 215 -3.17 32.56 -2.78
C ARG A 215 -3.38 32.85 -1.29
N ASP A 216 -4.51 33.45 -0.95
CA ASP A 216 -4.84 33.69 0.44
C ASP A 216 -5.94 32.69 0.82
N ARG A 217 -5.70 31.88 1.86
CA ARG A 217 -6.73 31.01 2.40
C ARG A 217 -7.29 30.04 1.36
N ARG A 218 -6.39 29.50 0.52
CA ARG A 218 -6.80 28.64 -0.59
C ARG A 218 -7.40 27.32 -0.09
N GLY A 219 -6.85 26.79 0.99
CA GLY A 219 -7.37 25.59 1.60
C GLY A 219 -8.77 25.79 2.15
N GLU A 220 -8.99 26.96 2.73
CA GLU A 220 -10.33 27.29 3.21
C GLU A 220 -11.30 27.47 2.04
N LEU A 221 -10.81 28.06 0.95
CA LEU A 221 -11.65 28.25 -0.22
C LEU A 221 -12.00 26.90 -0.86
N PHE A 222 -11.05 25.96 -0.83
CA PHE A 222 -11.33 24.59 -1.27
C PHE A 222 -12.53 24.04 -0.50
N TYR A 223 -12.46 24.10 0.82
CA TYR A 223 -13.60 23.74 1.67
C TYR A 223 -14.87 24.48 1.26
N TYR A 224 -14.78 25.80 1.14
CA TYR A 224 -15.97 26.62 1.02
C TYR A 224 -16.70 26.42 -0.30
N MET A 225 -15.96 26.39 -1.40
CA MET A 225 -16.62 26.22 -2.68
C MET A 225 -17.29 24.85 -2.71
N HIS A 226 -16.55 23.82 -2.30
CA HIS A 226 -17.12 22.48 -2.35
C HIS A 226 -18.27 22.26 -1.39
N HIS A 227 -18.23 22.93 -0.25
CA HIS A 227 -19.34 22.90 0.69
C HIS A 227 -20.59 23.42 0.02
N ASN A 228 -20.44 24.54 -0.69
CA ASN A 228 -21.57 25.14 -1.37
C ASN A 228 -22.06 24.29 -2.54
N LEU A 229 -21.11 23.66 -3.24
CA LEU A 229 -21.44 22.75 -4.33
C LEU A 229 -22.25 21.54 -3.82
N VAL A 230 -21.80 20.92 -2.74
CA VAL A 230 -22.54 19.82 -2.10
C VAL A 230 -23.91 20.26 -1.56
N ALA A 231 -23.96 21.41 -0.88
CA ALA A 231 -25.21 21.90 -0.32
C ALA A 231 -26.25 22.11 -1.42
N ARG A 232 -25.84 22.76 -2.51
CA ARG A 232 -26.78 23.04 -3.60
C ARG A 232 -27.23 21.77 -4.30
N TYR A 233 -26.32 20.80 -4.40
CA TYR A 233 -26.70 19.52 -4.96
C TYR A 233 -27.81 18.89 -4.13
N ASN A 234 -27.65 18.91 -2.81
CA ASN A 234 -28.69 18.37 -1.95
C ASN A 234 -30.02 19.11 -2.08
N MET A 235 -29.98 20.42 -2.32
CA MET A 235 -31.23 21.13 -2.50
C MET A 235 -31.91 20.68 -3.78
N GLU A 236 -31.10 20.36 -4.78
CA GLU A 236 -31.64 19.85 -6.01
C GLU A 236 -32.23 18.44 -5.76
N ARG A 237 -31.54 17.62 -4.97
CA ARG A 237 -32.04 16.27 -4.67
C ARG A 237 -33.38 16.34 -3.93
N LEU A 238 -33.46 17.18 -2.91
CA LEU A 238 -34.72 17.37 -2.18
C LEU A 238 -35.85 17.83 -3.13
N SER A 239 -35.51 18.70 -4.08
CA SER A 239 -36.48 19.18 -5.07
C SER A 239 -37.03 18.05 -5.92
N LEU A 240 -36.27 16.96 -6.00
CA LEU A 240 -36.62 15.86 -6.90
C LEU A 240 -37.13 14.64 -6.13
N ASN A 241 -37.44 14.83 -4.85
CA ASN A 241 -37.84 13.71 -3.98
C ASN A 241 -36.77 12.63 -3.86
N LEU A 242 -35.50 13.02 -3.93
CA LEU A 242 -34.40 12.11 -3.64
C LEU A 242 -33.89 12.35 -2.22
N LYS A 243 -33.29 11.34 -1.61
CA LYS A 243 -32.67 11.54 -0.30
C LYS A 243 -31.35 12.29 -0.50
N PRO A 244 -30.96 13.11 0.48
CA PRO A 244 -29.68 13.84 0.44
C PRO A 244 -28.52 12.88 0.24
N VAL A 245 -27.43 13.35 -0.36
CA VAL A 245 -26.31 12.46 -0.67
C VAL A 245 -25.64 11.90 0.59
N LYS A 246 -25.23 10.64 0.51
CA LYS A 246 -24.54 9.97 1.62
CA LYS A 246 -24.55 9.97 1.62
C LYS A 246 -23.05 9.91 1.36
N ALA A 247 -22.26 10.28 2.36
CA ALA A 247 -20.81 10.27 2.23
C ALA A 247 -20.32 8.86 1.91
N PHE A 248 -19.30 8.76 1.09
CA PHE A 248 -18.62 7.48 0.89
C PHE A 248 -17.46 7.46 1.88
N GLU A 249 -17.68 6.85 3.03
CA GLU A 249 -16.74 6.89 4.15
CA GLU A 249 -16.74 6.90 4.15
C GLU A 249 -16.22 5.53 4.59
N ASP A 250 -17.06 4.51 4.46
CA ASP A 250 -16.62 3.15 4.78
C ASP A 250 -16.14 2.53 3.48
N TRP A 251 -14.82 2.55 3.29
CA TRP A 251 -14.27 2.23 1.99
C TRP A 251 -14.17 0.73 1.74
N ARG A 252 -14.73 -0.06 2.65
CA ARG A 252 -14.75 -1.49 2.41
CA ARG A 252 -14.83 -1.52 2.56
C ARG A 252 -16.08 -1.93 1.79
N ILE A 253 -17.01 -0.99 1.68
CA ILE A 253 -18.32 -1.20 1.06
C ILE A 253 -18.21 -0.80 -0.42
N PRO A 254 -18.67 -1.64 -1.34
CA PRO A 254 -18.61 -1.25 -2.76
C PRO A 254 -19.44 0.00 -3.04
N VAL A 255 -19.01 0.79 -4.02
CA VAL A 255 -19.76 1.99 -4.42
C VAL A 255 -21.01 1.51 -5.14
N GLN A 256 -22.17 1.73 -4.52
CA GLN A 256 -23.41 1.16 -5.04
C GLN A 256 -23.73 1.66 -6.47
N ASP A 257 -23.67 2.97 -6.68
CA ASP A 257 -24.08 3.52 -7.96
C ASP A 257 -22.91 3.78 -8.90
N GLY A 258 -22.89 3.05 -10.01
CA GLY A 258 -21.87 3.25 -11.02
C GLY A 258 -22.24 4.46 -11.87
N TYR A 259 -21.48 4.67 -12.93
CA TYR A 259 -21.74 5.79 -13.84
C TYR A 259 -21.10 5.50 -15.19
N PHE A 260 -21.90 5.65 -16.24
CA PHE A 260 -21.43 5.47 -17.60
C PHE A 260 -21.54 6.83 -18.30
N PRO A 261 -20.40 7.51 -18.47
CA PRO A 261 -20.43 8.92 -18.91
C PRO A 261 -20.90 9.15 -20.35
N HIS A 262 -20.73 8.15 -21.22
CA HIS A 262 -21.04 8.30 -22.65
C HIS A 262 -20.28 9.47 -23.27
N LEU A 263 -18.98 9.54 -22.99
CA LEU A 263 -18.11 10.60 -23.53
C LEU A 263 -16.89 10.00 -24.22
N THR A 264 -16.46 10.63 -25.31
CA THR A 264 -15.28 10.20 -26.05
C THR A 264 -14.43 11.42 -26.36
N THR A 265 -13.13 11.37 -26.09
CA THR A 265 -12.27 12.54 -26.34
C THR A 265 -12.02 12.72 -27.83
N GLY A 266 -11.44 13.86 -28.20
CA GLY A 266 -11.19 14.17 -29.59
C GLY A 266 -10.10 13.30 -30.20
N ASN A 267 -9.39 12.57 -29.35
CA ASN A 267 -8.43 11.58 -29.83
C ASN A 267 -9.07 10.22 -29.96
N GLY A 268 -10.40 10.17 -29.91
CA GLY A 268 -11.13 8.92 -30.13
C GLY A 268 -11.15 8.00 -28.93
N GLN A 269 -10.67 8.50 -27.81
CA GLN A 269 -10.56 7.72 -26.58
C GLN A 269 -11.83 7.84 -25.72
N GLU A 270 -12.66 6.79 -25.70
CA GLU A 270 -13.87 6.78 -24.88
C GLU A 270 -13.53 6.67 -23.38
N TRP A 271 -14.13 7.53 -22.56
CA TRP A 271 -13.86 7.51 -21.13
C TRP A 271 -14.35 6.20 -20.53
N SER A 272 -13.57 5.67 -19.60
CA SER A 272 -13.97 4.46 -18.88
C SER A 272 -15.23 4.71 -18.07
N SER A 273 -16.00 3.65 -17.85
CA SER A 273 -17.20 3.72 -17.04
C SER A 273 -16.95 2.98 -15.73
N ARG A 274 -17.93 2.98 -14.84
CA ARG A 274 -17.81 2.24 -13.60
C ARG A 274 -19.13 1.54 -13.36
N GLN A 275 -19.09 0.21 -13.30
CA GLN A 275 -20.30 -0.58 -13.05
C GLN A 275 -20.84 -0.33 -11.66
N ASP A 276 -22.14 -0.53 -11.49
CA ASP A 276 -22.71 -0.56 -10.14
C ASP A 276 -21.94 -1.55 -9.26
N SER A 277 -21.86 -1.24 -7.95
CA SER A 277 -21.23 -2.13 -6.98
C SER A 277 -19.76 -2.42 -7.28
N THR A 278 -18.99 -1.37 -7.49
CA THR A 278 -17.56 -1.50 -7.72
C THR A 278 -16.81 -1.11 -6.44
N PHE A 279 -15.83 -1.92 -6.06
CA PHE A 279 -15.03 -1.61 -4.86
C PHE A 279 -13.99 -0.52 -5.12
N PHE A 280 -13.77 0.28 -4.07
CA PHE A 280 -12.69 1.25 -3.97
C PHE A 280 -11.44 0.41 -3.62
N GLN A 281 -10.51 0.31 -4.55
CA GLN A 281 -9.40 -0.64 -4.42
C GLN A 281 -8.03 -0.02 -4.55
N ASP A 282 -7.03 -0.68 -3.97
CA ASP A 282 -5.63 -0.24 -4.09
C ASP A 282 -5.30 0.01 -5.55
N ILE A 283 -4.62 1.12 -5.84
CA ILE A 283 -4.24 1.39 -7.21
C ILE A 283 -2.81 0.95 -7.41
N ARG A 284 -2.64 -0.13 -8.16
CA ARG A 284 -1.31 -0.63 -8.44
C ARG A 284 -0.86 -0.03 -9.76
N GLU A 285 -0.06 1.03 -9.66
CA GLU A 285 0.35 1.80 -10.81
C GLU A 285 1.36 1.07 -11.68
N ILE A 286 1.62 1.64 -12.84
CA ILE A 286 2.77 1.27 -13.67
C ILE A 286 3.59 2.54 -13.79
N PRO A 287 4.80 2.56 -13.19
CA PRO A 287 5.40 1.44 -12.46
C PRO A 287 4.79 1.24 -11.08
N LEU A 288 4.94 0.02 -10.57
CA LEU A 288 4.35 -0.38 -9.29
C LEU A 288 4.79 0.53 -8.14
N VAL A 289 6.02 1.06 -8.21
CA VAL A 289 6.50 1.90 -7.12
C VAL A 289 5.69 3.18 -6.97
N ASP A 290 4.91 3.53 -7.99
CA ASP A 290 4.07 4.73 -7.93
C ASP A 290 2.66 4.48 -7.38
N SER A 291 2.46 3.33 -6.74
CA SER A 291 1.13 2.92 -6.28
C SER A 291 0.65 3.60 -5.00
N ASN A 292 -0.65 3.52 -4.76
CA ASN A 292 -1.23 3.98 -3.49
C ASN A 292 -2.27 2.98 -3.01
N TYR A 293 -2.57 2.97 -1.71
CA TYR A 293 -3.34 1.87 -1.12
C TYR A 293 -4.47 2.37 -0.25
N VAL A 294 -5.56 1.60 -0.17
CA VAL A 294 -6.73 2.05 0.59
C VAL A 294 -6.37 2.26 2.07
N SER A 295 -5.59 1.34 2.65
CA SER A 295 -5.29 1.48 4.08
C SER A 295 -4.29 2.59 4.34
N GLN A 296 -3.54 2.97 3.30
CA GLN A 296 -2.67 4.13 3.36
C GLN A 296 -3.52 5.41 3.50
N LEU A 297 -4.50 5.56 2.61
CA LEU A 297 -5.45 6.68 2.71
C LEU A 297 -6.19 6.67 4.05
N GLU A 298 -6.53 5.47 4.52
CA GLU A 298 -7.20 5.35 5.82
C GLU A 298 -6.33 5.83 6.97
N MET A 299 -5.04 5.55 6.89
CA MET A 299 -4.15 6.01 7.96
C MET A 299 -3.91 7.53 7.90
N TRP A 300 -3.81 8.08 6.69
CA TRP A 300 -3.79 9.55 6.55
C TRP A 300 -5.03 10.14 7.20
N ARG A 301 -6.18 9.53 6.95
CA ARG A 301 -7.44 9.99 7.51
C ARG A 301 -7.43 9.91 9.04
N THR A 302 -6.96 8.77 9.56
CA THR A 302 -6.82 8.58 11.00
C THR A 302 -5.93 9.68 11.61
N HIS A 303 -4.80 9.95 10.97
CA HIS A 303 -3.89 10.99 11.47
C HIS A 303 -4.55 12.36 11.46
N LEU A 304 -5.27 12.66 10.39
CA LEU A 304 -5.91 13.96 10.27
C LEU A 304 -7.05 14.13 11.27
N TYR A 305 -7.85 13.07 11.46
CA TYR A 305 -8.91 13.08 12.47
C TYR A 305 -8.33 13.33 13.85
N HIS A 306 -7.21 12.67 14.16
CA HIS A 306 -6.54 12.89 15.44
C HIS A 306 -6.17 14.36 15.63
N GLY A 307 -5.50 14.94 14.63
CA GLY A 307 -5.10 16.34 14.70
C GLY A 307 -6.29 17.27 14.90
N ILE A 308 -7.35 17.02 14.16
CA ILE A 308 -8.56 17.81 14.32
C ILE A 308 -9.09 17.69 15.75
N ASP A 309 -9.13 16.45 16.25
CA ASP A 309 -9.74 16.18 17.56
C ASP A 309 -8.95 16.76 18.72
N VAL A 310 -7.62 16.84 18.59
CA VAL A 310 -6.80 17.43 19.66
C VAL A 310 -6.48 18.91 19.42
N GLY A 311 -6.85 19.42 18.26
CA GLY A 311 -6.72 20.85 17.98
C GLY A 311 -5.36 21.33 17.47
N TYR A 312 -4.54 20.42 16.96
CA TYR A 312 -3.27 20.81 16.38
CA TYR A 312 -3.17 20.71 16.53
C TYR A 312 -2.73 19.78 15.41
N LEU A 313 -2.02 20.29 14.42
CA LEU A 313 -1.36 19.40 13.46
C LEU A 313 0.12 19.34 13.80
N ILE A 314 0.78 18.26 13.40
CA ILE A 314 2.21 18.19 13.60
CA ILE A 314 2.22 18.16 13.59
C ILE A 314 2.93 18.56 12.31
N HIS A 315 3.81 19.55 12.41
CA HIS A 315 4.55 19.99 11.23
C HIS A 315 5.62 18.97 10.90
N GLU A 316 5.98 18.87 9.63
CA GLU A 316 7.04 17.93 9.27
CA GLU A 316 7.06 17.98 9.20
C GLU A 316 8.35 18.32 9.95
N ASN A 317 8.47 19.58 10.35
CA ASN A 317 9.67 20.01 11.09
C ASN A 317 9.63 19.69 12.59
N GLY A 318 8.58 18.98 13.02
CA GLY A 318 8.48 18.50 14.40
C GLY A 318 7.65 19.36 15.33
N SER A 319 7.43 20.62 14.97
CA SER A 319 6.64 21.53 15.80
CA SER A 319 6.66 21.50 15.84
C SER A 319 5.14 21.30 15.66
N TYR A 320 4.38 21.72 16.65
CA TYR A 320 2.93 21.59 16.60
C TYR A 320 2.32 22.89 16.13
N VAL A 321 1.29 22.79 15.28
CA VAL A 321 0.62 23.97 14.74
C VAL A 321 -0.82 23.99 15.24
N ARG A 322 -1.18 25.01 16.02
CA ARG A 322 -2.54 25.11 16.54
C ARG A 322 -3.56 25.30 15.43
N LEU A 323 -4.72 24.64 15.57
CA LEU A 323 -5.86 24.83 14.68
C LEU A 323 -6.90 25.69 15.37
N THR A 324 -7.18 26.87 14.81
CA THR A 324 -8.23 27.70 15.38
C THR A 324 -8.85 28.60 14.32
N ASP A 325 -10.17 28.81 14.38
CA ASP A 325 -10.82 29.77 13.49
C ASP A 325 -11.03 31.10 14.23
N ASN A 326 -10.42 31.21 15.41
CA ASN A 326 -10.28 32.49 16.14
C ASN A 326 -8.78 32.83 16.18
N PRO A 327 -8.14 33.07 15.03
CA PRO A 327 -6.67 33.15 15.08
C PRO A 327 -6.16 34.48 15.66
N GLU A 328 -4.92 34.48 16.12
CA GLU A 328 -4.21 35.71 16.43
C GLU A 328 -3.90 36.41 15.11
N VAL A 329 -3.63 37.71 15.18
CA VAL A 329 -3.14 38.41 14.00
C VAL A 329 -1.86 37.73 13.52
N GLY A 330 -1.82 37.43 12.22
CA GLY A 330 -0.68 36.73 11.64
C GLY A 330 -0.71 35.20 11.74
N GLU A 331 -1.73 34.65 12.40
CA GLU A 331 -1.84 33.19 12.51
C GLU A 331 -2.76 32.66 11.41
N ASP A 332 -2.47 31.46 10.90
CA ASP A 332 -3.34 30.89 9.87
C ASP A 332 -4.68 30.45 10.49
N TYR A 333 -5.71 30.35 9.66
CA TYR A 333 -6.99 29.82 10.11
C TYR A 333 -6.94 28.30 10.13
N GLY A 334 -7.51 27.69 11.17
CA GLY A 334 -7.51 26.24 11.26
C GLY A 334 -8.19 25.57 10.07
N ILE A 335 -9.33 26.12 9.64
CA ILE A 335 -10.02 25.59 8.47
C ILE A 335 -9.12 25.60 7.23
N ASN A 336 -8.28 26.63 7.10
CA ASN A 336 -7.35 26.70 5.98
C ASN A 336 -6.26 25.63 6.07
N LEU A 337 -5.71 25.46 7.27
CA LEU A 337 -4.67 24.44 7.51
C LEU A 337 -5.19 23.03 7.22
N VAL A 338 -6.43 22.77 7.64
CA VAL A 338 -7.06 21.45 7.40
C VAL A 338 -7.29 21.28 5.90
N GLY A 339 -7.77 22.34 5.24
CA GLY A 339 -7.98 22.29 3.80
C GLY A 339 -6.70 21.98 3.04
N GLU A 340 -5.60 22.67 3.38
CA GLU A 340 -4.33 22.41 2.69
C GLU A 340 -3.84 20.99 2.96
N ALA A 341 -4.13 20.47 4.15
CA ALA A 341 -3.69 19.12 4.51
C ALA A 341 -4.54 18.06 3.81
N LEU A 342 -5.82 18.36 3.63
CA LEU A 342 -6.77 17.38 3.09
C LEU A 342 -6.79 17.30 1.57
N GLU A 343 -6.60 18.43 0.88
CA GLU A 343 -6.76 18.43 -0.58
C GLU A 343 -5.90 17.40 -1.36
N ALA A 344 -4.58 17.32 -1.16
CA ALA A 344 -3.78 18.23 -0.35
C ALA A 344 -3.10 19.27 -1.24
N GLY A 345 -2.77 20.43 -0.65
CA GLY A 345 -2.01 21.44 -1.35
C GLY A 345 -0.76 21.73 -0.56
N ASP A 346 -0.70 22.90 0.07
CA ASP A 346 0.47 23.30 0.86
C ASP A 346 0.41 22.68 2.26
N SER A 347 0.47 21.36 2.32
CA SER A 347 0.27 20.66 3.58
C SER A 347 1.42 20.91 4.55
N VAL A 348 1.11 21.03 5.84
CA VAL A 348 2.16 21.12 6.85
C VAL A 348 2.96 19.83 6.98
N ASN A 349 2.44 18.70 6.49
CA ASN A 349 3.13 17.44 6.69
C ASN A 349 2.65 16.34 5.74
N PRO A 350 3.08 16.39 4.47
CA PRO A 350 2.66 15.41 3.46
C PRO A 350 2.88 13.97 3.92
N ASP A 351 3.98 13.68 4.60
CA ASP A 351 4.30 12.28 4.95
C ASP A 351 3.32 11.73 5.99
N VAL A 352 2.74 12.62 6.78
CA VAL A 352 1.84 12.21 7.85
C VAL A 352 0.35 12.30 7.44
N TYR A 353 -0.03 13.40 6.78
CA TYR A 353 -1.45 13.62 6.42
C TYR A 353 -1.79 13.26 4.99
N GLY A 354 -0.76 13.10 4.15
CA GLY A 354 -0.93 12.55 2.81
C GLY A 354 -1.58 13.45 1.78
N ASN A 355 -2.42 12.83 0.94
CA ASN A 355 -2.99 13.48 -0.22
C ASN A 355 -4.37 12.84 -0.46
N ILE A 356 -5.21 12.88 0.57
CA ILE A 356 -6.44 12.09 0.58
C ILE A 356 -7.42 12.43 -0.53
N HIS A 357 -7.78 13.70 -0.63
CA HIS A 357 -8.84 14.04 -1.56
C HIS A 357 -8.45 13.83 -3.03
N ASN A 358 -7.23 14.26 -3.41
CA ASN A 358 -6.80 14.09 -4.80
C ASN A 358 -6.70 12.62 -5.18
N LEU A 359 -6.07 11.84 -4.32
CA LEU A 359 -5.88 10.42 -4.66
C LEU A 359 -7.22 9.71 -4.70
N GLY A 360 -8.15 10.13 -3.86
CA GLY A 360 -9.48 9.54 -3.85
C GLY A 360 -10.15 9.67 -5.21
N HIS A 361 -9.97 10.82 -5.87
CA HIS A 361 -10.48 10.96 -7.23
C HIS A 361 -9.90 9.91 -8.15
N ASP A 362 -8.60 9.69 -8.02
CA ASP A 362 -7.93 8.72 -8.86
C ASP A 362 -8.28 7.26 -8.53
N PHE A 363 -8.44 6.95 -7.25
CA PHE A 363 -8.95 5.62 -6.88
C PHE A 363 -10.32 5.36 -7.49
N LEU A 364 -11.22 6.34 -7.40
CA LEU A 364 -12.56 6.15 -7.95
C LEU A 364 -12.49 6.09 -9.47
N GLY A 365 -11.66 6.96 -10.06
CA GLY A 365 -11.56 7.03 -11.51
C GLY A 365 -10.92 5.79 -12.12
N GLN A 366 -10.15 5.05 -11.33
CA GLN A 366 -9.47 3.86 -11.86
CA GLN A 366 -9.45 3.86 -11.84
C GLN A 366 -10.06 2.55 -11.33
N SER A 367 -11.18 2.65 -10.62
CA SER A 367 -11.75 1.48 -9.93
C SER A 367 -12.29 0.37 -10.86
N HIS A 368 -12.48 0.68 -12.14
CA HIS A 368 -12.88 -0.32 -13.12
C HIS A 368 -11.71 -1.22 -13.51
N ASP A 369 -10.48 -0.77 -13.22
CA ASP A 369 -9.26 -1.52 -13.58
C ASP A 369 -8.09 -1.05 -12.69
N PRO A 370 -8.19 -1.29 -11.37
CA PRO A 370 -7.26 -0.67 -10.42
C PRO A 370 -5.84 -1.22 -10.44
N ALA A 371 -5.65 -2.42 -11.00
CA ALA A 371 -4.30 -2.98 -11.10
C ALA A 371 -3.73 -2.82 -12.52
N LYS A 372 -4.47 -2.07 -13.34
CA LYS A 372 -4.03 -1.74 -14.70
C LYS A 372 -3.66 -2.99 -15.51
N LYS A 373 -4.58 -3.95 -15.54
CA LYS A 373 -4.41 -5.21 -16.25
C LYS A 373 -4.94 -5.11 -17.66
N HIS A 374 -5.82 -4.13 -17.90
CA HIS A 374 -6.65 -4.18 -19.09
C HIS A 374 -6.42 -3.05 -20.10
N SER A 375 -5.33 -2.32 -19.90
CA SER A 375 -4.95 -1.25 -20.83
CA SER A 375 -4.95 -1.24 -20.83
C SER A 375 -6.08 -0.26 -21.05
N THR A 376 -6.60 0.30 -19.97
CA THR A 376 -7.77 1.17 -20.08
C THR A 376 -7.49 2.60 -19.74
N THR A 377 -8.48 3.43 -20.10
CA THR A 377 -8.53 4.86 -19.81
C THR A 377 -9.05 5.11 -18.37
N SER A 378 -8.95 6.35 -17.90
CA SER A 378 -9.51 6.69 -16.59
C SER A 378 -10.99 7.04 -16.71
N GLY A 379 -11.73 6.96 -15.60
CA GLY A 379 -13.11 7.42 -15.59
C GLY A 379 -13.14 8.92 -15.37
N VAL A 380 -14.32 9.53 -15.45
CA VAL A 380 -14.46 10.99 -15.38
C VAL A 380 -14.04 11.63 -14.05
N MET A 381 -13.99 10.85 -12.97
CA MET A 381 -13.53 11.38 -11.68
C MET A 381 -12.07 11.84 -11.74
N GLY A 382 -11.34 11.39 -12.76
CA GLY A 382 -9.94 11.75 -12.92
C GLY A 382 -9.67 13.14 -13.51
N ALA A 383 -10.71 13.87 -13.90
CA ALA A 383 -10.50 15.16 -14.59
C ALA A 383 -11.44 16.23 -14.07
N VAL A 384 -10.95 17.46 -13.89
CA VAL A 384 -11.77 18.49 -13.25
C VAL A 384 -12.93 18.95 -14.09
N GLU A 385 -12.80 18.87 -15.42
CA GLU A 385 -13.88 19.34 -16.27
C GLU A 385 -14.98 18.31 -16.45
N THR A 386 -14.77 17.09 -15.94
CA THR A 386 -15.78 16.03 -16.08
C THR A 386 -16.26 15.38 -14.77
N ALA A 387 -15.52 15.55 -13.67
CA ALA A 387 -15.77 14.78 -12.45
C ALA A 387 -17.15 15.01 -11.83
N VAL A 388 -17.65 16.25 -11.90
CA VAL A 388 -18.96 16.59 -11.32
C VAL A 388 -20.11 15.78 -11.93
N ARG A 389 -19.96 15.32 -13.18
CA ARG A 389 -20.96 14.48 -13.83
C ARG A 389 -21.31 13.21 -13.03
N ASP A 390 -20.32 12.66 -12.35
CA ASP A 390 -20.44 11.33 -11.72
C ASP A 390 -21.15 11.46 -10.38
N PRO A 391 -22.22 10.68 -10.13
CA PRO A 391 -22.84 10.77 -8.79
C PRO A 391 -21.86 10.54 -7.65
N VAL A 392 -20.82 9.74 -7.89
CA VAL A 392 -19.86 9.48 -6.81
C VAL A 392 -19.04 10.72 -6.46
N PHE A 393 -18.97 11.69 -7.37
CA PHE A 393 -18.33 12.97 -7.04
C PHE A 393 -18.92 13.52 -5.74
N PHE A 394 -20.23 13.47 -5.64
CA PHE A 394 -20.90 14.10 -4.51
C PHE A 394 -20.85 13.23 -3.26
N ARG A 395 -20.73 11.92 -3.44
CA ARG A 395 -20.50 11.07 -2.29
C ARG A 395 -19.09 11.31 -1.73
N TRP A 396 -18.12 11.48 -2.63
CA TRP A 396 -16.75 11.76 -2.22
C TRP A 396 -16.68 13.12 -1.54
N HIS A 397 -17.35 14.10 -2.12
CA HIS A 397 -17.33 15.44 -1.53
C HIS A 397 -18.18 15.61 -0.28
N LYS A 398 -19.19 14.77 -0.11
CA LYS A 398 -19.88 14.74 1.16
C LYS A 398 -18.94 14.21 2.24
N PHE A 399 -18.14 13.19 1.93
CA PHE A 399 -17.11 12.74 2.88
C PHE A 399 -16.15 13.88 3.21
N ILE A 400 -15.67 14.55 2.17
CA ILE A 400 -14.74 15.66 2.36
C ILE A 400 -15.40 16.76 3.21
N ASP A 401 -16.65 17.08 2.91
CA ASP A 401 -17.32 18.14 3.68
C ASP A 401 -17.51 17.68 5.14
N ASN A 402 -17.73 16.38 5.33
CA ASN A 402 -17.84 15.82 6.68
C ASN A 402 -16.55 16.02 7.48
N VAL A 403 -15.39 15.89 6.83
CA VAL A 403 -14.13 16.12 7.52
C VAL A 403 -14.07 17.58 7.95
N PHE A 404 -14.40 18.47 7.02
CA PHE A 404 -14.38 19.90 7.35
C PHE A 404 -15.35 20.27 8.47
N HIS A 405 -16.55 19.68 8.44
CA HIS A 405 -17.57 19.94 9.48
C HIS A 405 -17.10 19.35 10.81
N ARG A 406 -16.42 18.20 10.76
CA ARG A 406 -15.82 17.64 11.97
C ARG A 406 -14.90 18.68 12.60
N TYR A 407 -14.09 19.33 11.77
CA TYR A 407 -13.23 20.37 12.29
C TYR A 407 -14.05 21.56 12.80
N LYS A 408 -15.03 22.01 12.01
CA LYS A 408 -15.81 23.18 12.45
C LYS A 408 -16.44 22.95 13.82
N LEU A 409 -16.93 21.74 14.06
CA LEU A 409 -17.57 21.44 15.34
C LEU A 409 -16.63 21.54 16.55
N THR A 410 -15.32 21.47 16.31
CA THR A 410 -14.37 21.60 17.42
C THR A 410 -14.22 23.06 17.86
N GLN A 411 -14.75 23.99 17.08
CA GLN A 411 -14.57 25.41 17.36
C GLN A 411 -15.62 25.91 18.34
N PRO A 412 -15.23 26.84 19.23
CA PRO A 412 -16.22 27.38 20.16
C PRO A 412 -17.24 28.22 19.42
N PRO A 413 -18.49 28.24 19.92
CA PRO A 413 -19.51 29.09 19.29
C PRO A 413 -19.04 30.53 19.26
N TYR A 414 -19.48 31.30 18.26
CA TYR A 414 -19.20 32.73 18.22
C TYR A 414 -19.72 33.40 19.48
N THR A 415 -18.91 34.28 20.07
CA THR A 415 -19.33 35.01 21.28
C THR A 415 -20.34 36.09 20.94
N PRO A 416 -21.04 36.64 21.96
CA PRO A 416 -21.96 37.75 21.67
C PRO A 416 -21.26 38.89 20.93
N ARG A 417 -20.04 39.21 21.34
CA ARG A 417 -19.28 40.28 20.70
CA ARG A 417 -19.30 40.29 20.68
C ARG A 417 -18.97 39.94 19.24
N GLN A 418 -18.67 38.66 18.96
CA GLN A 418 -18.36 38.26 17.60
C GLN A 418 -19.57 38.30 16.67
N LEU A 419 -20.77 38.40 17.25
CA LEU A 419 -22.00 38.39 16.45
C LEU A 419 -22.74 39.73 16.51
N SER A 420 -22.30 40.61 17.40
CA SER A 420 -22.93 41.90 17.65
CA SER A 420 -22.99 41.88 17.61
C SER A 420 -22.74 42.84 16.45
N GLY A 421 -23.67 43.79 16.27
CA GLY A 421 -23.55 44.75 15.19
C GLY A 421 -24.33 46.02 15.50
N ASN A 422 -23.92 47.14 14.90
CA ASN A 422 -24.59 48.42 15.15
C ASN A 422 -25.88 48.59 14.34
N ILE A 423 -26.02 47.84 13.25
CA ILE A 423 -27.16 48.00 12.36
CA ILE A 423 -27.16 47.99 12.34
C ILE A 423 -28.25 46.98 12.67
N THR A 424 -29.50 47.42 12.69
CA THR A 424 -30.66 46.57 12.93
C THR A 424 -31.29 46.18 11.59
N VAL A 425 -31.61 44.90 11.41
CA VAL A 425 -32.33 44.50 10.21
C VAL A 425 -33.84 44.50 10.50
N LEU A 426 -34.60 45.26 9.72
CA LEU A 426 -36.01 45.47 10.00
C LEU A 426 -36.94 44.65 9.12
N ASN A 427 -36.54 44.44 7.87
CA ASN A 427 -37.40 43.77 6.91
C ASN A 427 -36.63 43.17 5.75
N VAL A 428 -37.25 42.21 5.09
CA VAL A 428 -36.65 41.56 3.94
C VAL A 428 -37.79 41.23 2.99
N THR A 429 -37.62 41.53 1.71
CA THR A 429 -38.58 41.13 0.69
CA THR A 429 -38.59 41.12 0.70
C THR A 429 -37.85 40.70 -0.57
N VAL A 430 -38.40 39.70 -1.24
CA VAL A 430 -37.81 39.17 -2.46
C VAL A 430 -38.86 39.27 -3.56
N GLN A 431 -38.45 39.72 -4.74
CA GLN A 431 -39.40 39.89 -5.83
C GLN A 431 -38.84 39.47 -7.18
N GLU A 432 -39.49 38.49 -7.78
CA GLU A 432 -39.12 38.02 -9.10
C GLU A 432 -39.44 39.10 -10.11
N GLU A 433 -38.52 39.32 -11.05
CA GLU A 433 -38.70 40.32 -12.08
CA GLU A 433 -38.69 40.32 -12.09
C GLU A 433 -39.67 39.83 -13.15
N HIS A 434 -40.15 40.74 -13.99
CA HIS A 434 -41.02 40.39 -15.10
CA HIS A 434 -41.03 40.37 -15.08
C HIS A 434 -40.31 39.44 -16.05
N TRP A 435 -40.97 38.35 -16.43
CA TRP A 435 -40.38 37.41 -17.36
C TRP A 435 -41.37 36.86 -18.38
N ILE A 436 -42.66 37.00 -18.09
CA ILE A 436 -43.67 36.60 -19.06
C ILE A 436 -44.86 37.56 -19.01
N ASP A 437 -45.32 38.01 -20.18
CA ASP A 437 -46.44 38.94 -20.26
C ASP A 437 -47.67 38.41 -19.53
N ASP A 438 -48.37 39.31 -18.84
CA ASP A 438 -49.64 39.00 -18.17
CA ASP A 438 -49.64 39.00 -18.17
CA ASP A 438 -49.65 38.99 -18.19
C ASP A 438 -49.49 38.17 -16.89
N TYR A 439 -48.28 38.11 -16.37
CA TYR A 439 -48.07 37.45 -15.08
C TYR A 439 -47.15 38.30 -14.24
N VAL A 440 -47.56 38.56 -13.00
CA VAL A 440 -46.67 39.18 -12.03
C VAL A 440 -46.53 38.23 -10.84
N SER A 441 -45.30 37.81 -10.57
CA SER A 441 -45.03 36.89 -9.48
CA SER A 441 -45.06 36.89 -9.48
C SER A 441 -45.37 37.52 -8.13
N PRO A 442 -46.11 36.77 -7.30
CA PRO A 442 -46.33 37.18 -5.91
C PRO A 442 -44.99 37.36 -5.23
N GLU A 443 -44.96 38.18 -4.20
CA GLU A 443 -43.76 38.46 -3.42
CA GLU A 443 -43.76 38.46 -3.42
CA GLU A 443 -43.70 38.43 -3.52
C GLU A 443 -43.19 37.17 -2.82
N ASN A 444 -41.87 37.08 -2.75
CA ASN A 444 -41.17 35.96 -2.10
C ASN A 444 -41.35 34.60 -2.77
N LEU A 445 -41.66 34.64 -4.07
CA LEU A 445 -41.80 33.43 -4.87
C LEU A 445 -40.82 33.47 -6.03
N LEU A 446 -40.02 32.40 -6.17
CA LEU A 446 -39.07 32.29 -7.27
C LEU A 446 -39.43 31.09 -8.13
N HIS A 447 -39.12 31.15 -9.42
CA HIS A 447 -39.43 30.04 -10.31
C HIS A 447 -38.19 29.48 -10.98
N THR A 448 -38.30 28.23 -11.41
CA THR A 448 -37.27 27.59 -12.18
CA THR A 448 -37.28 27.64 -12.26
C THR A 448 -37.97 26.88 -13.37
N PHE A 449 -37.27 26.70 -14.49
CA PHE A 449 -37.81 25.94 -15.62
C PHE A 449 -36.70 25.55 -16.58
N PHE A 450 -36.99 24.69 -17.54
CA PHE A 450 -35.97 24.32 -18.52
C PHE A 450 -36.07 25.14 -19.80
N THR A 451 -34.91 25.53 -20.33
CA THR A 451 -34.81 26.37 -21.51
C THR A 451 -33.66 25.84 -22.37
N PRO A 452 -33.85 25.83 -23.70
CA PRO A 452 -32.76 25.41 -24.60
C PRO A 452 -31.66 26.47 -24.69
N LYS A 453 -30.42 26.03 -24.90
CA LYS A 453 -29.31 26.92 -25.21
C LYS A 453 -28.50 26.27 -26.32
N THR A 454 -27.89 27.11 -27.17
CA THR A 454 -27.16 26.63 -28.34
C THR A 454 -25.79 27.28 -28.38
N PHE A 455 -24.76 26.52 -28.76
CA PHE A 455 -23.45 27.11 -28.98
C PHE A 455 -22.78 26.59 -30.25
N ASN A 456 -21.78 27.35 -30.72
CA ASN A 456 -21.02 27.02 -31.92
C ASN A 456 -19.83 26.12 -31.56
N SER A 457 -19.88 24.85 -31.97
CA SER A 457 -18.84 23.91 -31.60
C SER A 457 -17.65 23.90 -32.54
N SER A 458 -17.76 24.66 -33.63
CA SER A 458 -16.72 24.64 -34.67
C SER A 458 -15.42 25.33 -34.27
N SER A 459 -15.44 26.04 -33.15
CA SER A 459 -14.21 26.57 -32.60
C SER A 459 -13.41 25.44 -31.96
N GLY A 460 -14.08 24.34 -31.63
CA GLY A 460 -13.44 23.25 -30.92
C GLY A 460 -13.12 22.04 -31.78
N ILE A 461 -14.03 21.72 -32.70
CA ILE A 461 -13.91 20.57 -33.58
C ILE A 461 -13.94 21.04 -35.03
N ASP A 462 -12.98 20.56 -35.81
CA ASP A 462 -12.91 20.87 -37.23
C ASP A 462 -13.79 19.88 -37.99
N PHE A 463 -14.97 20.31 -38.42
CA PHE A 463 -15.90 19.42 -39.11
C PHE A 463 -15.71 19.37 -40.63
N ARG A 464 -14.72 20.11 -41.15
CA ARG A 464 -14.43 20.10 -42.58
C ARG A 464 -13.93 18.74 -43.06
N LEU A 465 -14.38 18.34 -44.25
CA LEU A 465 -13.82 17.17 -44.91
C LEU A 465 -12.51 17.57 -45.58
N LYS A 466 -12.55 18.69 -46.28
CA LYS A 466 -11.34 19.25 -46.89
C LYS A 466 -11.25 20.75 -46.66
N ARG A 467 -10.06 21.29 -46.92
CA ARG A 467 -9.68 22.65 -46.57
C ARG A 467 -10.72 23.74 -46.83
N ASP A 468 -11.36 23.70 -47.99
CA ASP A 468 -12.20 24.82 -48.41
C ASP A 468 -13.65 24.72 -47.98
N ASP A 469 -14.01 23.63 -47.30
CA ASP A 469 -15.37 23.45 -46.83
C ASP A 469 -15.76 24.53 -45.83
N ASN A 470 -17.00 24.98 -45.93
CA ASN A 470 -17.54 26.00 -45.04
C ASN A 470 -18.67 25.36 -44.24
N ILE A 471 -18.35 24.93 -43.02
CA ILE A 471 -19.33 24.22 -42.20
C ILE A 471 -19.26 24.63 -40.73
N THR A 472 -20.42 24.88 -40.15
CA THR A 472 -20.52 25.19 -38.72
CA THR A 472 -20.53 25.20 -38.72
C THR A 472 -21.53 24.26 -38.07
N VAL A 473 -21.14 23.67 -36.94
CA VAL A 473 -22.03 22.76 -36.24
C VAL A 473 -22.46 23.41 -34.94
N HIS A 474 -23.76 23.67 -34.84
CA HIS A 474 -24.33 24.21 -33.62
C HIS A 474 -24.82 23.04 -32.77
N ILE A 475 -24.66 23.15 -31.45
CA ILE A 475 -25.13 22.11 -30.55
C ILE A 475 -26.11 22.70 -29.56
N LYS A 476 -27.31 22.11 -29.52
CA LYS A 476 -28.41 22.64 -28.73
C LYS A 476 -28.81 21.63 -27.66
N SER A 477 -29.09 22.13 -26.46
CA SER A 477 -29.53 21.25 -25.38
C SER A 477 -30.27 22.06 -24.33
N ASN A 478 -30.90 21.35 -23.40
CA ASN A 478 -31.73 22.00 -22.39
C ASN A 478 -30.97 22.24 -21.09
N PHE A 479 -31.29 23.35 -20.42
CA PHE A 479 -30.62 23.72 -19.18
C PHE A 479 -31.68 24.18 -18.19
N LEU A 480 -31.45 23.92 -16.91
CA LEU A 480 -32.29 24.54 -15.90
C LEU A 480 -32.02 26.04 -15.98
N GLU A 481 -33.04 26.85 -15.71
CA GLU A 481 -32.90 28.29 -15.77
C GLU A 481 -33.88 28.92 -14.80
N HIS A 482 -33.77 30.24 -14.57
CA HIS A 482 -34.67 30.93 -13.67
C HIS A 482 -34.78 32.38 -14.13
N PRO A 483 -35.92 33.03 -13.86
CA PRO A 483 -36.06 34.48 -14.10
C PRO A 483 -35.17 35.30 -13.18
N ASP A 484 -34.73 36.48 -13.60
CA ASP A 484 -34.06 37.41 -12.68
C ASP A 484 -34.95 37.69 -11.48
N PHE A 485 -34.34 37.99 -10.34
CA PHE A 485 -35.07 38.46 -9.18
C PHE A 485 -34.26 39.51 -8.45
N SER A 486 -34.94 40.29 -7.61
CA SER A 486 -34.23 41.21 -6.74
CA SER A 486 -34.26 41.24 -6.74
C SER A 486 -34.73 41.01 -5.30
N TYR A 487 -33.99 41.58 -4.36
CA TYR A 487 -34.43 41.56 -2.97
C TYR A 487 -34.13 42.92 -2.34
N THR A 488 -34.89 43.29 -1.32
CA THR A 488 -34.65 44.53 -0.61
C THR A 488 -34.56 44.28 0.88
N ILE A 489 -33.49 44.78 1.49
CA ILE A 489 -33.31 44.68 2.92
C ILE A 489 -33.57 46.07 3.52
N THR A 490 -34.46 46.13 4.50
CA THR A 490 -34.69 47.38 5.23
C THR A 490 -33.90 47.32 6.52
N VAL A 491 -33.03 48.31 6.73
CA VAL A 491 -32.22 48.35 7.94
C VAL A 491 -32.38 49.67 8.69
N ASN A 492 -31.95 49.69 9.94
CA ASN A 492 -31.89 50.93 10.69
C ASN A 492 -30.51 51.15 11.30
N ASN A 493 -29.98 52.35 11.11
CA ASN A 493 -28.77 52.76 11.79
C ASN A 493 -29.21 53.68 12.91
N PRO A 494 -29.17 53.18 14.17
CA PRO A 494 -29.64 53.95 15.32
C PRO A 494 -28.54 54.84 15.90
N THR A 495 -27.35 54.81 15.32
CA THR A 495 -26.24 55.60 15.85
C THR A 495 -26.26 57.03 15.27
N SER A 496 -25.28 57.83 15.68
CA SER A 496 -25.23 59.23 15.26
CA SER A 496 -25.23 59.22 15.27
C SER A 496 -24.26 59.47 14.12
N ASP A 497 -23.64 58.41 13.61
CA ASP A 497 -22.78 58.60 12.45
CA ASP A 497 -22.68 58.50 12.52
C ASP A 497 -23.03 57.56 11.37
N PHE A 498 -22.38 57.76 10.23
CA PHE A 498 -22.52 56.85 9.10
C PHE A 498 -21.86 55.53 9.49
N LYS A 499 -22.44 54.42 9.03
CA LYS A 499 -21.89 53.11 9.37
C LYS A 499 -21.73 52.28 8.10
N ARG A 500 -20.60 51.60 7.99
CA ARG A 500 -20.38 50.66 6.90
C ARG A 500 -20.87 49.29 7.36
N MET A 501 -21.46 48.53 6.46
CA MET A 501 -21.80 47.17 6.82
C MET A 501 -21.64 46.21 5.66
N LYS A 502 -21.51 44.93 6.00
CA LYS A 502 -21.51 43.86 5.01
C LYS A 502 -22.79 43.03 5.21
N LEU A 503 -23.58 42.87 4.16
CA LEU A 503 -24.77 42.03 4.24
C LEU A 503 -24.35 40.61 3.87
N ARG A 504 -24.82 39.63 4.65
CA ARG A 504 -24.45 38.24 4.42
C ARG A 504 -25.76 37.49 4.32
N ILE A 505 -26.02 36.91 3.16
CA ILE A 505 -27.32 36.30 2.90
C ILE A 505 -27.14 34.85 2.48
N PHE A 506 -27.83 33.93 3.17
CA PHE A 506 -27.65 32.49 2.90
C PHE A 506 -29.00 31.79 2.76
N LEU A 507 -29.03 30.68 2.03
CA LEU A 507 -30.25 29.96 1.72
C LEU A 507 -30.11 28.51 2.21
N ALA A 508 -31.21 27.93 2.71
CA ALA A 508 -31.25 26.50 3.04
C ALA A 508 -32.69 26.03 3.02
N PRO A 509 -32.92 24.75 2.69
CA PRO A 509 -34.31 24.27 2.80
C PRO A 509 -34.80 24.31 4.24
N LYS A 510 -36.10 24.49 4.43
CA LYS A 510 -36.65 24.51 5.78
C LYS A 510 -36.87 23.09 6.32
N PHE A 511 -37.26 22.17 5.44
CA PHE A 511 -37.61 20.81 5.83
C PHE A 511 -36.66 19.77 5.23
N ASP A 512 -36.41 18.70 5.98
CA ASP A 512 -35.64 17.58 5.43
C ASP A 512 -36.51 16.66 4.56
N GLU A 513 -35.96 15.51 4.18
CA GLU A 513 -36.65 14.59 3.28
C GLU A 513 -37.84 13.90 3.96
N GLU A 514 -37.89 13.97 5.28
CA GLU A 514 -38.98 13.34 6.02
C GLU A 514 -40.09 14.34 6.33
N GLY A 515 -39.90 15.59 5.93
CA GLY A 515 -40.87 16.64 6.19
C GLY A 515 -40.73 17.26 7.57
N VAL A 516 -39.61 16.97 8.22
CA VAL A 516 -39.36 17.48 9.57
C VAL A 516 -38.59 18.79 9.47
N LYS A 517 -38.90 19.77 10.33
CA LYS A 517 -38.15 21.02 10.35
CA LYS A 517 -38.15 21.02 10.35
C LYS A 517 -36.70 20.78 10.78
N MET A 518 -35.76 21.21 9.95
CA MET A 518 -34.37 21.03 10.31
C MET A 518 -33.96 22.00 11.42
N ASN A 519 -33.31 21.46 12.45
CA ASN A 519 -32.81 22.29 13.54
C ASN A 519 -31.54 23.03 13.13
N TYR A 520 -31.02 23.87 14.02
CA TYR A 520 -29.80 24.63 13.74
C TYR A 520 -28.64 23.72 13.34
N ALA A 521 -28.42 22.66 14.10
CA ALA A 521 -27.29 21.75 13.82
C ALA A 521 -27.35 21.12 12.43
N SER A 522 -28.54 20.71 12.01
CA SER A 522 -28.71 20.10 10.69
C SER A 522 -28.58 21.12 9.58
N LEU A 523 -29.06 22.34 9.82
CA LEU A 523 -29.00 23.38 8.81
C LEU A 523 -27.58 23.80 8.47
N LEU A 524 -26.65 23.64 9.42
CA LEU A 524 -25.24 23.95 9.14
C LEU A 524 -24.72 23.22 7.91
N ARG A 525 -25.27 22.04 7.61
CA ARG A 525 -24.74 21.26 6.50
C ARG A 525 -25.34 21.75 5.18
N TYR A 526 -26.31 22.65 5.27
CA TYR A 526 -27.06 23.12 4.09
C TYR A 526 -26.82 24.57 3.65
N TRP A 527 -26.46 25.48 4.56
CA TRP A 527 -26.41 26.90 4.17
C TRP A 527 -25.54 27.16 2.95
N THR A 528 -26.08 27.85 1.95
CA THR A 528 -25.31 28.21 0.76
C THR A 528 -25.38 29.72 0.54
N GLU A 529 -24.28 30.27 0.05
CA GLU A 529 -24.19 31.72 -0.17
C GLU A 529 -25.16 32.18 -1.25
N VAL A 530 -25.93 33.23 -0.94
CA VAL A 530 -26.83 33.88 -1.89
C VAL A 530 -26.14 35.17 -2.33
N ASP A 531 -25.62 35.91 -1.35
CA ASP A 531 -25.03 37.22 -1.61
C ASP A 531 -24.31 37.71 -0.35
N VAL A 532 -23.03 38.02 -0.49
CA VAL A 532 -22.24 38.56 0.62
C VAL A 532 -21.45 39.72 0.05
N PHE A 533 -21.73 40.94 0.53
CA PHE A 533 -21.15 42.11 -0.10
C PHE A 533 -21.16 43.32 0.85
N GLU A 534 -20.28 44.29 0.63
CA GLU A 534 -20.31 45.52 1.42
CA GLU A 534 -20.29 45.53 1.41
C GLU A 534 -21.21 46.57 0.78
N THR A 535 -21.96 47.27 1.62
CA THR A 535 -22.87 48.31 1.16
C THR A 535 -22.16 49.66 1.14
N ASP A 536 -22.82 50.65 0.56
CA ASP A 536 -22.41 52.03 0.78
C ASP A 536 -22.62 52.32 2.26
N PRO A 537 -21.86 53.29 2.82
CA PRO A 537 -22.10 53.72 4.20
C PRO A 537 -23.58 54.02 4.45
N ILE A 538 -24.10 53.61 5.60
CA ILE A 538 -25.50 53.80 5.93
C ILE A 538 -25.64 55.04 6.82
N ALA A 539 -26.43 56.01 6.37
CA ALA A 539 -26.69 57.21 7.15
C ALA A 539 -27.50 56.87 8.38
N PRO A 540 -27.36 57.68 9.45
CA PRO A 540 -28.26 57.52 10.60
C PRO A 540 -29.69 57.45 10.11
N GLY A 541 -30.49 56.54 10.69
CA GLY A 541 -31.85 56.33 10.24
C GLY A 541 -32.05 55.08 9.39
N ILE A 542 -33.20 55.03 8.74
CA ILE A 542 -33.63 53.88 7.96
CA ILE A 542 -33.63 53.88 7.96
C ILE A 542 -33.07 53.89 6.54
N ALA A 543 -32.65 52.72 6.05
CA ALA A 543 -32.17 52.61 4.67
C ALA A 543 -32.73 51.36 4.00
N TYR A 544 -32.88 51.42 2.69
CA TYR A 544 -33.33 50.30 1.90
C TYR A 544 -32.18 49.90 0.98
N ILE A 545 -31.79 48.63 1.01
CA ILE A 545 -30.72 48.16 0.16
C ILE A 545 -31.29 47.10 -0.76
N THR A 546 -31.17 47.34 -2.07
CA THR A 546 -31.78 46.49 -3.08
C THR A 546 -30.68 45.88 -3.94
N ARG A 547 -30.73 44.56 -4.12
CA ARG A 547 -29.77 43.87 -4.96
C ARG A 547 -30.47 43.06 -6.02
N HIS A 548 -29.92 43.08 -7.23
CA HIS A 548 -30.44 42.29 -8.35
CA HIS A 548 -30.49 42.25 -8.28
C HIS A 548 -29.69 40.96 -8.36
N SER A 549 -30.34 39.92 -8.84
CA SER A 549 -29.72 38.59 -8.83
C SER A 549 -28.43 38.52 -9.67
N ASN A 550 -28.37 39.29 -10.75
CA ASN A 550 -27.16 39.31 -11.59
C ASN A 550 -25.97 39.96 -10.91
N GLU A 551 -26.20 40.61 -9.76
CA GLU A 551 -25.11 41.25 -9.04
C GLU A 551 -24.52 40.35 -7.98
N SER A 552 -25.09 39.17 -7.79
CA SER A 552 -24.70 38.30 -6.67
C SER A 552 -23.20 38.07 -6.56
N SER A 553 -22.71 38.04 -5.32
CA SER A 553 -21.30 37.77 -5.06
C SER A 553 -20.83 36.43 -5.62
N ILE A 554 -21.74 35.49 -5.83
CA ILE A 554 -21.31 34.15 -6.28
C ILE A 554 -21.09 34.09 -7.80
N LEU A 555 -21.54 35.12 -8.50
CA LEU A 555 -21.34 35.22 -9.94
C LEU A 555 -20.09 36.06 -10.25
N SER A 556 -19.52 35.90 -11.43
CA SER A 556 -18.43 36.78 -11.84
C SER A 556 -19.04 38.05 -12.43
N THR A 557 -18.48 38.55 -13.53
CA THR A 557 -19.06 39.72 -14.21
C THR A 557 -19.50 39.38 -15.63
N THR A 565 -23.59 33.40 -25.40
CA THR A 565 -25.00 33.61 -25.12
C THR A 565 -25.58 32.41 -24.37
N ALA A 566 -25.04 31.23 -24.61
CA ALA A 566 -25.33 30.07 -23.79
C ALA A 566 -24.47 30.16 -22.53
N PHE A 567 -23.58 31.16 -22.54
CA PHE A 567 -22.60 31.35 -21.47
C PHE A 567 -22.69 32.77 -20.91
N ALA A 568 -23.64 32.98 -20.02
CA ALA A 568 -23.94 34.31 -19.49
C ALA A 568 -22.73 34.96 -18.81
N PHE A 569 -22.16 34.27 -17.84
CA PHE A 569 -21.03 34.81 -17.09
C PHE A 569 -19.74 34.12 -17.48
N SER A 570 -18.66 34.90 -17.56
CA SER A 570 -17.39 34.40 -18.06
C SER A 570 -16.40 34.21 -16.94
N GLY A 571 -15.26 33.59 -17.25
CA GLY A 571 -14.24 33.34 -16.25
C GLY A 571 -14.73 32.30 -15.24
N CYS A 572 -14.43 32.54 -13.97
CA CYS A 572 -14.81 31.63 -12.90
C CYS A 572 -16.07 32.13 -12.20
N SER A 573 -17.19 31.42 -12.38
CA SER A 573 -18.48 31.89 -11.87
C SER A 573 -19.39 30.73 -11.53
N TRP A 574 -20.11 30.79 -10.40
CA TRP A 574 -21.21 29.85 -10.21
C TRP A 574 -22.13 30.06 -11.41
N PRO A 575 -22.67 28.98 -12.00
CA PRO A 575 -23.52 29.20 -13.19
C PRO A 575 -24.77 30.01 -12.88
N ARG A 576 -25.00 31.11 -13.59
CA ARG A 576 -26.17 31.93 -13.34
C ARG A 576 -27.44 31.10 -13.48
N ASN A 577 -27.45 30.17 -14.44
CA ASN A 577 -28.64 29.36 -14.68
C ASN A 577 -28.96 28.38 -13.54
N LEU A 578 -27.96 28.11 -12.69
CA LEU A 578 -28.17 27.25 -11.51
C LEU A 578 -28.16 28.05 -10.22
N GLN A 579 -28.39 29.35 -10.32
CA GLN A 579 -28.35 30.21 -9.15
C GLN A 579 -29.48 29.92 -8.17
N VAL A 580 -30.61 29.42 -8.69
CA VAL A 580 -31.78 29.13 -7.87
C VAL A 580 -31.97 27.62 -7.86
N PRO A 581 -32.10 27.01 -6.67
CA PRO A 581 -32.41 25.57 -6.62
C PRO A 581 -33.71 25.28 -7.38
N ARG A 582 -33.84 24.09 -7.95
CA ARG A 582 -34.99 23.74 -8.79
CA ARG A 582 -34.99 23.74 -8.79
C ARG A 582 -36.34 24.01 -8.13
N GLY A 583 -36.48 23.60 -6.87
CA GLY A 583 -37.77 23.69 -6.20
C GLY A 583 -38.73 22.65 -6.76
N THR A 584 -39.99 22.75 -6.35
CA THR A 584 -40.97 21.70 -6.68
C THR A 584 -42.19 22.29 -7.38
N GLN A 585 -42.99 21.43 -7.98
CA GLN A 585 -44.21 21.88 -8.64
C GLN A 585 -45.18 22.56 -7.66
N ASP A 586 -45.25 22.07 -6.42
CA ASP A 586 -46.16 22.66 -5.43
C ASP A 586 -45.57 23.87 -4.73
N GLY A 587 -44.26 24.05 -4.86
CA GLY A 587 -43.57 25.11 -4.16
C GLY A 587 -42.80 24.59 -2.95
N MET A 588 -41.50 24.85 -2.92
CA MET A 588 -40.67 24.33 -1.84
C MET A 588 -40.15 25.49 -0.98
N ASN A 589 -40.22 25.32 0.34
CA ASN A 589 -39.91 26.42 1.25
CA ASN A 589 -39.91 26.41 1.24
C ASN A 589 -38.44 26.46 1.69
N PHE A 590 -37.84 27.65 1.60
CA PHE A 590 -36.45 27.86 1.99
C PHE A 590 -36.29 28.99 3.00
N HIS A 591 -35.34 28.79 3.93
CA HIS A 591 -34.90 29.89 4.78
C HIS A 591 -34.06 30.85 3.95
N PHE A 592 -34.20 32.15 4.22
CA PHE A 592 -33.43 33.19 3.55
C PHE A 592 -32.86 34.02 4.71
N PHE A 593 -31.66 33.67 5.15
CA PHE A 593 -31.04 34.28 6.33
C PHE A 593 -30.31 35.55 5.92
N VAL A 594 -30.51 36.62 6.69
CA VAL A 594 -29.86 37.91 6.40
C VAL A 594 -29.15 38.44 7.64
N MET A 595 -27.87 38.76 7.52
CA MET A 595 -27.15 39.38 8.61
C MET A 595 -26.43 40.66 8.19
N ALA A 596 -26.59 41.72 8.98
CA ALA A 596 -25.84 42.95 8.75
C ALA A 596 -24.66 42.97 9.72
N THR A 597 -23.45 42.98 9.17
CA THR A 597 -22.29 42.95 10.05
CA THR A 597 -22.22 42.90 9.95
C THR A 597 -21.47 44.23 9.90
N ASP A 598 -20.85 44.64 11.02
CA ASP A 598 -20.04 45.84 11.01
C ASP A 598 -18.77 45.59 10.20
N VAL A 599 -18.32 46.58 9.44
CA VAL A 599 -17.07 46.42 8.69
C VAL A 599 -15.91 47.07 9.44
N SER A 614 -15.05 41.70 -8.24
CA SER A 614 -15.74 41.37 -9.48
C SER A 614 -15.60 39.87 -9.80
N SER A 615 -14.76 39.18 -9.05
CA SER A 615 -14.64 37.73 -9.18
C SER A 615 -15.67 37.03 -8.29
N SER A 616 -16.03 35.80 -8.62
CA SER A 616 -16.95 35.03 -7.77
C SER A 616 -16.36 34.82 -6.37
N SER A 617 -17.18 34.98 -5.34
CA SER A 617 -16.73 34.73 -3.97
C SER A 617 -16.29 33.26 -3.77
N PHE A 618 -16.77 32.37 -4.63
CA PHE A 618 -16.35 30.96 -4.54
C PHE A 618 -14.95 30.76 -5.12
N CYS A 619 -14.53 31.70 -5.98
CA CYS A 619 -13.26 31.57 -6.71
CA CYS A 619 -13.26 31.56 -6.71
C CYS A 619 -12.15 32.43 -6.12
N GLY A 620 -12.53 33.55 -5.52
CA GLY A 620 -11.54 34.49 -5.00
C GLY A 620 -10.78 35.19 -6.11
N ARG A 621 -9.80 36.00 -5.72
CA ARG A 621 -8.94 36.72 -6.66
C ARG A 621 -7.51 36.27 -6.45
N PRO A 622 -6.85 35.84 -7.54
CA PRO A 622 -5.50 35.29 -7.45
C PRO A 622 -4.51 36.24 -6.81
N ASP A 623 -4.67 37.54 -7.05
CA ASP A 623 -3.67 38.50 -6.65
C ASP A 623 -4.05 39.34 -5.42
N GLN A 624 -5.19 39.02 -4.81
CA GLN A 624 -5.68 39.82 -3.67
C GLN A 624 -6.04 38.92 -2.49
N PRO A 625 -5.77 39.39 -1.26
CA PRO A 625 -6.23 38.64 -0.08
C PRO A 625 -7.76 38.64 0.03
N ILE A 626 -8.31 37.65 0.73
CA ILE A 626 -9.72 37.68 1.12
C ILE A 626 -9.89 38.91 2.02
N PRO A 627 -10.77 39.85 1.62
CA PRO A 627 -10.83 41.13 2.33
C PRO A 627 -11.32 40.96 3.77
N ASP A 628 -12.34 40.13 3.90
CA ASP A 628 -13.08 39.87 5.13
C ASP A 628 -12.28 38.96 6.07
N PRO A 629 -12.06 39.39 7.31
CA PRO A 629 -11.31 38.51 8.22
C PRO A 629 -12.15 37.34 8.78
N TRP A 630 -13.48 37.42 8.68
CA TRP A 630 -14.33 36.36 9.23
C TRP A 630 -14.19 35.07 8.41
N PRO A 631 -14.39 33.92 9.05
CA PRO A 631 -14.27 32.68 8.25
C PRO A 631 -15.29 32.66 7.12
N MET A 632 -14.97 32.03 5.99
CA MET A 632 -15.94 31.96 4.89
C MET A 632 -17.20 31.21 5.34
N GLY A 633 -18.36 31.82 5.08
CA GLY A 633 -19.63 31.25 5.48
C GLY A 633 -20.09 31.69 6.86
N TYR A 634 -19.32 32.56 7.51
CA TYR A 634 -19.67 33.11 8.82
C TYR A 634 -21.04 33.77 8.74
N PRO A 635 -21.86 33.59 9.78
CA PRO A 635 -21.57 32.88 11.03
C PRO A 635 -22.13 31.46 11.04
N LEU A 636 -22.55 30.95 9.87
CA LEU A 636 -23.33 29.74 9.82
C LEU A 636 -22.50 28.48 9.52
N GLU A 637 -21.27 28.43 10.04
CA GLU A 637 -20.49 27.20 9.98
C GLU A 637 -20.02 26.77 11.37
N ARG A 638 -20.53 27.41 12.42
CA ARG A 638 -20.20 26.97 13.78
C ARG A 638 -21.42 26.51 14.57
N ARG A 639 -21.18 25.69 15.57
CA ARG A 639 -22.26 25.25 16.43
CA ARG A 639 -22.23 25.24 16.47
C ARG A 639 -22.75 26.41 17.31
N SER A 640 -23.96 26.28 17.81
CA SER A 640 -24.58 27.28 18.67
C SER A 640 -25.33 26.58 19.78
N SER A 641 -25.48 27.23 20.93
CA SER A 641 -26.32 26.72 22.01
CA SER A 641 -26.31 26.65 21.97
C SER A 641 -27.79 26.73 21.59
N LYS A 642 -28.11 27.60 20.64
CA LYS A 642 -29.49 27.74 20.17
C LYS A 642 -29.91 26.52 19.37
N ALA A 643 -31.11 26.02 19.67
CA ALA A 643 -31.59 24.78 19.04
C ALA A 643 -32.07 25.00 17.61
N THR A 644 -32.61 26.17 17.31
CA THR A 644 -33.19 26.44 15.99
C THR A 644 -32.59 27.69 15.37
N ILE A 645 -32.71 27.81 14.04
CA ILE A 645 -32.22 29.00 13.36
C ILE A 645 -33.09 30.18 13.79
N GLU A 646 -34.37 29.92 14.05
CA GLU A 646 -35.27 30.96 14.58
C GLU A 646 -34.77 31.53 15.92
N ASP A 647 -34.46 30.64 16.87
CA ASP A 647 -33.94 31.06 18.18
C ASP A 647 -32.62 31.82 18.02
N PHE A 648 -31.77 31.33 17.12
CA PHE A 648 -30.47 31.96 16.88
C PHE A 648 -30.63 33.40 16.40
N VAL A 649 -31.49 33.61 15.41
CA VAL A 649 -31.60 34.93 14.82
CA VAL A 649 -31.66 34.91 14.79
C VAL A 649 -32.35 35.89 15.75
N ASP A 650 -33.25 35.35 16.57
CA ASP A 650 -34.03 36.18 17.50
C ASP A 650 -33.15 36.83 18.58
N GLU A 651 -31.99 36.23 18.83
CA GLU A 651 -31.03 36.75 19.80
C GLU A 651 -30.31 38.01 19.28
N HIS A 652 -30.35 38.23 17.98
CA HIS A 652 -29.52 39.27 17.36
C HIS A 652 -30.30 40.23 16.46
N PRO A 653 -30.38 41.51 16.86
CA PRO A 653 -31.13 42.49 16.08
C PRO A 653 -30.56 42.71 14.68
N ASN A 654 -29.27 42.39 14.49
CA ASN A 654 -28.64 42.51 13.17
C ASN A 654 -28.84 41.27 12.30
N MET A 655 -29.70 40.36 12.74
CA MET A 655 -30.05 39.20 11.92
C MET A 655 -31.55 39.11 11.74
N MET A 656 -31.96 38.70 10.55
CA MET A 656 -33.38 38.44 10.30
C MET A 656 -33.55 37.17 9.46
N LEU A 657 -34.57 36.38 9.79
CA LEU A 657 -34.84 35.15 9.04
C LEU A 657 -36.06 35.31 8.16
N GLN A 658 -35.84 35.39 6.86
CA GLN A 658 -36.93 35.49 5.90
CA GLN A 658 -36.90 35.51 5.88
C GLN A 658 -37.17 34.11 5.30
N GLU A 659 -38.22 34.00 4.49
CA GLU A 659 -38.60 32.73 3.90
C GLU A 659 -39.04 32.98 2.47
N VAL A 660 -38.60 32.13 1.54
CA VAL A 660 -39.08 32.21 0.16
C VAL A 660 -39.59 30.85 -0.30
N THR A 661 -40.44 30.86 -1.32
CA THR A 661 -40.92 29.63 -1.93
C THR A 661 -40.30 29.53 -3.31
N ILE A 662 -39.84 28.34 -3.69
CA ILE A 662 -39.30 28.14 -5.03
C ILE A 662 -40.12 27.09 -5.75
N THR A 663 -40.60 27.43 -6.94
CA THR A 663 -41.55 26.59 -7.66
C THR A 663 -41.03 26.27 -9.05
N HIS A 664 -40.89 24.98 -9.34
CA HIS A 664 -40.45 24.55 -10.66
C HIS A 664 -41.64 24.45 -11.60
N LEU A 665 -41.52 25.06 -12.78
CA LEU A 665 -42.55 25.01 -13.79
C LEU A 665 -42.16 24.08 -14.94
N ARG A 666 -42.88 22.97 -15.07
CA ARG A 666 -42.70 22.05 -16.18
C ARG A 666 -43.10 22.71 -17.51
N ASP A 667 -44.04 23.64 -17.42
CA ASP A 667 -44.52 24.39 -18.57
C ASP A 667 -44.74 25.84 -18.12
N PRO A 668 -43.76 26.71 -18.42
CA PRO A 668 -43.75 28.07 -17.86
C PRO A 668 -45.02 28.86 -18.17
N SER A 669 -45.66 28.56 -19.30
CA SER A 669 -46.87 29.28 -19.70
C SER A 669 -48.05 28.96 -18.77
N SER A 670 -47.90 27.93 -17.94
CA SER A 670 -48.95 27.55 -16.99
C SER A 670 -49.29 28.66 -15.99
N VAL A 671 -48.41 29.65 -15.83
CA VAL A 671 -48.69 30.74 -14.89
C VAL A 671 -49.76 31.69 -15.43
N LEU A 672 -50.02 31.60 -16.72
CA LEU A 672 -50.96 32.52 -17.37
C LEU A 672 -52.40 32.21 -17.03
N ARG A 673 -53.23 33.24 -16.98
CA ARG A 673 -54.66 33.07 -16.79
C ARG A 673 -55.22 32.20 -17.91
N ARG A 674 -55.94 31.16 -17.53
CA ARG A 674 -56.60 30.28 -18.50
CA ARG A 674 -56.58 30.31 -18.52
C ARG A 674 -58.05 30.72 -18.64
N PRO A 675 -58.61 30.58 -19.85
CA PRO A 675 -60.01 31.00 -20.07
C PRO A 675 -60.99 30.35 -19.11
N ILE A 676 -62.21 30.89 -19.02
CA ILE A 676 -63.24 30.28 -18.19
C ILE A 676 -63.57 28.89 -18.74
N SER A 677 -63.55 28.77 -20.07
CA SER A 677 -63.54 27.48 -20.71
C SER A 677 -62.16 26.88 -20.46
N GLU A 678 -62.08 25.55 -20.42
CA GLU A 678 -60.84 24.83 -20.05
C GLU A 678 -60.47 24.99 -18.57
N ARG A 679 -61.18 25.86 -17.85
CA ARG A 679 -60.91 26.06 -16.43
C ARG A 679 -61.28 24.80 -15.69
N LYS A 680 -60.47 24.46 -14.68
CA LYS A 680 -60.63 23.20 -13.96
C LYS A 680 -61.51 23.36 -12.73
N GLU A 681 -62.42 22.43 -12.54
CA GLU A 681 -63.26 22.40 -11.36
C GLU A 681 -62.65 21.49 -10.30
N CYS A 682 -62.39 22.04 -9.11
CA CYS A 682 -61.70 21.31 -8.05
C CYS A 682 -62.64 20.59 -7.10
N LEU A 683 -62.25 19.39 -6.67
CA LEU A 683 -63.05 18.63 -5.73
C LEU A 683 -62.89 19.19 -4.31
N LEU A 684 -61.68 19.61 -3.98
CA LEU A 684 -61.34 19.99 -2.60
C LEU A 684 -60.74 21.39 -2.51
N PHE A 685 -61.42 22.38 -3.10
CA PHE A 685 -61.00 23.79 -3.07
C PHE A 685 -59.83 24.12 -3.99
N THR A 686 -58.81 23.27 -4.01
CA THR A 686 -57.66 23.53 -4.87
C THR A 686 -57.28 22.25 -5.60
N CYS A 687 -56.76 22.37 -6.83
CA CYS A 687 -56.43 21.19 -7.63
C CYS A 687 -55.42 21.52 -8.72
N ASP B 8 41.70 -17.70 18.88
CA ASP B 8 41.51 -16.81 20.03
C ASP B 8 40.29 -17.20 20.85
N GLU B 9 40.50 -17.75 22.03
CA GLU B 9 39.40 -18.08 22.93
CA GLU B 9 39.40 -18.08 22.93
CA GLU B 9 39.41 -18.08 22.94
C GLU B 9 39.01 -16.85 23.74
N GLU B 10 39.75 -15.76 23.51
CA GLU B 10 39.41 -14.48 24.10
C GLU B 10 38.32 -13.89 23.22
N LEU B 11 38.36 -14.25 21.93
CA LEU B 11 37.35 -13.85 20.95
C LEU B 11 35.99 -14.43 21.27
N ARG B 12 36.00 -15.70 21.63
CA ARG B 12 34.79 -16.42 22.00
CA ARG B 12 34.78 -16.41 21.99
C ARG B 12 34.09 -15.78 23.20
N GLN B 13 34.89 -15.22 24.11
CA GLN B 13 34.36 -14.59 25.31
C GLN B 13 33.48 -13.38 25.00
N LEU B 14 33.65 -12.79 23.82
CA LEU B 14 32.87 -11.61 23.45
C LEU B 14 31.40 -11.95 23.24
N PHE B 15 31.11 -13.24 23.02
CA PHE B 15 29.73 -13.70 22.84
C PHE B 15 29.00 -13.77 24.16
N TYR B 16 29.74 -13.78 25.27
CA TYR B 16 29.16 -14.07 26.58
C TYR B 16 28.43 -12.89 27.24
N LEU B 17 27.50 -13.23 28.15
CA LEU B 17 26.69 -12.27 28.89
C LEU B 17 26.26 -11.06 28.05
N PRO B 18 25.55 -11.31 26.93
CA PRO B 18 25.26 -10.23 25.97
C PRO B 18 24.36 -9.12 26.52
N TYR B 19 23.61 -9.36 27.59
CA TYR B 19 22.73 -8.34 28.14
C TYR B 19 23.40 -7.55 29.25
N GLU B 20 24.64 -7.93 29.60
CA GLU B 20 25.37 -7.21 30.64
C GLU B 20 26.31 -6.20 30.01
N SER B 21 26.77 -5.25 30.82
CA SER B 21 27.71 -4.24 30.35
C SER B 21 29.06 -4.86 30.06
N THR B 22 29.87 -4.18 29.25
CA THR B 22 31.22 -4.63 28.96
C THR B 22 32.03 -4.68 30.26
N SER B 23 31.82 -3.72 31.15
CA SER B 23 32.50 -3.70 32.44
C SER B 23 32.20 -4.97 33.24
N THR B 24 30.93 -5.38 33.25
CA THR B 24 30.54 -6.59 33.98
C THR B 24 31.23 -7.83 33.39
N LEU B 25 31.31 -7.87 32.07
CA LEU B 25 31.92 -9.01 31.39
C LEU B 25 33.43 -9.03 31.63
N ALA B 26 34.06 -7.87 31.45
CA ALA B 26 35.50 -7.75 31.59
C ALA B 26 35.94 -8.07 33.01
N ASP B 27 35.19 -7.56 33.98
CA ASP B 27 35.47 -7.80 35.38
CA ASP B 27 35.47 -7.80 35.38
C ASP B 27 35.44 -9.29 35.71
N ARG B 28 34.43 -9.96 35.18
CA ARG B 28 34.22 -11.38 35.43
C ARG B 28 35.32 -12.21 34.76
N LEU B 29 35.83 -11.71 33.64
CA LEU B 29 36.72 -12.48 32.78
C LEU B 29 38.16 -12.00 32.80
N GLY B 30 38.42 -10.90 33.51
CA GLY B 30 39.76 -10.33 33.56
C GLY B 30 40.22 -9.79 32.22
N ILE B 31 39.29 -9.17 31.49
CA ILE B 31 39.60 -8.52 30.22
C ILE B 31 40.00 -7.07 30.48
N GLN B 32 41.13 -6.64 29.94
CA GLN B 32 41.52 -5.24 30.07
C GLN B 32 40.59 -4.35 29.27
N LEU B 33 40.09 -3.30 29.92
CA LEU B 33 39.17 -2.37 29.29
C LEU B 33 39.88 -1.15 28.74
N PRO B 34 39.33 -0.58 27.67
CA PRO B 34 39.75 0.73 27.17
C PRO B 34 39.17 1.79 28.10
N PRO B 35 39.54 3.07 27.91
CA PRO B 35 39.01 4.14 28.77
C PRO B 35 37.49 4.13 28.91
N LEU B 36 37.00 4.46 30.11
CA LEU B 36 35.57 4.45 30.40
C LEU B 36 35.06 5.85 30.70
N GLU B 37 33.74 5.98 30.68
CA GLU B 37 33.08 7.20 31.13
C GLU B 37 31.70 6.82 31.62
N LEU B 38 30.99 7.78 32.18
CA LEU B 38 29.63 7.54 32.63
C LEU B 38 28.68 8.07 31.55
N SER B 39 27.83 7.19 31.02
CA SER B 39 26.81 7.62 30.09
C SER B 39 25.80 8.47 30.87
N PRO B 40 25.29 9.55 30.25
CA PRO B 40 24.38 10.57 30.77
C PRO B 40 23.71 10.23 32.12
N THR B 44 25.99 5.16 34.17
CA THR B 44 26.83 4.04 34.59
C THR B 44 28.07 3.87 33.70
N ALA B 45 29.00 3.05 34.17
CA ALA B 45 30.27 2.86 33.47
C ALA B 45 30.08 2.21 32.10
N VAL B 46 30.57 2.90 31.07
CA VAL B 46 30.46 2.46 29.69
C VAL B 46 31.78 2.83 29.00
N THR B 47 32.20 2.05 27.99
CA THR B 47 33.42 2.36 27.25
C THR B 47 33.30 3.68 26.52
N VAL B 48 34.40 4.41 26.40
CA VAL B 48 34.45 5.55 25.51
C VAL B 48 34.53 5.03 24.10
N LEU B 49 33.72 5.58 23.21
CA LEU B 49 33.71 5.14 21.82
C LEU B 49 34.48 6.13 20.97
N ASP B 50 35.67 5.74 20.52
CA ASP B 50 36.53 6.61 19.70
C ASP B 50 35.80 7.13 18.47
N PRO B 51 35.84 8.46 18.27
CA PRO B 51 35.26 9.07 17.07
C PRO B 51 35.74 8.39 15.78
N GLU B 52 36.98 7.92 15.76
CA GLU B 52 37.53 7.25 14.59
C GLU B 52 36.81 5.94 14.30
N LEU B 53 36.51 5.19 15.35
CA LEU B 53 35.75 3.95 15.20
C LEU B 53 34.31 4.27 14.80
N LYS B 54 33.71 5.23 15.50
CA LYS B 54 32.32 5.63 15.24
C LYS B 54 32.08 5.98 13.78
N ALA B 55 33.03 6.67 13.18
CA ALA B 55 32.87 7.13 11.81
C ALA B 55 32.87 5.98 10.82
N LYS B 56 33.34 4.82 11.27
CA LYS B 56 33.42 3.64 10.41
C LYS B 56 32.20 2.76 10.52
N LEU B 57 31.30 3.06 11.46
CA LEU B 57 30.26 2.11 11.84
C LEU B 57 28.99 2.13 10.98
N GLY B 58 28.92 3.03 10.01
CA GLY B 58 27.75 3.13 9.16
C GLY B 58 26.48 3.29 9.98
N SER B 59 25.51 2.40 9.76
CA SER B 59 24.22 2.51 10.43
C SER B 59 24.09 1.64 11.68
N ALA B 60 25.20 1.00 12.08
CA ALA B 60 25.18 0.02 13.16
C ALA B 60 24.53 0.52 14.46
N LEU B 61 24.77 1.79 14.78
CA LEU B 61 24.31 2.38 16.04
C LEU B 61 22.85 2.84 15.98
N SER B 62 22.25 2.78 14.80
CA SER B 62 20.88 3.27 14.61
C SER B 62 19.81 2.36 15.21
N ILE B 63 20.15 1.10 15.47
CA ILE B 63 19.20 0.19 16.10
C ILE B 63 19.28 0.32 17.60
N PRO B 64 18.16 0.69 18.24
CA PRO B 64 18.15 0.94 19.69
C PRO B 64 18.29 -0.36 20.50
N GLU B 65 18.90 -0.25 21.67
CA GLU B 65 18.95 -1.38 22.60
CA GLU B 65 18.96 -1.37 22.61
C GLU B 65 17.54 -1.75 23.03
N GLY B 66 17.34 -2.99 23.44
CA GLY B 66 16.07 -3.39 24.01
C GLY B 66 15.07 -4.02 23.06
N ILE B 67 15.50 -4.31 21.84
CA ILE B 67 14.65 -5.03 20.90
C ILE B 67 15.48 -6.13 20.25
N PRO B 68 14.83 -7.13 19.66
CA PRO B 68 15.60 -8.18 18.97
C PRO B 68 16.25 -7.67 17.68
N PHE B 69 17.14 -8.49 17.12
CA PHE B 69 17.60 -8.28 15.76
C PHE B 69 16.53 -8.87 14.83
N PHE B 70 15.91 -8.01 14.03
CA PHE B 70 14.86 -8.43 13.11
C PHE B 70 15.45 -8.69 11.74
N ALA B 71 15.86 -9.94 11.53
CA ALA B 71 16.73 -10.30 10.42
C ALA B 71 16.13 -10.03 9.04
N PHE B 72 14.80 -10.04 8.94
CA PHE B 72 14.16 -9.88 7.64
C PHE B 72 13.90 -8.44 7.27
N ASN B 73 14.15 -7.56 8.25
CA ASN B 73 13.91 -6.13 8.08
C ASN B 73 15.16 -5.46 7.49
N LYS B 74 14.95 -4.65 6.46
CA LYS B 74 16.09 -4.09 5.73
CA LYS B 74 16.03 -4.00 5.70
C LYS B 74 16.99 -3.19 6.57
N GLN B 75 16.42 -2.38 7.46
CA GLN B 75 17.24 -1.53 8.32
CA GLN B 75 17.22 -1.53 8.35
C GLN B 75 18.07 -2.34 9.32
N HIS B 76 17.46 -3.35 9.94
CA HIS B 76 18.19 -4.20 10.86
C HIS B 76 19.31 -4.97 10.17
N SER B 77 19.03 -5.54 9.00
CA SER B 77 20.06 -6.30 8.29
C SER B 77 21.21 -5.38 7.84
N GLN B 78 20.87 -4.15 7.45
CA GLN B 78 21.90 -3.20 7.04
C GLN B 78 22.82 -2.86 8.20
N ALA B 79 22.26 -2.81 9.40
CA ALA B 79 23.02 -2.48 10.60
C ALA B 79 24.00 -3.61 10.94
N VAL B 80 23.53 -4.85 10.83
CA VAL B 80 24.42 -5.99 11.05
C VAL B 80 25.53 -6.01 9.99
N LYS B 81 25.17 -5.74 8.75
CA LYS B 81 26.14 -5.70 7.67
C LYS B 81 27.19 -4.61 7.93
N ASP B 82 26.74 -3.46 8.39
CA ASP B 82 27.64 -2.33 8.65
C ASP B 82 28.59 -2.58 9.82
N LEU B 83 28.08 -3.16 10.91
CA LEU B 83 28.92 -3.53 12.04
C LEU B 83 29.91 -4.64 11.70
N SER B 84 29.43 -5.70 11.06
CA SER B 84 30.30 -6.83 10.72
C SER B 84 31.42 -6.39 9.79
N LYS B 85 31.13 -5.39 8.95
CA LYS B 85 32.12 -4.88 8.00
C LYS B 85 33.38 -4.41 8.74
N VAL B 86 33.19 -3.66 9.82
CA VAL B 86 34.31 -3.19 10.61
C VAL B 86 35.06 -4.37 11.23
N PHE B 87 34.32 -5.36 11.73
CA PHE B 87 34.92 -6.55 12.33
C PHE B 87 35.74 -7.32 11.29
N ILE B 88 35.13 -7.56 10.13
CA ILE B 88 35.74 -8.36 9.06
C ILE B 88 37.00 -7.68 8.51
N GLU B 89 36.96 -6.35 8.43
CA GLU B 89 38.06 -5.59 7.82
C GLU B 89 39.17 -5.21 8.82
N ALA B 90 39.03 -5.60 10.08
CA ALA B 90 40.06 -5.32 11.08
C ALA B 90 41.39 -5.97 10.70
N LYS B 91 42.47 -5.20 10.86
CA LYS B 91 43.82 -5.63 10.45
C LYS B 91 44.26 -6.95 11.08
N SER B 92 43.75 -7.25 12.27
CA SER B 92 44.12 -8.49 12.95
C SER B 92 43.06 -8.90 13.95
N LEU B 93 43.17 -10.13 14.47
CA LEU B 93 42.25 -10.60 15.49
C LEU B 93 42.37 -9.82 16.80
N ASN B 94 43.55 -9.28 17.08
CA ASN B 94 43.73 -8.44 18.27
C ASN B 94 42.96 -7.14 18.16
N VAL B 95 43.07 -6.51 16.99
CA VAL B 95 42.29 -5.31 16.70
C VAL B 95 40.79 -5.60 16.69
N LEU B 96 40.41 -6.74 16.11
CA LEU B 96 39.00 -7.15 16.12
C LEU B 96 38.47 -7.17 17.54
N LYS B 97 39.19 -7.86 18.43
CA LYS B 97 38.79 -7.94 19.82
CA LYS B 97 38.79 -7.94 19.82
C LYS B 97 38.70 -6.56 20.48
N ASP B 98 39.63 -5.68 20.15
CA ASP B 98 39.62 -4.32 20.69
C ASP B 98 38.39 -3.56 20.24
N VAL B 99 38.07 -3.67 18.95
CA VAL B 99 36.90 -2.99 18.40
C VAL B 99 35.60 -3.52 19.02
N ALA B 100 35.50 -4.84 19.14
CA ALA B 100 34.34 -5.49 19.77
C ALA B 100 34.14 -5.02 21.21
N ILE B 101 35.21 -5.07 22.00
CA ILE B 101 35.16 -4.60 23.40
C ILE B 101 34.71 -3.14 23.49
N MET B 102 35.21 -2.32 22.57
CA MET B 102 34.88 -0.90 22.59
C MET B 102 33.43 -0.57 22.20
N VAL B 103 32.88 -1.29 21.22
CA VAL B 103 31.55 -0.98 20.70
CA VAL B 103 31.55 -0.98 20.69
C VAL B 103 30.42 -1.67 21.45
N LYS B 104 30.76 -2.73 22.19
CA LYS B 104 29.77 -3.58 22.86
C LYS B 104 28.71 -2.82 23.67
N ASP B 105 29.11 -1.78 24.38
CA ASP B 105 28.18 -0.98 25.19
C ASP B 105 27.27 -0.07 24.37
N HIS B 106 27.57 0.10 23.08
CA HIS B 106 26.91 1.12 22.26
C HIS B 106 26.03 0.56 21.16
N VAL B 107 26.00 -0.77 21.03
CA VAL B 107 25.25 -1.45 19.98
CA VAL B 107 25.20 -1.41 19.99
C VAL B 107 24.18 -2.35 20.59
N ASN B 108 23.05 -2.48 19.89
CA ASN B 108 22.02 -3.46 20.24
C ASN B 108 22.69 -4.83 20.40
N SER B 109 22.38 -5.54 21.49
CA SER B 109 23.08 -6.80 21.82
CA SER B 109 23.13 -6.76 21.79
C SER B 109 22.88 -7.89 20.78
N ALA B 110 21.66 -8.00 20.27
CA ALA B 110 21.37 -9.03 19.27
C ALA B 110 22.05 -8.70 17.93
N VAL B 111 22.06 -7.42 17.58
CA VAL B 111 22.76 -6.97 16.38
C VAL B 111 24.27 -7.26 16.52
N PHE B 112 24.81 -6.98 17.71
CA PHE B 112 26.20 -7.30 18.03
C PHE B 112 26.52 -8.78 17.81
N LEU B 113 25.73 -9.66 18.43
CA LEU B 113 25.91 -11.10 18.27
C LEU B 113 25.81 -11.56 16.83
N ALA B 114 24.82 -11.06 16.10
CA ALA B 114 24.64 -11.48 14.70
C ALA B 114 25.87 -11.08 13.88
N ALA B 115 26.35 -9.86 14.10
CA ALA B 115 27.53 -9.35 13.38
C ALA B 115 28.75 -10.21 13.70
N LEU B 116 28.87 -10.64 14.95
CA LEU B 116 30.01 -11.48 15.36
C LEU B 116 29.97 -12.87 14.71
N TYR B 117 28.80 -13.51 14.71
CA TYR B 117 28.66 -14.80 14.03
C TYR B 117 28.93 -14.65 12.54
N HIS B 118 28.40 -13.60 11.93
CA HIS B 118 28.63 -13.40 10.49
C HIS B 118 30.12 -13.24 10.18
N THR B 119 30.80 -12.55 11.09
CA THR B 119 32.23 -12.30 10.97
C THR B 119 33.04 -13.59 10.92
N TYR B 120 32.67 -14.58 11.74
CA TYR B 120 33.35 -15.88 11.69
C TYR B 120 33.18 -16.56 10.33
N TYR B 121 32.02 -16.38 9.69
CA TYR B 121 31.81 -16.95 8.37
C TYR B 121 32.62 -16.20 7.33
N GLU B 122 32.75 -14.91 7.51
CA GLU B 122 33.32 -14.09 6.45
C GLU B 122 34.85 -13.95 6.55
N ARG B 123 35.40 -13.95 7.76
CA ARG B 123 36.86 -13.88 7.90
C ARG B 123 37.49 -15.26 7.67
N LYS B 124 38.56 -15.29 6.87
CA LYS B 124 39.22 -16.55 6.55
C LYS B 124 40.04 -17.12 7.71
N ASP B 125 40.40 -16.27 8.67
CA ASP B 125 41.19 -16.74 9.80
C ASP B 125 40.35 -17.19 10.99
N LEU B 126 39.03 -17.21 10.79
CA LEU B 126 38.12 -17.69 11.83
C LEU B 126 37.31 -18.86 11.28
N SER B 127 36.95 -19.78 12.16
CA SER B 127 36.12 -20.94 11.79
C SER B 127 34.80 -20.91 12.56
N PRO B 128 33.68 -20.99 11.83
CA PRO B 128 32.34 -20.91 12.44
C PRO B 128 32.16 -22.00 13.48
N GLY B 129 32.87 -23.12 13.31
CA GLY B 129 32.81 -24.20 14.27
C GLY B 129 33.32 -23.80 15.65
N ASP B 130 34.04 -22.69 15.72
CA ASP B 130 34.59 -22.22 16.99
C ASP B 130 33.66 -21.22 17.68
N THR B 131 32.52 -20.92 17.06
CA THR B 131 31.55 -20.03 17.72
C THR B 131 30.83 -20.83 18.79
N PRO B 132 30.41 -20.16 19.88
CA PRO B 132 29.67 -20.86 20.94
C PRO B 132 28.31 -21.30 20.40
N PRO B 133 27.76 -22.40 20.91
CA PRO B 133 26.40 -22.82 20.56
C PRO B 133 25.43 -21.70 20.95
N LEU B 134 24.53 -21.35 20.06
CA LEU B 134 23.67 -20.20 20.32
C LEU B 134 22.82 -20.30 21.60
N PRO B 135 22.33 -21.50 21.95
CA PRO B 135 21.54 -21.52 23.19
C PRO B 135 22.35 -21.22 24.46
N THR B 136 23.68 -21.39 24.43
CA THR B 136 24.51 -21.03 25.58
C THR B 136 24.73 -19.52 25.70
N VAL B 137 24.47 -18.81 24.60
CA VAL B 137 24.67 -17.37 24.51
C VAL B 137 23.33 -16.63 24.71
N LEU B 138 22.28 -17.14 24.08
CA LEU B 138 20.94 -16.53 24.20
C LEU B 138 19.90 -17.56 24.62
N PRO B 139 20.02 -18.11 25.84
CA PRO B 139 19.07 -19.16 26.22
C PRO B 139 17.61 -18.69 26.21
N ASP B 140 17.39 -17.38 26.37
CA ASP B 140 16.03 -16.83 26.39
C ASP B 140 15.28 -17.08 25.07
N ARG B 141 16.02 -17.36 24.00
CA ARG B 141 15.41 -17.60 22.68
C ARG B 141 14.85 -18.99 22.53
N PHE B 142 15.20 -19.89 23.44
CA PHE B 142 14.93 -21.32 23.27
C PHE B 142 14.17 -21.92 24.45
N VAL B 143 14.18 -21.22 25.57
CA VAL B 143 13.65 -21.76 26.83
C VAL B 143 12.45 -20.90 27.26
N PRO B 144 11.33 -21.54 27.66
CA PRO B 144 10.12 -20.76 27.97
C PRO B 144 10.31 -19.78 29.09
N THR B 145 9.57 -18.68 29.00
CA THR B 145 9.58 -17.62 30.00
C THR B 145 9.51 -18.18 31.42
N PHE B 146 8.57 -19.09 31.65
CA PHE B 146 8.32 -19.64 32.98
CA PHE B 146 8.34 -19.58 33.00
C PHE B 146 9.53 -20.37 33.54
N ILE B 147 10.25 -21.05 32.65
CA ILE B 147 11.44 -21.81 33.06
C ILE B 147 12.63 -20.92 33.42
N ILE B 148 12.87 -19.88 32.62
CA ILE B 148 13.89 -18.90 32.95
C ILE B 148 13.57 -18.24 34.30
N ASN B 149 12.31 -17.89 34.51
CA ASN B 149 11.91 -17.25 35.75
CA ASN B 149 11.85 -17.26 35.74
C ASN B 149 12.04 -18.20 36.94
N LYS B 150 11.74 -19.47 36.71
CA LYS B 150 11.93 -20.50 37.74
C LYS B 150 13.42 -20.67 38.06
N ALA B 151 14.25 -20.61 37.02
CA ALA B 151 15.70 -20.68 37.19
C ALA B 151 16.24 -19.53 38.06
N LYS B 152 15.73 -18.31 37.84
CA LYS B 152 16.15 -17.16 38.64
C LYS B 152 15.80 -17.37 40.11
N LYS B 153 14.64 -17.98 40.35
CA LYS B 153 14.18 -18.30 41.70
CA LYS B 153 14.20 -18.27 41.71
C LYS B 153 15.09 -19.34 42.35
N LEU B 154 15.31 -20.44 41.64
CA LEU B 154 16.16 -21.52 42.13
C LEU B 154 17.59 -21.04 42.36
N ALA B 155 18.05 -20.12 41.52
CA ALA B 155 19.39 -19.57 41.64
C ALA B 155 19.50 -18.76 42.94
N LYS B 156 18.56 -17.85 43.14
CA LYS B 156 18.54 -17.00 44.34
C LYS B 156 18.59 -17.83 45.61
N SER B 157 17.82 -18.92 45.64
CA SER B 157 17.79 -19.81 46.79
CA SER B 157 17.79 -19.81 46.79
C SER B 157 19.11 -20.54 46.96
N ALA B 158 19.63 -21.08 45.87
CA ALA B 158 20.87 -21.85 45.89
C ALA B 158 22.01 -21.04 46.49
N ILE B 159 22.18 -19.82 46.02
CA ILE B 159 23.29 -19.02 46.50
CA ILE B 159 23.22 -18.90 46.48
C ILE B 159 23.13 -18.67 47.98
N ILE B 160 21.90 -18.48 48.45
CA ILE B 160 21.62 -18.23 49.86
C ILE B 160 21.99 -19.47 50.68
N ASN B 161 21.74 -20.64 50.12
CA ASN B 161 22.05 -21.91 50.78
C ASN B 161 23.41 -22.49 50.38
N ASN B 162 24.31 -21.63 49.91
CA ASN B 162 25.66 -22.05 49.50
C ASN B 162 25.69 -23.23 48.54
N GLN B 163 24.85 -23.19 47.52
CA GLN B 163 24.79 -24.23 46.51
C GLN B 163 25.22 -23.62 45.19
N THR B 164 26.26 -24.17 44.58
CA THR B 164 26.89 -23.54 43.42
C THR B 164 26.31 -23.96 42.08
N GLU B 165 25.43 -24.97 42.09
CA GLU B 165 24.84 -25.47 40.86
C GLU B 165 23.37 -25.81 40.99
N VAL B 166 22.60 -25.48 39.96
CA VAL B 166 21.17 -25.74 39.91
CA VAL B 166 21.19 -25.81 39.93
C VAL B 166 20.80 -26.29 38.53
N VAL B 167 19.88 -27.23 38.47
CA VAL B 167 19.37 -27.73 37.20
C VAL B 167 17.87 -27.46 37.13
N VAL B 168 17.41 -26.88 36.03
CA VAL B 168 15.98 -26.75 35.81
C VAL B 168 15.62 -27.46 34.50
N GLU B 169 14.39 -27.97 34.40
CA GLU B 169 13.95 -28.69 33.20
C GLU B 169 12.49 -28.46 32.86
N TRP B 170 12.08 -28.89 31.67
CA TRP B 170 10.70 -28.70 31.24
CA TRP B 170 10.72 -28.66 31.20
C TRP B 170 10.27 -29.68 30.16
N HIS B 171 8.97 -29.71 29.89
CA HIS B 171 8.36 -30.66 28.97
CA HIS B 171 8.41 -30.63 28.92
C HIS B 171 7.40 -29.96 28.01
N SER B 172 7.14 -30.57 26.86
CA SER B 172 6.25 -30.00 25.84
C SER B 172 4.83 -29.76 26.34
N ASP B 173 4.40 -30.59 27.30
CA ASP B 173 3.11 -30.45 27.98
C ASP B 173 2.86 -29.06 28.56
N GLU B 174 3.86 -28.19 28.47
CA GLU B 174 3.84 -26.92 29.18
C GLU B 174 3.77 -25.67 28.29
N THR B 175 3.75 -25.85 26.97
CA THR B 175 3.72 -24.70 26.03
C THR B 175 2.48 -24.66 25.12
N GLY B 176 1.57 -25.60 25.34
CA GLY B 176 0.40 -25.77 24.49
C GLY B 176 -0.20 -27.10 24.88
N LEU B 177 -1.44 -27.35 24.44
CA LEU B 177 -2.13 -28.58 24.85
C LEU B 177 -2.39 -29.46 23.64
N SER B 178 -1.61 -30.53 23.49
CA SER B 178 -1.69 -31.34 22.27
C SER B 178 -3.08 -31.90 22.06
N SER B 179 -3.77 -32.23 23.15
CA SER B 179 -5.06 -32.89 23.02
C SER B 179 -6.09 -31.99 22.34
N ARG B 180 -5.88 -30.67 22.38
CA ARG B 180 -6.80 -29.76 21.70
C ARG B 180 -6.18 -29.02 20.53
N SER B 181 -4.90 -29.27 20.27
CA SER B 181 -4.16 -28.52 19.25
C SER B 181 -3.23 -29.45 18.47
N PRO B 182 -3.71 -29.98 17.34
CA PRO B 182 -2.88 -30.93 16.58
C PRO B 182 -1.50 -30.35 16.23
N GLU B 183 -1.40 -29.06 15.95
CA GLU B 183 -0.10 -28.49 15.59
C GLU B 183 0.91 -28.58 16.72
N HIS B 184 0.43 -28.68 17.96
CA HIS B 184 1.33 -28.81 19.10
C HIS B 184 2.04 -30.17 19.11
N ARG B 185 1.49 -31.15 18.40
CA ARG B 185 2.08 -32.49 18.38
C ARG B 185 3.48 -32.47 17.77
N VAL B 186 3.78 -31.44 16.97
CA VAL B 186 5.08 -31.38 16.32
C VAL B 186 5.90 -30.20 16.85
N SER B 187 5.45 -29.63 17.97
CA SER B 187 6.16 -28.51 18.59
CA SER B 187 6.17 -28.51 18.57
C SER B 187 7.58 -28.90 19.03
N TYR B 188 7.77 -30.16 19.43
CA TYR B 188 9.11 -30.59 19.86
C TYR B 188 10.16 -30.39 18.74
N TRP B 189 9.72 -30.56 17.50
CA TRP B 189 10.60 -30.46 16.34
C TRP B 189 10.78 -29.00 15.92
N ARG B 190 9.69 -28.25 15.83
CA ARG B 190 9.77 -26.84 15.45
C ARG B 190 10.55 -26.03 16.49
N GLU B 191 10.43 -26.42 17.75
CA GLU B 191 11.06 -25.65 18.82
C GLU B 191 12.43 -26.21 19.20
N ASP B 192 12.88 -27.25 18.49
CA ASP B 192 14.17 -27.87 18.76
C ASP B 192 15.27 -26.79 18.72
N MET B 193 16.01 -26.64 19.81
CA MET B 193 16.95 -25.52 19.89
C MET B 193 18.07 -25.60 18.85
N ASN B 194 18.48 -26.80 18.50
CA ASN B 194 19.50 -26.97 17.47
C ASN B 194 18.97 -26.61 16.08
N LEU B 195 17.71 -26.93 15.81
CA LEU B 195 17.12 -26.58 14.52
C LEU B 195 16.98 -25.08 14.37
N ASN B 196 16.52 -24.44 15.44
CA ASN B 196 16.41 -22.98 15.42
C ASN B 196 17.78 -22.33 15.32
N SER B 197 18.78 -22.91 15.97
CA SER B 197 20.15 -22.38 15.85
C SER B 197 20.70 -22.58 14.45
N PHE B 198 20.39 -23.72 13.84
CA PHE B 198 20.80 -23.98 12.45
C PHE B 198 20.24 -22.90 11.53
N HIS B 199 18.99 -22.51 11.78
CA HIS B 199 18.37 -21.51 10.96
C HIS B 199 19.09 -20.15 11.06
N TRP B 200 19.44 -19.76 12.28
CA TRP B 200 20.28 -18.57 12.52
C TRP B 200 21.61 -18.68 11.76
N HIS B 201 22.31 -19.79 11.94
CA HIS B 201 23.57 -19.98 11.24
C HIS B 201 23.44 -19.91 9.73
N TRP B 202 22.40 -20.53 9.20
CA TRP B 202 22.22 -20.51 7.75
C TRP B 202 22.14 -19.09 7.23
N HIS B 203 21.30 -18.28 7.89
CA HIS B 203 21.07 -16.93 7.43
C HIS B 203 22.24 -15.99 7.68
N LEU B 204 23.10 -16.34 8.62
CA LEU B 204 24.27 -15.51 8.87
C LEU B 204 25.47 -15.98 8.04
N SER B 205 25.43 -17.24 7.60
CA SER B 205 26.41 -17.73 6.62
C SER B 205 26.03 -17.26 5.21
N ASN B 206 24.72 -17.18 4.95
CA ASN B 206 24.24 -16.80 3.63
C ASN B 206 23.23 -15.66 3.64
N PRO B 207 23.62 -14.50 4.22
CA PRO B 207 22.65 -13.42 4.33
C PRO B 207 22.25 -12.86 2.97
N TYR B 208 20.97 -12.50 2.83
CA TYR B 208 20.50 -11.99 1.55
C TYR B 208 21.12 -10.63 1.24
N TYR B 209 21.73 -10.03 2.25
CA TYR B 209 22.37 -8.71 2.12
CA TYR B 209 22.33 -8.71 2.04
C TYR B 209 23.82 -8.79 1.67
N ILE B 210 24.32 -10.00 1.47
CA ILE B 210 25.73 -10.20 1.14
C ILE B 210 26.09 -9.46 -0.16
N GLU B 211 27.33 -8.97 -0.24
CA GLU B 211 27.84 -8.43 -1.49
CA GLU B 211 27.84 -8.43 -1.49
C GLU B 211 27.68 -9.50 -2.57
N PRO B 212 26.97 -9.16 -3.65
CA PRO B 212 26.71 -10.16 -4.70
CA PRO B 212 26.70 -10.12 -4.74
C PRO B 212 27.99 -10.65 -5.36
N GLY B 213 28.12 -11.97 -5.47
CA GLY B 213 29.33 -12.56 -6.02
C GLY B 213 30.16 -13.20 -4.93
N ASP B 214 30.00 -12.73 -3.70
CA ASP B 214 30.74 -13.31 -2.59
C ASP B 214 30.12 -14.63 -2.11
N ARG B 215 29.01 -15.02 -2.73
CA ARG B 215 28.50 -16.38 -2.59
C ARG B 215 28.26 -16.96 -3.98
N ASP B 216 28.32 -18.29 -4.08
CA ASP B 216 28.01 -18.94 -5.33
C ASP B 216 26.62 -19.56 -5.19
N ARG B 217 25.70 -19.20 -6.07
CA ARG B 217 24.37 -19.83 -6.14
C ARG B 217 23.62 -19.72 -4.82
N ARG B 218 23.68 -18.54 -4.21
CA ARG B 218 23.09 -18.34 -2.88
C ARG B 218 21.56 -18.37 -2.95
N GLY B 219 21.00 -17.87 -4.04
CA GLY B 219 19.56 -17.92 -4.22
C GLY B 219 19.08 -19.35 -4.35
N GLU B 220 19.85 -20.16 -5.06
CA GLU B 220 19.52 -21.56 -5.19
C GLU B 220 19.67 -22.28 -3.85
N LEU B 221 20.66 -21.89 -3.06
CA LEU B 221 20.85 -22.53 -1.76
C LEU B 221 19.70 -22.15 -0.82
N PHE B 222 19.22 -20.90 -0.94
CA PHE B 222 18.04 -20.48 -0.20
C PHE B 222 16.88 -21.44 -0.50
N TYR B 223 16.61 -21.65 -1.79
CA TYR B 223 15.62 -22.65 -2.18
C TYR B 223 15.90 -24.02 -1.57
N TYR B 224 17.15 -24.48 -1.70
CA TYR B 224 17.45 -25.88 -1.43
C TYR B 224 17.38 -26.20 0.05
N MET B 225 17.93 -25.33 0.89
CA MET B 225 17.91 -25.61 2.30
C MET B 225 16.46 -25.60 2.78
N HIS B 226 15.70 -24.60 2.38
CA HIS B 226 14.32 -24.51 2.83
C HIS B 226 13.43 -25.61 2.29
N HIS B 227 13.71 -26.06 1.05
CA HIS B 227 13.00 -27.19 0.51
C HIS B 227 13.21 -28.42 1.39
N ASN B 228 14.44 -28.65 1.80
CA ASN B 228 14.74 -29.78 2.67
C ASN B 228 14.14 -29.62 4.04
N LEU B 229 14.12 -28.38 4.53
CA LEU B 229 13.52 -28.08 5.82
C LEU B 229 12.01 -28.38 5.80
N VAL B 230 11.32 -27.92 4.76
CA VAL B 230 9.89 -28.21 4.59
C VAL B 230 9.63 -29.72 4.39
N ALA B 231 10.45 -30.36 3.56
CA ALA B 231 10.24 -31.79 3.30
C ALA B 231 10.39 -32.61 4.58
N ARG B 232 11.41 -32.32 5.39
CA ARG B 232 11.60 -33.07 6.61
C ARG B 232 10.52 -32.80 7.64
N TYR B 233 10.00 -31.57 7.66
CA TYR B 233 8.88 -31.26 8.53
C TYR B 233 7.69 -32.12 8.15
N ASN B 234 7.41 -32.21 6.86
CA ASN B 234 6.32 -33.06 6.42
C ASN B 234 6.49 -34.53 6.78
N MET B 235 7.74 -35.01 6.79
CA MET B 235 7.95 -36.39 7.17
C MET B 235 7.67 -36.56 8.65
N GLU B 236 8.01 -35.54 9.43
CA GLU B 236 7.69 -35.56 10.84
C GLU B 236 6.15 -35.53 11.03
N ARG B 237 5.46 -34.72 10.23
CA ARG B 237 3.99 -34.66 10.31
C ARG B 237 3.34 -36.00 9.99
N LEU B 238 3.75 -36.62 8.90
CA LEU B 238 3.24 -37.96 8.56
C LEU B 238 3.51 -38.97 9.69
N SER B 239 4.67 -38.86 10.33
CA SER B 239 5.02 -39.77 11.44
C SER B 239 4.06 -39.62 12.60
N LEU B 240 3.39 -38.47 12.67
CA LEU B 240 2.53 -38.13 13.80
C LEU B 240 1.05 -38.19 13.43
N ASN B 241 0.73 -38.77 12.27
CA ASN B 241 -0.65 -38.81 11.78
C ASN B 241 -1.25 -37.42 11.56
N LEU B 242 -0.39 -36.48 11.18
CA LEU B 242 -0.86 -35.15 10.78
C LEU B 242 -0.87 -35.07 9.26
N LYS B 243 -1.71 -34.21 8.72
CA LYS B 243 -1.70 -33.96 7.28
CA LYS B 243 -1.73 -33.94 7.28
C LYS B 243 -0.50 -33.08 6.95
N PRO B 244 0.09 -33.30 5.76
CA PRO B 244 1.22 -32.47 5.32
C PRO B 244 0.86 -30.98 5.34
N VAL B 245 1.85 -30.12 5.50
CA VAL B 245 1.57 -28.68 5.63
C VAL B 245 0.97 -28.07 4.36
N LYS B 246 0.03 -27.15 4.56
CA LYS B 246 -0.61 -26.47 3.45
CA LYS B 246 -0.62 -26.46 3.46
C LYS B 246 -0.04 -25.08 3.28
N ALA B 247 0.29 -24.71 2.04
CA ALA B 247 0.85 -23.40 1.77
C ALA B 247 -0.13 -22.31 2.18
N PHE B 248 0.40 -21.22 2.72
CA PHE B 248 -0.42 -20.02 2.95
C PHE B 248 -0.27 -19.15 1.70
N GLU B 249 -1.22 -19.29 0.77
CA GLU B 249 -1.08 -18.54 -0.48
CA GLU B 249 -1.15 -18.66 -0.56
C GLU B 249 -2.29 -17.71 -0.88
N ASP B 250 -3.47 -17.99 -0.32
CA ASP B 250 -4.61 -17.10 -0.52
C ASP B 250 -4.61 -16.16 0.67
N TRP B 251 -4.05 -14.98 0.47
CA TRP B 251 -3.77 -14.10 1.61
C TRP B 251 -5.00 -13.33 2.09
N ARG B 252 -6.16 -13.66 1.53
CA ARG B 252 -7.37 -13.01 2.03
CA ARG B 252 -7.48 -13.13 1.91
C ARG B 252 -8.05 -13.90 3.09
N ILE B 253 -7.55 -15.12 3.26
CA ILE B 253 -8.05 -16.08 4.26
C ILE B 253 -7.24 -15.88 5.54
N PRO B 254 -7.90 -15.78 6.71
CA PRO B 254 -7.11 -15.62 7.94
C PRO B 254 -6.23 -16.84 8.21
N VAL B 255 -5.10 -16.63 8.86
CA VAL B 255 -4.22 -17.72 9.24
C VAL B 255 -4.91 -18.48 10.35
N GLN B 256 -5.32 -19.71 10.06
CA GLN B 256 -6.12 -20.49 11.02
C GLN B 256 -5.40 -20.73 12.36
N ASP B 257 -4.16 -21.21 12.30
CA ASP B 257 -3.46 -21.58 13.54
C ASP B 257 -2.55 -20.48 14.02
N GLY B 258 -2.84 -19.96 15.21
CA GLY B 258 -2.01 -18.95 15.81
C GLY B 258 -0.82 -19.61 16.50
N TYR B 259 -0.06 -18.82 17.24
CA TYR B 259 1.08 -19.35 17.98
C TYR B 259 1.43 -18.41 19.13
N PHE B 260 1.58 -19.00 20.31
CA PHE B 260 1.96 -18.26 21.50
C PHE B 260 3.34 -18.79 21.93
N PRO B 261 4.41 -18.05 21.63
CA PRO B 261 5.76 -18.62 21.80
C PRO B 261 6.20 -18.87 23.25
N HIS B 262 5.61 -18.15 24.21
CA HIS B 262 6.02 -18.22 25.61
C HIS B 262 7.52 -17.94 25.77
N LEU B 263 7.99 -16.88 25.12
CA LEU B 263 9.39 -16.46 25.20
C LEU B 263 9.52 -15.00 25.63
N THR B 264 10.55 -14.70 26.42
CA THR B 264 10.80 -13.33 26.86
C THR B 264 12.30 -13.04 26.70
N THR B 265 12.65 -11.90 26.08
CA THR B 265 14.07 -11.61 25.87
C THR B 265 14.73 -11.21 27.18
N GLY B 266 16.07 -11.16 27.17
CA GLY B 266 16.83 -10.82 28.35
C GLY B 266 16.64 -9.37 28.78
N ASN B 267 16.02 -8.58 27.91
CA ASN B 267 15.65 -7.22 28.27
C ASN B 267 14.23 -7.16 28.83
N GLY B 268 13.67 -8.32 29.13
CA GLY B 268 12.35 -8.39 29.76
C GLY B 268 11.20 -8.18 28.79
N GLN B 269 11.52 -8.12 27.50
CA GLN B 269 10.50 -7.92 26.46
CA GLN B 269 10.50 -7.91 26.48
C GLN B 269 9.92 -9.25 25.98
N GLU B 270 8.68 -9.54 26.38
CA GLU B 270 7.99 -10.76 25.96
C GLU B 270 7.61 -10.70 24.48
N TRP B 271 7.91 -11.76 23.73
CA TRP B 271 7.59 -11.80 22.30
C TRP B 271 6.07 -11.79 22.12
N SER B 272 5.61 -11.04 21.13
CA SER B 272 4.19 -11.01 20.81
C SER B 272 3.72 -12.37 20.32
N SER B 273 2.44 -12.65 20.55
CA SER B 273 1.82 -13.88 20.10
C SER B 273 0.89 -13.57 18.91
N ARG B 274 0.29 -14.61 18.35
CA ARG B 274 -0.68 -14.42 17.29
C ARG B 274 -1.88 -15.33 17.57
N GLN B 275 -3.05 -14.73 17.73
CA GLN B 275 -4.25 -15.52 17.99
C GLN B 275 -4.61 -16.38 16.79
N ASP B 276 -5.33 -17.47 17.04
CA ASP B 276 -5.95 -18.21 15.93
C ASP B 276 -6.78 -17.26 15.07
N SER B 277 -6.84 -17.55 13.78
CA SER B 277 -7.69 -16.80 12.84
C SER B 277 -7.32 -15.32 12.75
N THR B 278 -6.05 -15.02 12.52
CA THR B 278 -5.57 -13.65 12.35
C THR B 278 -5.28 -13.39 10.87
N PHE B 279 -5.75 -12.26 10.36
CA PHE B 279 -5.51 -11.92 8.96
C PHE B 279 -4.09 -11.42 8.71
N PHE B 280 -3.61 -11.74 7.52
CA PHE B 280 -2.37 -11.22 6.95
C PHE B 280 -2.75 -9.83 6.43
N GLN B 281 -2.25 -8.78 7.08
CA GLN B 281 -2.73 -7.43 6.80
C GLN B 281 -1.63 -6.45 6.41
N ASP B 282 -2.00 -5.38 5.70
CA ASP B 282 -1.05 -4.31 5.36
C ASP B 282 -0.30 -3.86 6.61
N ILE B 283 1.01 -3.67 6.48
CA ILE B 283 1.79 -3.20 7.61
C ILE B 283 1.99 -1.71 7.48
N ARG B 284 1.27 -0.95 8.29
CA ARG B 284 1.41 0.49 8.28
C ARG B 284 2.48 0.86 9.29
N GLU B 285 3.68 1.10 8.79
CA GLU B 285 4.84 1.33 9.62
C GLU B 285 4.82 2.69 10.29
N ILE B 286 5.75 2.87 11.22
CA ILE B 286 6.08 4.19 11.75
C ILE B 286 7.56 4.42 11.40
N PRO B 287 7.84 5.38 10.49
CA PRO B 287 6.87 6.25 9.83
C PRO B 287 6.07 5.56 8.74
N LEU B 288 4.91 6.12 8.44
CA LEU B 288 3.99 5.54 7.45
C LEU B 288 4.63 5.37 6.08
N VAL B 289 5.59 6.21 5.72
CA VAL B 289 6.21 6.09 4.40
C VAL B 289 6.99 4.79 4.25
N ASP B 290 7.29 4.12 5.37
CA ASP B 290 8.02 2.84 5.31
C ASP B 290 7.13 1.60 5.26
N SER B 291 5.85 1.80 4.93
CA SER B 291 4.86 0.72 4.95
C SER B 291 4.93 -0.23 3.77
N ASN B 292 4.29 -1.40 3.91
CA ASN B 292 4.14 -2.34 2.80
C ASN B 292 2.72 -2.93 2.82
N TYR B 293 2.25 -3.42 1.67
CA TYR B 293 0.82 -3.73 1.54
C TYR B 293 0.59 -5.10 0.93
N VAL B 294 -0.50 -5.77 1.33
CA VAL B 294 -0.75 -7.12 0.84
C VAL B 294 -0.85 -7.15 -0.69
N SER B 295 -1.55 -6.18 -1.27
CA SER B 295 -1.72 -6.22 -2.73
C SER B 295 -0.43 -5.88 -3.46
N GLN B 296 0.47 -5.18 -2.77
CA GLN B 296 1.81 -4.93 -3.30
C GLN B 296 2.58 -6.24 -3.41
N LEU B 297 2.60 -7.02 -2.33
CA LEU B 297 3.22 -8.35 -2.37
C LEU B 297 2.57 -9.25 -3.42
N GLU B 298 1.26 -9.13 -3.55
CA GLU B 298 0.54 -9.92 -4.56
C GLU B 298 0.95 -9.55 -5.98
N MET B 299 1.20 -8.27 -6.22
CA MET B 299 1.63 -7.88 -7.56
C MET B 299 3.09 -8.30 -7.84
N TRP B 300 3.96 -8.20 -6.85
CA TRP B 300 5.30 -8.80 -6.98
C TRP B 300 5.19 -10.28 -7.35
N ARG B 301 4.28 -10.98 -6.67
CA ARG B 301 4.08 -12.39 -6.93
C ARG B 301 3.55 -12.63 -8.36
N THR B 302 2.60 -11.80 -8.77
CA THR B 302 2.07 -11.88 -10.14
C THR B 302 3.19 -11.68 -11.17
N HIS B 303 4.04 -10.67 -10.95
CA HIS B 303 5.16 -10.40 -11.84
C HIS B 303 6.13 -11.58 -11.90
N LEU B 304 6.41 -12.16 -10.75
CA LEU B 304 7.36 -13.27 -10.69
C LEU B 304 6.80 -14.53 -11.34
N TYR B 305 5.52 -14.81 -11.11
CA TYR B 305 4.85 -15.94 -11.76
C TYR B 305 4.88 -15.77 -13.26
N HIS B 306 4.65 -14.54 -13.73
CA HIS B 306 4.72 -14.29 -15.16
C HIS B 306 6.12 -14.62 -15.71
N GLY B 307 7.16 -14.08 -15.08
CA GLY B 307 8.53 -14.33 -15.53
C GLY B 307 8.86 -15.82 -15.56
N ILE B 308 8.46 -16.51 -14.50
CA ILE B 308 8.65 -17.95 -14.46
C ILE B 308 7.93 -18.63 -15.64
N ASP B 309 6.68 -18.25 -15.86
CA ASP B 309 5.87 -18.92 -16.89
C ASP B 309 6.36 -18.70 -18.31
N VAL B 310 6.93 -17.52 -18.58
CA VAL B 310 7.42 -17.19 -19.91
CA VAL B 310 7.43 -17.24 -19.94
C VAL B 310 8.92 -17.54 -20.08
N GLY B 311 9.57 -17.87 -18.97
CA GLY B 311 10.97 -18.31 -19.01
C GLY B 311 12.05 -17.23 -18.98
N TYR B 312 11.69 -16.02 -18.58
CA TYR B 312 12.59 -14.85 -18.57
CA TYR B 312 12.68 -14.97 -18.42
C TYR B 312 12.25 -13.87 -17.46
N LEU B 313 13.25 -13.27 -16.83
CA LEU B 313 12.97 -12.12 -15.96
C LEU B 313 13.36 -10.85 -16.70
N ILE B 314 12.76 -9.72 -16.30
CA ILE B 314 13.15 -8.45 -16.88
CA ILE B 314 13.14 -8.44 -16.87
C ILE B 314 14.12 -7.74 -15.94
N HIS B 315 15.30 -7.42 -16.44
CA HIS B 315 16.31 -6.75 -15.63
C HIS B 315 15.90 -5.30 -15.42
N GLU B 316 16.31 -4.70 -14.31
CA GLU B 316 16.01 -3.28 -14.11
C GLU B 316 16.64 -2.42 -15.20
N ASN B 317 17.67 -2.95 -15.87
CA ASN B 317 18.27 -2.22 -17.00
C ASN B 317 17.51 -2.36 -18.32
N GLY B 318 16.40 -3.11 -18.30
CA GLY B 318 15.53 -3.23 -19.46
C GLY B 318 15.72 -4.50 -20.28
N SER B 319 16.87 -5.14 -20.13
CA SER B 319 17.16 -6.37 -20.86
CA SER B 319 17.12 -6.35 -20.89
C SER B 319 16.42 -7.56 -20.26
N TYR B 320 16.24 -8.61 -21.04
CA TYR B 320 15.61 -9.83 -20.53
C TYR B 320 16.68 -10.82 -20.15
N VAL B 321 16.46 -11.55 -19.05
CA VAL B 321 17.40 -12.58 -18.64
CA VAL B 321 17.39 -12.56 -18.58
C VAL B 321 16.72 -13.94 -18.63
N ARG B 322 17.27 -14.85 -19.43
CA ARG B 322 16.70 -16.18 -19.55
C ARG B 322 16.82 -16.96 -18.24
N LEU B 323 15.78 -17.73 -17.94
CA LEU B 323 15.76 -18.66 -16.81
C LEU B 323 15.95 -20.07 -17.33
N THR B 324 17.05 -20.72 -16.93
CA THR B 324 17.24 -22.12 -17.33
C THR B 324 18.10 -22.86 -16.32
N ASP B 325 17.75 -24.11 -16.05
CA ASP B 325 18.62 -24.94 -15.23
C ASP B 325 19.51 -25.82 -16.11
N ASN B 326 19.50 -25.56 -17.42
CA ASN B 326 20.49 -26.11 -18.37
C ASN B 326 21.34 -24.95 -18.91
N PRO B 327 22.12 -24.27 -18.04
CA PRO B 327 22.71 -23.02 -18.52
C PRO B 327 23.91 -23.23 -19.46
N GLU B 328 24.25 -22.20 -20.22
CA GLU B 328 25.53 -22.16 -20.93
C GLU B 328 26.62 -21.95 -19.90
N VAL B 329 27.87 -22.27 -20.26
CA VAL B 329 28.99 -21.92 -19.39
C VAL B 329 28.98 -20.41 -19.18
N GLY B 330 29.13 -20.00 -17.92
CA GLY B 330 29.08 -18.58 -17.59
C GLY B 330 27.69 -17.98 -17.39
N GLU B 331 26.64 -18.75 -17.66
CA GLU B 331 25.26 -18.26 -17.46
C GLU B 331 24.77 -18.66 -16.07
N ASP B 332 23.95 -17.80 -15.44
CA ASP B 332 23.42 -18.15 -14.11
C ASP B 332 22.37 -19.25 -14.23
N TYR B 333 22.12 -19.96 -13.14
CA TYR B 333 21.06 -20.97 -13.11
C TYR B 333 19.72 -20.28 -12.88
N GLY B 334 18.68 -20.71 -13.59
CA GLY B 334 17.37 -20.11 -13.40
C GLY B 334 16.88 -20.20 -11.97
N ILE B 335 17.06 -21.35 -11.33
CA ILE B 335 16.66 -21.52 -9.93
C ILE B 335 17.36 -20.50 -9.03
N ASN B 336 18.61 -20.18 -9.33
CA ASN B 336 19.34 -19.17 -8.56
C ASN B 336 18.76 -17.77 -8.77
N LEU B 337 18.46 -17.44 -10.01
CA LEU B 337 17.89 -16.13 -10.34
C LEU B 337 16.53 -15.94 -9.66
N VAL B 338 15.72 -17.00 -9.67
CA VAL B 338 14.39 -16.96 -9.03
C VAL B 338 14.59 -16.80 -7.52
N GLY B 339 15.52 -17.56 -6.95
CA GLY B 339 15.80 -17.45 -5.52
C GLY B 339 16.22 -16.05 -5.10
N GLU B 340 17.14 -15.44 -5.85
CA GLU B 340 17.58 -14.09 -5.52
C GLU B 340 16.43 -13.09 -5.65
N ALA B 341 15.53 -13.36 -6.59
CA ALA B 341 14.39 -12.44 -6.78
C ALA B 341 13.33 -12.61 -5.71
N LEU B 342 13.18 -13.85 -5.22
CA LEU B 342 12.09 -14.17 -4.29
C LEU B 342 12.44 -13.87 -2.83
N GLU B 343 13.71 -14.07 -2.45
CA GLU B 343 14.07 -13.93 -1.02
C GLU B 343 13.68 -12.59 -0.34
N ALA B 344 14.06 -11.42 -0.88
CA ALA B 344 14.93 -11.25 -2.04
C ALA B 344 16.35 -10.91 -1.60
N GLY B 345 17.32 -11.23 -2.45
CA GLY B 345 18.70 -10.87 -2.19
C GLY B 345 19.19 -10.03 -3.34
N ASP B 346 20.08 -10.60 -4.17
CA ASP B 346 20.65 -9.86 -5.30
C ASP B 346 19.69 -9.92 -6.50
N SER B 347 18.52 -9.32 -6.33
CA SER B 347 17.46 -9.41 -7.33
C SER B 347 17.84 -8.67 -8.62
N VAL B 348 17.48 -9.25 -9.77
CA VAL B 348 17.63 -8.53 -11.03
C VAL B 348 16.77 -7.28 -11.14
N ASN B 349 15.71 -7.19 -10.33
CA ASN B 349 14.79 -6.06 -10.48
C ASN B 349 13.92 -5.86 -9.24
N PRO B 350 14.47 -5.26 -8.19
CA PRO B 350 13.73 -5.01 -6.94
C PRO B 350 12.41 -4.30 -7.18
N ASP B 351 12.37 -3.32 -8.09
CA ASP B 351 11.15 -2.52 -8.26
C ASP B 351 10.02 -3.34 -8.85
N VAL B 352 10.36 -4.40 -9.59
CA VAL B 352 9.36 -5.22 -10.26
C VAL B 352 8.99 -6.49 -9.48
N TYR B 353 10.00 -7.16 -8.93
CA TYR B 353 9.79 -8.45 -8.24
C TYR B 353 9.76 -8.32 -6.72
N GLY B 354 10.24 -7.20 -6.19
CA GLY B 354 10.07 -6.88 -4.78
C GLY B 354 10.92 -7.65 -3.80
N ASN B 355 10.30 -7.98 -2.67
CA ASN B 355 10.98 -8.54 -1.51
C ASN B 355 9.99 -9.43 -0.78
N ILE B 356 9.40 -10.38 -1.52
CA ILE B 356 8.24 -11.13 -1.05
C ILE B 356 8.52 -11.94 0.21
N HIS B 357 9.53 -12.80 0.16
CA HIS B 357 9.71 -13.72 1.27
C HIS B 357 10.07 -13.01 2.58
N ASN B 358 11.00 -12.05 2.52
CA ASN B 358 11.41 -11.35 3.74
C ASN B 358 10.25 -10.54 4.33
N LEU B 359 9.56 -9.80 3.49
CA LEU B 359 8.46 -8.98 4.00
C LEU B 359 7.34 -9.87 4.56
N GLY B 360 7.13 -11.03 3.96
CA GLY B 360 6.10 -11.93 4.44
C GLY B 360 6.35 -12.35 5.88
N HIS B 361 7.63 -12.55 6.23
CA HIS B 361 7.97 -12.83 7.62
C HIS B 361 7.52 -11.70 8.54
N ASP B 362 7.77 -10.47 8.10
CA ASP B 362 7.37 -9.31 8.89
C ASP B 362 5.86 -9.07 8.92
N PHE B 363 5.15 -9.32 7.82
CA PHE B 363 3.69 -9.24 7.84
C PHE B 363 3.14 -10.23 8.86
N LEU B 364 3.64 -11.46 8.84
CA LEU B 364 3.14 -12.46 9.78
C LEU B 364 3.55 -12.11 11.21
N GLY B 365 4.78 -11.63 11.37
CA GLY B 365 5.28 -11.30 12.69
C GLY B 365 4.60 -10.10 13.32
N GLN B 366 4.00 -9.23 12.50
CA GLN B 366 3.33 -8.03 13.03
CA GLN B 366 3.33 -8.03 13.03
C GLN B 366 1.80 -8.11 12.91
N SER B 367 1.28 -9.27 12.53
CA SER B 367 -0.15 -9.39 12.26
C SER B 367 -1.06 -9.23 13.48
N HIS B 368 -0.49 -9.30 14.68
CA HIS B 368 -1.25 -9.04 15.90
C HIS B 368 -1.51 -7.55 16.09
N ASP B 369 -0.74 -6.70 15.40
CA ASP B 369 -0.86 -5.24 15.55
C ASP B 369 -0.26 -4.56 14.31
N PRO B 370 -0.88 -4.79 13.14
CA PRO B 370 -0.25 -4.41 11.86
C PRO B 370 -0.21 -2.92 11.58
N ALA B 371 -1.01 -2.12 12.28
CA ALA B 371 -0.99 -0.67 12.09
C ALA B 371 -0.26 0.02 13.23
N LYS B 372 0.37 -0.78 14.08
CA LYS B 372 1.21 -0.29 15.16
C LYS B 372 0.48 0.70 16.05
N LYS B 373 -0.70 0.29 16.51
CA LYS B 373 -1.56 1.11 17.35
C LYS B 373 -1.27 0.85 18.82
N HIS B 374 -0.68 -0.30 19.11
CA HIS B 374 -0.68 -0.81 20.49
C HIS B 374 0.69 -0.89 21.16
N SER B 375 1.69 -0.27 20.54
CA SER B 375 3.03 -0.20 21.11
CA SER B 375 3.03 -0.20 21.09
C SER B 375 3.55 -1.59 21.46
N THR B 376 3.52 -2.49 20.49
CA THR B 376 3.90 -3.86 20.76
C THR B 376 5.18 -4.25 20.08
N THR B 377 5.67 -5.41 20.51
CA THR B 377 6.85 -6.07 19.99
C THR B 377 6.47 -6.97 18.81
N SER B 378 7.45 -7.51 18.09
CA SER B 378 7.17 -8.42 16.98
C SER B 378 6.98 -9.86 17.44
N GLY B 379 6.32 -10.68 16.62
CA GLY B 379 6.23 -12.10 16.92
C GLY B 379 7.48 -12.83 16.44
N VAL B 380 7.58 -14.12 16.72
CA VAL B 380 8.81 -14.87 16.43
C VAL B 380 9.15 -15.02 14.96
N MET B 381 8.17 -14.84 14.08
CA MET B 381 8.46 -14.88 12.63
C MET B 381 9.42 -13.78 12.18
N GLY B 382 9.60 -12.76 13.03
CA GLY B 382 10.47 -11.66 12.69
C GLY B 382 11.97 -11.89 12.93
N ALA B 383 12.34 -13.06 13.45
CA ALA B 383 13.75 -13.29 13.81
C ALA B 383 14.20 -14.68 13.37
N VAL B 384 15.42 -14.80 12.84
CA VAL B 384 15.83 -16.11 12.30
C VAL B 384 16.03 -17.17 13.34
N GLU B 385 16.39 -16.78 14.56
CA GLU B 385 16.66 -17.79 15.58
C GLU B 385 15.38 -18.28 16.26
N THR B 386 14.23 -17.67 15.94
CA THR B 386 12.95 -18.07 16.57
C THR B 386 11.85 -18.47 15.58
N ALA B 387 11.99 -18.09 14.32
CA ALA B 387 10.87 -18.19 13.36
C ALA B 387 10.39 -19.62 13.12
N VAL B 388 11.31 -20.57 13.11
CA VAL B 388 10.97 -21.98 12.87
C VAL B 388 9.99 -22.55 13.90
N ARG B 389 10.00 -22.00 15.12
CA ARG B 389 9.05 -22.40 16.16
C ARG B 389 7.57 -22.32 15.75
N ASP B 390 7.25 -21.32 14.92
CA ASP B 390 5.86 -20.97 14.62
C ASP B 390 5.34 -21.91 13.53
N PRO B 391 4.17 -22.55 13.75
CA PRO B 391 3.67 -23.39 12.66
C PRO B 391 3.50 -22.63 11.34
N VAL B 392 3.24 -21.33 11.41
CA VAL B 392 3.05 -20.58 10.17
C VAL B 392 4.35 -20.43 9.37
N PHE B 393 5.50 -20.61 10.03
CA PHE B 393 6.77 -20.64 9.30
C PHE B 393 6.68 -21.63 8.15
N PHE B 394 6.13 -22.80 8.44
CA PHE B 394 6.13 -23.87 7.44
C PHE B 394 5.02 -23.68 6.42
N ARG B 395 3.96 -22.97 6.80
CA ARG B 395 2.97 -22.62 5.79
C ARG B 395 3.54 -21.59 4.83
N TRP B 396 4.31 -20.65 5.38
CA TRP B 396 4.93 -19.62 4.55
C TRP B 396 5.97 -20.28 3.64
N HIS B 397 6.77 -21.18 4.21
CA HIS B 397 7.78 -21.85 3.38
C HIS B 397 7.27 -22.89 2.42
N LYS B 398 6.08 -23.44 2.70
CA LYS B 398 5.45 -24.29 1.70
C LYS B 398 5.02 -23.43 0.51
N PHE B 399 4.50 -22.23 0.77
CA PHE B 399 4.22 -21.30 -0.33
C PHE B 399 5.50 -20.99 -1.11
N ILE B 400 6.57 -20.66 -0.39
CA ILE B 400 7.85 -20.35 -1.04
C ILE B 400 8.33 -21.54 -1.86
N ASP B 401 8.24 -22.74 -1.30
CA ASP B 401 8.71 -23.92 -2.04
C ASP B 401 7.82 -24.18 -3.27
N ASN B 402 6.53 -23.83 -3.16
CA ASN B 402 5.62 -23.94 -4.31
C ASN B 402 6.04 -23.04 -5.45
N VAL B 403 6.52 -21.84 -5.13
CA VAL B 403 7.00 -20.94 -6.17
C VAL B 403 8.21 -21.58 -6.85
N PHE B 404 9.12 -22.10 -6.05
CA PHE B 404 10.31 -22.75 -6.62
C PHE B 404 9.96 -23.98 -7.46
N HIS B 405 9.01 -24.79 -6.99
CA HIS B 405 8.56 -25.98 -7.74
C HIS B 405 7.85 -25.55 -9.02
N ARG B 406 7.08 -24.46 -8.95
CA ARG B 406 6.46 -23.91 -10.16
C ARG B 406 7.55 -23.66 -11.20
N TYR B 407 8.65 -23.07 -10.78
CA TYR B 407 9.77 -22.84 -11.69
C TYR B 407 10.37 -24.17 -12.17
N LYS B 408 10.65 -25.09 -11.23
CA LYS B 408 11.27 -26.37 -11.62
C LYS B 408 10.43 -27.08 -12.68
N LEU B 409 9.11 -27.03 -12.56
CA LEU B 409 8.25 -27.71 -13.52
C LEU B 409 8.36 -27.13 -14.94
N THR B 410 8.83 -25.90 -15.07
CA THR B 410 8.98 -25.32 -16.42
C THR B 410 10.21 -25.89 -17.13
N GLN B 411 11.05 -26.60 -16.39
CA GLN B 411 12.29 -27.12 -16.98
C GLN B 411 12.07 -28.44 -17.68
N PRO B 412 12.76 -28.64 -18.82
CA PRO B 412 12.63 -29.92 -19.52
C PRO B 412 13.20 -31.06 -18.69
N PRO B 413 12.62 -32.27 -18.81
CA PRO B 413 13.18 -33.41 -18.07
C PRO B 413 14.64 -33.60 -18.45
N TYR B 414 15.44 -34.14 -17.53
CA TYR B 414 16.83 -34.48 -17.83
C TYR B 414 16.85 -35.46 -19.01
N THR B 415 17.76 -35.24 -19.95
CA THR B 415 17.92 -36.13 -21.12
C THR B 415 18.61 -37.42 -20.70
N PRO B 416 18.57 -38.46 -21.56
CA PRO B 416 19.31 -39.68 -21.21
C PRO B 416 20.78 -39.42 -20.92
N ARG B 417 21.41 -38.56 -21.71
CA ARG B 417 22.83 -38.25 -21.52
CA ARG B 417 22.82 -38.25 -21.51
C ARG B 417 23.05 -37.56 -20.18
N GLN B 418 22.09 -36.72 -19.77
CA GLN B 418 22.21 -36.01 -18.51
C GLN B 418 22.07 -36.94 -17.30
N LEU B 419 21.54 -38.15 -17.52
CA LEU B 419 21.30 -39.08 -16.41
C LEU B 419 22.21 -40.32 -16.49
N SER B 420 22.87 -40.49 -17.62
CA SER B 420 23.72 -41.64 -17.91
CA SER B 420 23.68 -41.67 -17.86
C SER B 420 24.96 -41.66 -17.03
N GLY B 421 25.50 -42.85 -16.76
CA GLY B 421 26.70 -42.95 -15.94
C GLY B 421 27.47 -44.21 -16.28
N ASN B 422 28.78 -44.22 -16.01
CA ASN B 422 29.60 -45.40 -16.29
C ASN B 422 29.48 -46.47 -15.21
N ILE B 423 29.10 -46.05 -14.00
CA ILE B 423 29.05 -46.97 -12.86
C ILE B 423 27.66 -47.57 -12.67
N THR B 424 27.60 -48.86 -12.38
CA THR B 424 26.35 -49.58 -12.12
C THR B 424 26.14 -49.73 -10.61
N VAL B 425 24.95 -49.42 -10.12
CA VAL B 425 24.66 -49.67 -8.71
C VAL B 425 24.02 -51.05 -8.57
N LEU B 426 24.61 -51.91 -7.75
CA LEU B 426 24.20 -53.31 -7.68
C LEU B 426 23.38 -53.63 -6.44
N ASN B 427 23.70 -52.98 -5.33
CA ASN B 427 23.05 -53.29 -4.07
C ASN B 427 23.14 -52.14 -3.09
N VAL B 428 22.23 -52.12 -2.13
CA VAL B 428 22.23 -51.10 -1.10
C VAL B 428 21.80 -51.79 0.19
N THR B 429 22.50 -51.52 1.28
CA THR B 429 22.07 -52.04 2.58
CA THR B 429 22.08 -52.05 2.58
C THR B 429 22.29 -50.98 3.65
N VAL B 430 21.39 -50.93 4.63
CA VAL B 430 21.47 -49.96 5.70
C VAL B 430 21.48 -50.72 7.02
N GLN B 431 22.38 -50.35 7.92
CA GLN B 431 22.48 -51.05 9.19
C GLN B 431 22.72 -50.11 10.37
N GLU B 432 21.79 -50.17 11.32
CA GLU B 432 21.90 -49.39 12.53
C GLU B 432 23.01 -49.93 13.41
N GLU B 433 23.82 -49.02 13.96
CA GLU B 433 24.91 -49.35 14.86
CA GLU B 433 24.91 -49.41 14.83
C GLU B 433 24.40 -49.91 16.19
N HIS B 434 25.29 -50.50 16.97
CA HIS B 434 24.94 -50.93 18.32
CA HIS B 434 24.97 -50.93 18.32
C HIS B 434 24.61 -49.74 19.20
N TRP B 435 23.52 -49.84 19.94
CA TRP B 435 23.14 -48.75 20.85
C TRP B 435 22.57 -49.23 22.17
N ILE B 436 22.20 -50.50 22.25
CA ILE B 436 21.73 -51.07 23.50
C ILE B 436 22.11 -52.56 23.61
N ASP B 437 22.59 -52.98 24.77
CA ASP B 437 23.07 -54.35 24.94
C ASP B 437 21.94 -55.37 24.73
N ASP B 438 22.29 -56.49 24.09
CA ASP B 438 21.36 -57.59 23.84
C ASP B 438 20.29 -57.29 22.80
N TYR B 439 20.56 -56.31 21.94
CA TYR B 439 19.70 -56.05 20.80
C TYR B 439 20.57 -55.75 19.59
N VAL B 440 20.28 -56.42 18.48
CA VAL B 440 20.88 -56.06 17.21
C VAL B 440 19.76 -55.74 16.23
N SER B 441 19.78 -54.52 15.70
CA SER B 441 18.74 -54.10 14.74
C SER B 441 18.80 -54.93 13.47
N PRO B 442 17.65 -55.42 13.02
CA PRO B 442 17.54 -56.00 11.68
C PRO B 442 18.01 -55.01 10.63
N GLU B 443 18.47 -55.53 9.51
CA GLU B 443 18.93 -54.71 8.40
CA GLU B 443 18.93 -54.71 8.38
C GLU B 443 17.81 -53.77 7.91
N ASN B 444 18.20 -52.57 7.50
CA ASN B 444 17.29 -51.59 6.89
C ASN B 444 16.21 -51.07 7.82
N LEU B 445 16.48 -51.13 9.13
CA LEU B 445 15.60 -50.58 10.15
C LEU B 445 16.32 -49.53 10.98
N LEU B 446 15.72 -48.34 11.07
CA LEU B 446 16.29 -47.24 11.87
C LEU B 446 15.32 -46.89 12.97
N HIS B 447 15.83 -46.40 14.10
CA HIS B 447 14.98 -46.02 15.23
C HIS B 447 15.14 -44.56 15.62
N THR B 448 14.11 -43.99 16.23
CA THR B 448 14.25 -42.71 16.91
C THR B 448 13.66 -42.84 18.31
N PHE B 449 14.05 -41.93 19.20
CA PHE B 449 13.49 -41.87 20.54
C PHE B 449 13.84 -40.54 21.19
N PHE B 450 13.24 -40.24 22.34
CA PHE B 450 13.57 -39.00 23.02
C PHE B 450 14.63 -39.23 24.10
N THR B 451 15.61 -38.32 24.18
CA THR B 451 16.68 -38.37 25.18
C THR B 451 16.86 -36.96 25.73
N PRO B 452 17.15 -36.84 27.04
CA PRO B 452 17.44 -35.51 27.59
C PRO B 452 18.82 -34.99 27.18
N LYS B 453 18.94 -33.67 27.06
CA LYS B 453 20.24 -33.02 26.94
C LYS B 453 20.26 -31.85 27.90
N THR B 454 21.46 -31.52 28.39
CA THR B 454 21.62 -30.46 29.38
C THR B 454 22.72 -29.51 28.92
N PHE B 455 22.52 -28.21 29.12
CA PHE B 455 23.59 -27.25 28.85
C PHE B 455 23.71 -26.19 29.96
N ASN B 456 24.87 -25.53 29.98
CA ASN B 456 25.19 -24.50 30.97
C ASN B 456 24.75 -23.14 30.44
N SER B 457 23.74 -22.56 31.06
CA SER B 457 23.18 -21.31 30.56
C SER B 457 23.90 -20.09 31.14
N SER B 458 24.82 -20.32 32.07
CA SER B 458 25.48 -19.21 32.76
C SER B 458 26.47 -18.44 31.90
N SER B 459 26.79 -18.96 30.72
CA SER B 459 27.53 -18.18 29.74
C SER B 459 26.64 -17.11 29.10
N GLY B 460 25.33 -17.29 29.20
CA GLY B 460 24.42 -16.37 28.55
C GLY B 460 23.70 -15.42 29.50
N ILE B 461 23.33 -15.94 30.66
CA ILE B 461 22.63 -15.17 31.69
C ILE B 461 23.45 -15.13 32.98
N ASP B 462 23.64 -13.92 33.52
CA ASP B 462 24.30 -13.75 34.80
C ASP B 462 23.31 -13.96 35.93
N PHE B 463 23.36 -15.12 36.58
CA PHE B 463 22.42 -15.43 37.66
C PHE B 463 22.90 -14.98 39.04
N ARG B 464 24.02 -14.27 39.09
CA ARG B 464 24.55 -13.77 40.36
C ARG B 464 23.67 -12.69 40.96
N LEU B 465 23.52 -12.71 42.28
CA LEU B 465 22.86 -11.62 42.98
C LEU B 465 23.86 -10.50 43.18
N LYS B 466 25.03 -10.86 43.72
CA LYS B 466 26.14 -9.93 43.83
C LYS B 466 27.40 -10.55 43.25
N ARG B 467 28.41 -9.70 43.05
CA ARG B 467 29.62 -10.04 42.33
C ARG B 467 30.29 -11.35 42.74
N ASP B 468 30.31 -11.63 44.04
CA ASP B 468 31.10 -12.75 44.55
C ASP B 468 30.38 -14.09 44.52
N ASP B 469 29.11 -14.09 44.11
CA ASP B 469 28.33 -15.32 44.05
C ASP B 469 28.90 -16.30 43.02
N ASN B 470 28.93 -17.57 43.41
CA ASN B 470 29.35 -18.65 42.52
C ASN B 470 28.12 -19.49 42.20
N ILE B 471 27.51 -19.23 41.05
CA ILE B 471 26.28 -19.93 40.67
C ILE B 471 26.27 -20.33 39.20
N THR B 472 25.89 -21.58 38.94
CA THR B 472 25.77 -22.10 37.57
C THR B 472 24.38 -22.67 37.39
N VAL B 473 23.69 -22.25 36.33
CA VAL B 473 22.36 -22.78 36.05
C VAL B 473 22.40 -23.68 34.82
N HIS B 474 22.10 -24.96 35.03
CA HIS B 474 22.03 -25.91 33.94
C HIS B 474 20.58 -26.01 33.50
N ILE B 475 20.36 -26.14 32.19
CA ILE B 475 19.00 -26.29 31.68
C ILE B 475 18.90 -27.60 30.91
N LYS B 476 17.92 -28.42 31.32
CA LYS B 476 17.76 -29.76 30.79
C LYS B 476 16.42 -29.88 30.10
N SER B 477 16.39 -30.58 28.97
CA SER B 477 15.13 -30.76 28.25
C SER B 477 15.28 -31.94 27.30
N ASN B 478 14.16 -32.36 26.72
CA ASN B 478 14.15 -33.56 25.89
C ASN B 478 14.27 -33.24 24.41
N PHE B 479 14.94 -34.12 23.68
CA PHE B 479 15.19 -33.93 22.26
C PHE B 479 14.89 -35.24 21.53
N LEU B 480 14.42 -35.15 20.30
CA LEU B 480 14.36 -36.36 19.47
C LEU B 480 15.80 -36.75 19.18
N GLU B 481 16.07 -38.05 19.10
CA GLU B 481 17.41 -38.55 18.83
C GLU B 481 17.32 -39.85 18.07
N HIS B 482 18.46 -40.34 17.57
CA HIS B 482 18.50 -41.61 16.86
C HIS B 482 19.87 -42.24 17.08
N PRO B 483 19.95 -43.58 17.00
CA PRO B 483 21.25 -44.27 17.02
C PRO B 483 22.05 -44.00 15.75
N ASP B 484 23.38 -44.05 15.83
CA ASP B 484 24.20 -44.02 14.62
C ASP B 484 23.78 -45.14 13.67
N PHE B 485 23.96 -44.91 12.37
CA PHE B 485 23.79 -45.98 11.39
C PHE B 485 24.80 -45.85 10.27
N SER B 486 25.01 -46.93 9.53
CA SER B 486 25.82 -46.87 8.34
CA SER B 486 25.84 -46.90 8.34
C SER B 486 25.06 -47.48 7.17
N TYR B 487 25.53 -47.22 5.95
CA TYR B 487 24.97 -47.87 4.79
C TYR B 487 26.12 -48.30 3.89
N THR B 488 25.88 -49.30 3.06
CA THR B 488 26.89 -49.72 2.11
C THR B 488 26.28 -49.83 0.72
N ILE B 489 26.95 -49.22 -0.25
CA ILE B 489 26.51 -49.28 -1.62
C ILE B 489 27.48 -50.21 -2.37
N THR B 490 26.92 -51.22 -3.04
CA THR B 490 27.73 -52.09 -3.90
C THR B 490 27.60 -51.59 -5.33
N VAL B 491 28.73 -51.31 -5.97
CA VAL B 491 28.74 -50.81 -7.34
C VAL B 491 29.64 -51.66 -8.23
N ASN B 492 29.46 -51.53 -9.54
CA ASN B 492 30.36 -52.14 -10.49
C ASN B 492 30.90 -51.12 -11.47
N ASN B 493 32.21 -51.12 -11.65
CA ASN B 493 32.85 -50.36 -12.71
C ASN B 493 33.18 -51.35 -13.83
N PRO B 494 32.42 -51.31 -14.93
CA PRO B 494 32.63 -52.27 -16.01
C PRO B 494 33.62 -51.76 -17.04
N THR B 495 34.22 -50.59 -16.82
CA THR B 495 35.16 -50.04 -17.79
C THR B 495 36.58 -50.56 -17.52
N SER B 496 37.54 -50.07 -18.31
CA SER B 496 38.91 -50.55 -18.23
CA SER B 496 38.91 -50.55 -18.23
C SER B 496 39.83 -49.63 -17.42
N ASP B 497 39.29 -48.53 -16.91
CA ASP B 497 40.11 -47.66 -16.08
CA ASP B 497 40.07 -47.55 -16.15
C ASP B 497 39.37 -47.20 -14.84
N PHE B 498 40.10 -46.55 -13.94
CA PHE B 498 39.53 -46.08 -12.69
C PHE B 498 38.50 -45.01 -13.01
N LYS B 499 37.42 -44.99 -12.24
CA LYS B 499 36.36 -44.01 -12.45
C LYS B 499 36.05 -43.39 -11.10
N ARG B 500 35.94 -42.07 -11.07
CA ARG B 500 35.50 -41.40 -9.86
CA ARG B 500 35.49 -41.43 -9.84
C ARG B 500 34.02 -41.10 -10.00
N MET B 501 33.29 -41.12 -8.90
CA MET B 501 31.85 -40.88 -8.96
CA MET B 501 31.87 -40.85 -8.96
C MET B 501 31.38 -40.12 -7.73
N LYS B 502 30.21 -39.51 -7.86
CA LYS B 502 29.56 -38.87 -6.73
C LYS B 502 28.31 -39.69 -6.43
N LEU B 503 28.15 -40.12 -5.18
CA LEU B 503 26.94 -40.82 -4.79
C LEU B 503 25.95 -39.78 -4.31
N ARG B 504 24.69 -39.92 -4.72
CA ARG B 504 23.63 -38.98 -4.36
C ARG B 504 22.52 -39.81 -3.77
N ILE B 505 22.24 -39.59 -2.49
CA ILE B 505 21.30 -40.44 -1.78
C ILE B 505 20.20 -39.56 -1.19
N PHE B 506 18.95 -39.90 -1.47
CA PHE B 506 17.80 -39.09 -1.02
C PHE B 506 16.75 -39.96 -0.37
N LEU B 507 15.94 -39.36 0.52
CA LEU B 507 14.95 -40.09 1.29
C LEU B 507 13.59 -39.43 1.07
N ALA B 508 12.53 -40.24 1.04
CA ALA B 508 11.15 -39.73 0.99
C ALA B 508 10.22 -40.81 1.51
N PRO B 509 9.09 -40.41 2.10
CA PRO B 509 8.13 -41.46 2.49
C PRO B 509 7.57 -42.14 1.25
N LYS B 510 7.20 -43.41 1.38
CA LYS B 510 6.61 -44.15 0.27
C LYS B 510 5.11 -43.84 0.09
N PHE B 511 4.43 -43.63 1.21
CA PHE B 511 2.98 -43.43 1.19
C PHE B 511 2.58 -42.05 1.70
N ASP B 512 1.51 -41.50 1.12
CA ASP B 512 0.96 -40.23 1.61
C ASP B 512 0.06 -40.44 2.82
N GLU B 513 -0.63 -39.38 3.25
CA GLU B 513 -1.44 -39.43 4.47
C GLU B 513 -2.68 -40.31 4.30
N GLU B 514 -3.01 -40.64 3.06
CA GLU B 514 -4.19 -41.47 2.79
C GLU B 514 -3.81 -42.93 2.61
N GLY B 515 -2.51 -43.23 2.73
CA GLY B 515 -2.01 -44.59 2.55
C GLY B 515 -1.83 -44.99 1.09
N VAL B 516 -1.83 -43.99 0.22
CA VAL B 516 -1.68 -44.22 -1.22
C VAL B 516 -0.21 -44.07 -1.60
N LYS B 517 0.30 -44.95 -2.46
CA LYS B 517 1.67 -44.84 -2.94
CA LYS B 517 1.67 -44.86 -2.95
C LYS B 517 1.88 -43.55 -3.71
N MET B 518 2.84 -42.74 -3.28
CA MET B 518 3.09 -41.50 -3.99
C MET B 518 3.76 -41.77 -5.32
N ASN B 519 3.27 -41.13 -6.37
CA ASN B 519 3.88 -41.24 -7.70
C ASN B 519 5.11 -40.36 -7.83
N TYR B 520 5.79 -40.41 -8.98
CA TYR B 520 7.00 -39.60 -9.18
C TYR B 520 6.73 -38.11 -8.95
N ALA B 521 5.68 -37.59 -9.55
CA ALA B 521 5.37 -36.16 -9.44
C ALA B 521 5.19 -35.70 -7.98
N SER B 522 4.51 -36.51 -7.17
CA SER B 522 4.28 -36.14 -5.78
C SER B 522 5.55 -36.26 -4.96
N LEU B 523 6.36 -37.26 -5.27
CA LEU B 523 7.59 -37.47 -4.50
C LEU B 523 8.58 -36.31 -4.66
N LEU B 524 8.50 -35.60 -5.79
CA LEU B 524 9.38 -34.44 -5.98
C LEU B 524 9.26 -33.43 -4.85
N ARG B 525 8.11 -33.37 -4.20
CA ARG B 525 7.92 -32.37 -3.15
C ARG B 525 8.50 -32.87 -1.83
N TYR B 526 8.93 -34.13 -1.80
CA TYR B 526 9.41 -34.77 -0.57
C TYR B 526 10.91 -35.09 -0.48
N TRP B 527 11.58 -35.33 -1.61
CA TRP B 527 12.97 -35.85 -1.53
C TRP B 527 13.86 -34.97 -0.67
N THR B 528 14.57 -35.57 0.29
CA THR B 528 15.50 -34.81 1.12
C THR B 528 16.87 -35.46 1.11
N GLU B 529 17.90 -34.63 1.14
CA GLU B 529 19.27 -35.13 1.04
C GLU B 529 19.63 -35.98 2.25
N VAL B 530 20.16 -37.18 1.98
CA VAL B 530 20.70 -38.05 3.02
C VAL B 530 22.23 -37.94 3.02
N ASP B 531 22.81 -37.99 1.82
CA ASP B 531 24.27 -37.95 1.67
C ASP B 531 24.58 -37.75 0.20
N VAL B 532 25.37 -36.73 -0.10
CA VAL B 532 25.83 -36.46 -1.46
C VAL B 532 27.31 -36.16 -1.37
N PHE B 533 28.14 -37.02 -1.96
CA PHE B 533 29.58 -36.89 -1.74
C PHE B 533 30.36 -37.57 -2.86
N GLU B 534 31.60 -37.16 -3.07
CA GLU B 534 32.45 -37.85 -4.05
C GLU B 534 33.24 -38.99 -3.41
N THR B 535 33.33 -40.12 -4.10
CA THR B 535 34.06 -41.27 -3.58
C THR B 535 35.52 -41.22 -4.01
N ASP B 536 36.32 -42.14 -3.46
CA ASP B 536 37.64 -42.41 -4.02
C ASP B 536 37.41 -42.98 -5.41
N PRO B 537 38.38 -42.83 -6.31
CA PRO B 537 38.30 -43.49 -7.61
C PRO B 537 37.99 -44.98 -7.47
N ILE B 538 37.12 -45.51 -8.33
CA ILE B 538 36.73 -46.90 -8.25
C ILE B 538 37.47 -47.70 -9.32
N ALA B 539 38.19 -48.73 -8.88
CA ALA B 539 38.93 -49.61 -9.79
C ALA B 539 37.95 -50.39 -10.65
N PRO B 540 38.40 -50.80 -11.85
CA PRO B 540 37.56 -51.71 -12.64
C PRO B 540 37.10 -52.86 -11.78
N GLY B 541 35.85 -53.28 -11.96
CA GLY B 541 35.27 -54.33 -11.12
C GLY B 541 34.35 -53.81 -10.02
N ILE B 542 34.08 -54.68 -9.05
CA ILE B 542 33.10 -54.40 -8.01
C ILE B 542 33.73 -53.66 -6.82
N ALA B 543 32.99 -52.71 -6.25
CA ALA B 543 33.45 -51.98 -5.06
C ALA B 543 32.33 -51.83 -4.04
N TYR B 544 32.72 -51.74 -2.77
CA TYR B 544 31.78 -51.54 -1.68
C TYR B 544 32.10 -50.19 -1.06
N ILE B 545 31.10 -49.31 -0.96
CA ILE B 545 31.32 -47.99 -0.39
C ILE B 545 30.44 -47.87 0.85
N THR B 546 31.08 -47.68 2.00
CA THR B 546 30.38 -47.64 3.28
C THR B 546 30.50 -46.24 3.89
N ARG B 547 29.37 -45.69 4.31
CA ARG B 547 29.36 -44.37 4.93
C ARG B 547 28.67 -44.44 6.27
N HIS B 548 29.21 -43.75 7.25
CA HIS B 548 28.63 -43.66 8.59
CA HIS B 548 28.57 -43.70 8.53
C HIS B 548 27.72 -42.43 8.63
N SER B 549 26.68 -42.48 9.42
CA SER B 549 25.74 -41.35 9.49
C SER B 549 26.39 -40.04 9.95
N ASN B 550 27.40 -40.11 10.81
CA ASN B 550 28.12 -38.91 11.26
C ASN B 550 28.94 -38.25 10.16
N GLU B 551 29.13 -38.94 9.03
CA GLU B 551 29.91 -38.38 7.92
C GLU B 551 29.01 -37.67 6.92
N SER B 552 27.70 -37.69 7.15
CA SER B 552 26.77 -37.17 6.15
C SER B 552 27.09 -35.77 5.65
N SER B 553 26.88 -35.54 4.37
CA SER B 553 27.10 -34.24 3.77
C SER B 553 26.24 -33.14 4.39
N ILE B 554 25.12 -33.52 5.01
CA ILE B 554 24.21 -32.48 5.57
C ILE B 554 24.67 -31.99 6.95
N LEU B 555 25.64 -32.69 7.53
CA LEU B 555 26.20 -32.30 8.81
C LEU B 555 27.48 -31.51 8.59
N SER B 556 27.90 -30.74 9.59
CA SER B 556 29.20 -30.07 9.51
C SER B 556 30.27 -31.05 10.01
N THR B 557 31.37 -30.51 10.51
CA THR B 557 32.42 -31.34 11.12
C THR B 557 32.69 -30.90 12.54
N THR B 565 28.26 -30.53 24.31
CA THR B 565 27.93 -31.95 24.22
C THR B 565 26.42 -32.15 23.98
N ALA B 566 25.61 -31.19 24.39
CA ALA B 566 24.22 -31.14 23.99
C ALA B 566 24.16 -30.67 22.54
N PHE B 567 25.32 -30.22 22.05
CA PHE B 567 25.47 -29.66 20.72
C PHE B 567 26.55 -30.43 19.97
N ALA B 568 26.17 -31.55 19.37
CA ALA B 568 27.11 -32.47 18.73
C ALA B 568 27.94 -31.80 17.63
N PHE B 569 27.27 -31.20 16.66
CA PHE B 569 27.96 -30.59 15.52
C PHE B 569 27.93 -29.07 15.63
N SER B 570 29.05 -28.44 15.31
CA SER B 570 29.21 -27.00 15.51
C SER B 570 29.09 -26.23 14.20
N GLY B 571 29.06 -24.91 14.29
CA GLY B 571 28.89 -24.07 13.13
C GLY B 571 27.53 -24.25 12.51
N CYS B 572 27.48 -24.33 11.18
CA CYS B 572 26.24 -24.47 10.43
CA CYS B 572 26.24 -24.47 10.43
C CYS B 572 26.02 -25.93 10.05
N SER B 573 25.05 -26.59 10.69
CA SER B 573 24.83 -28.01 10.47
C SER B 573 23.36 -28.39 10.60
N TRP B 574 22.86 -29.27 9.73
CA TRP B 574 21.56 -29.86 10.03
C TRP B 574 21.73 -30.55 11.37
N PRO B 575 20.73 -30.45 12.28
CA PRO B 575 20.94 -31.08 13.60
C PRO B 575 21.11 -32.59 13.52
N ARG B 576 22.21 -33.11 14.05
CA ARG B 576 22.45 -34.55 14.00
C ARG B 576 21.28 -35.30 14.64
N ASN B 577 20.73 -34.74 15.72
CA ASN B 577 19.64 -35.41 16.41
C ASN B 577 18.35 -35.48 15.61
N LEU B 578 18.24 -34.63 14.58
CA LEU B 578 17.06 -34.66 13.70
C LEU B 578 17.40 -35.22 12.33
N GLN B 579 18.50 -35.96 12.26
CA GLN B 579 18.94 -36.51 11.00
C GLN B 579 17.98 -37.58 10.44
N VAL B 580 17.28 -38.27 11.33
CA VAL B 580 16.35 -39.33 10.94
C VAL B 580 14.93 -38.85 11.25
N PRO B 581 14.02 -38.92 10.25
CA PRO B 581 12.62 -38.59 10.58
C PRO B 581 12.10 -39.48 11.71
N ARG B 582 11.16 -38.97 12.51
CA ARG B 582 10.64 -39.69 13.69
CA ARG B 582 10.66 -39.69 13.68
C ARG B 582 10.22 -41.12 13.38
N GLY B 583 9.43 -41.29 12.32
CA GLY B 583 8.86 -42.59 12.03
C GLY B 583 7.74 -42.91 13.01
N THR B 584 7.26 -44.15 12.98
CA THR B 584 6.07 -44.51 13.75
C THR B 584 6.33 -45.71 14.64
N GLN B 585 5.41 -45.97 15.57
CA GLN B 585 5.53 -47.11 16.46
CA GLN B 585 5.52 -47.13 16.46
C GLN B 585 5.52 -48.44 15.68
N ASP B 586 4.69 -48.53 14.65
CA ASP B 586 4.61 -49.77 13.87
C ASP B 586 5.70 -49.88 12.80
N GLY B 587 6.37 -48.77 12.54
CA GLY B 587 7.39 -48.72 11.50
C GLY B 587 6.85 -48.05 10.26
N MET B 588 7.57 -47.03 9.78
CA MET B 588 7.10 -46.27 8.63
C MET B 588 8.07 -46.45 7.47
N ASN B 589 7.55 -46.67 6.28
CA ASN B 589 8.38 -47.02 5.13
CA ASN B 589 8.37 -47.02 5.14
C ASN B 589 8.83 -45.84 4.28
N PHE B 590 10.13 -45.80 3.97
CA PHE B 590 10.73 -44.70 3.20
C PHE B 590 11.49 -45.23 2.00
N HIS B 591 11.39 -44.51 0.87
CA HIS B 591 12.28 -44.74 -0.26
C HIS B 591 13.68 -44.25 0.11
N PHE B 592 14.70 -45.00 -0.32
CA PHE B 592 16.09 -44.63 -0.11
C PHE B 592 16.70 -44.70 -1.51
N PHE B 593 16.72 -43.57 -2.19
CA PHE B 593 17.17 -43.47 -3.59
C PHE B 593 18.69 -43.29 -3.65
N VAL B 594 19.35 -44.08 -4.49
CA VAL B 594 20.80 -44.02 -4.65
C VAL B 594 21.18 -43.84 -6.12
N MET B 595 21.97 -42.81 -6.42
CA MET B 595 22.48 -42.63 -7.78
C MET B 595 23.99 -42.46 -7.80
N ALA B 596 24.65 -43.20 -8.69
CA ALA B 596 26.08 -43.02 -8.92
C ALA B 596 26.26 -42.16 -10.16
N THR B 597 26.86 -41.00 -10.01
CA THR B 597 27.01 -40.09 -11.15
CA THR B 597 27.03 -40.10 -11.14
C THR B 597 28.49 -39.90 -11.48
N ASP B 598 28.79 -39.73 -12.76
CA ASP B 598 30.17 -39.52 -13.19
C ASP B 598 30.64 -38.15 -12.72
N VAL B 599 31.92 -38.04 -12.38
CA VAL B 599 32.45 -36.71 -12.04
C VAL B 599 33.23 -36.14 -13.22
N SER B 615 30.38 -26.84 7.01
CA SER B 615 30.55 -27.46 5.70
C SER B 615 29.37 -28.36 5.35
N SER B 616 28.23 -28.14 6.00
CA SER B 616 26.98 -28.79 5.60
C SER B 616 26.65 -28.41 4.16
N SER B 617 26.20 -29.38 3.36
CA SER B 617 25.78 -29.10 1.99
C SER B 617 24.59 -28.13 1.96
N PHE B 618 23.86 -28.02 3.07
CA PHE B 618 22.74 -27.07 3.13
C PHE B 618 23.24 -25.63 3.32
N CYS B 619 24.47 -25.49 3.81
CA CYS B 619 25.04 -24.19 4.17
CA CYS B 619 25.02 -24.19 4.17
C CYS B 619 26.02 -23.68 3.13
N GLY B 620 26.67 -24.59 2.43
CA GLY B 620 27.68 -24.20 1.47
C GLY B 620 28.90 -23.66 2.19
N ARG B 621 29.85 -23.18 1.41
CA ARG B 621 31.08 -22.62 1.96
C ARG B 621 31.22 -21.19 1.48
N PRO B 622 31.39 -20.25 2.43
CA PRO B 622 31.39 -18.81 2.09
C PRO B 622 32.43 -18.46 1.04
N ASP B 623 33.59 -19.10 1.08
CA ASP B 623 34.70 -18.69 0.24
C ASP B 623 34.88 -19.52 -1.06
N GLN B 624 34.11 -20.60 -1.22
CA GLN B 624 34.29 -21.50 -2.36
C GLN B 624 33.01 -21.68 -3.18
N PRO B 625 33.15 -21.89 -4.51
CA PRO B 625 31.96 -22.16 -5.32
C PRO B 625 31.37 -23.53 -5.00
N ILE B 626 30.10 -23.75 -5.34
CA ILE B 626 29.52 -25.08 -5.30
C ILE B 626 30.31 -25.93 -6.32
N PRO B 627 30.92 -27.04 -5.87
CA PRO B 627 31.84 -27.76 -6.77
C PRO B 627 31.13 -28.46 -7.93
N ASP B 628 29.92 -28.89 -7.65
CA ASP B 628 29.10 -29.72 -8.53
C ASP B 628 28.30 -28.81 -9.47
N PRO B 629 28.43 -29.02 -10.79
CA PRO B 629 27.67 -28.16 -11.71
C PRO B 629 26.17 -28.50 -11.78
N TRP B 630 25.77 -29.68 -11.33
CA TRP B 630 24.36 -30.09 -11.42
C TRP B 630 23.52 -29.27 -10.44
N PRO B 631 22.24 -29.06 -10.76
CA PRO B 631 21.41 -28.29 -9.82
C PRO B 631 21.34 -28.98 -8.47
N MET B 632 21.23 -28.23 -7.38
CA MET B 632 21.12 -28.83 -6.07
C MET B 632 19.87 -29.71 -6.01
N GLY B 633 20.04 -30.94 -5.52
CA GLY B 633 18.95 -31.89 -5.44
C GLY B 633 18.80 -32.77 -6.68
N TYR B 634 19.64 -32.56 -7.68
CA TYR B 634 19.63 -33.35 -8.92
C TYR B 634 19.73 -34.83 -8.59
N PRO B 635 18.99 -35.68 -9.32
CA PRO B 635 18.12 -35.33 -10.44
C PRO B 635 16.65 -35.23 -10.02
N LEU B 636 16.39 -35.19 -8.72
CA LEU B 636 15.03 -35.33 -8.21
C LEU B 636 14.31 -34.00 -7.93
N GLU B 637 14.56 -33.00 -8.77
CA GLU B 637 13.78 -31.76 -8.72
C GLU B 637 13.18 -31.42 -10.08
N ARG B 638 13.27 -32.33 -11.05
CA ARG B 638 12.61 -32.09 -12.34
C ARG B 638 11.55 -33.13 -12.65
N ARG B 639 10.61 -32.76 -13.51
CA ARG B 639 9.58 -33.70 -13.91
CA ARG B 639 9.56 -33.65 -14.00
C ARG B 639 10.17 -34.77 -14.82
N SER B 640 9.46 -35.88 -14.93
CA SER B 640 9.88 -37.02 -15.76
C SER B 640 8.67 -37.58 -16.49
N SER B 641 8.86 -38.21 -17.65
CA SER B 641 7.74 -38.88 -18.29
CA SER B 641 7.78 -38.93 -18.33
C SER B 641 7.37 -40.15 -17.51
N LYS B 642 8.30 -40.62 -16.66
CA LYS B 642 8.06 -41.82 -15.86
C LYS B 642 7.05 -41.54 -14.76
N ALA B 643 6.09 -42.45 -14.61
CA ALA B 643 4.98 -42.22 -13.67
C ALA B 643 5.40 -42.46 -12.23
N THR B 644 6.31 -43.40 -12.00
CA THR B 644 6.69 -43.77 -10.64
C THR B 644 8.21 -43.67 -10.46
N ILE B 645 8.65 -43.58 -9.21
CA ILE B 645 10.08 -43.53 -8.94
C ILE B 645 10.70 -44.89 -9.31
N GLU B 646 9.92 -45.95 -9.14
CA GLU B 646 10.34 -47.30 -9.56
C GLU B 646 10.65 -47.34 -11.06
N ASP B 647 9.73 -46.82 -11.88
CA ASP B 647 9.93 -46.79 -13.33
C ASP B 647 11.12 -45.93 -13.72
N PHE B 648 11.26 -44.80 -13.05
CA PHE B 648 12.38 -43.89 -13.29
C PHE B 648 13.72 -44.57 -13.04
N VAL B 649 13.85 -45.24 -11.90
CA VAL B 649 15.15 -45.79 -11.54
CA VAL B 649 15.11 -45.84 -11.47
C VAL B 649 15.45 -47.04 -12.36
N ASP B 650 14.41 -47.75 -12.79
CA ASP B 650 14.60 -48.96 -13.60
C ASP B 650 15.19 -48.65 -14.97
N GLU B 651 15.01 -47.42 -15.43
CA GLU B 651 15.56 -46.97 -16.71
C GLU B 651 17.09 -46.78 -16.68
N HIS B 652 17.67 -46.69 -15.48
CA HIS B 652 19.06 -46.26 -15.33
C HIS B 652 19.87 -47.19 -14.45
N PRO B 653 20.87 -47.89 -15.03
CA PRO B 653 21.66 -48.84 -14.24
C PRO B 653 22.46 -48.17 -13.13
N ASN B 654 22.73 -46.86 -13.26
CA ASN B 654 23.42 -46.10 -12.20
C ASN B 654 22.48 -45.57 -11.11
N MET B 655 21.23 -46.02 -11.12
CA MET B 655 20.31 -45.70 -10.02
C MET B 655 19.75 -46.97 -9.41
N MET B 656 19.59 -46.96 -8.09
CA MET B 656 18.88 -48.04 -7.41
C MET B 656 17.94 -47.49 -6.36
N LEU B 657 16.78 -48.11 -6.22
CA LEU B 657 15.80 -47.68 -5.23
C LEU B 657 15.71 -48.68 -4.09
N GLN B 658 16.24 -48.28 -2.95
CA GLN B 658 16.23 -49.11 -1.75
CA GLN B 658 16.19 -49.13 -1.76
C GLN B 658 15.06 -48.65 -0.87
N GLU B 659 14.81 -49.36 0.22
CA GLU B 659 13.69 -49.05 1.08
C GLU B 659 14.13 -49.29 2.53
N VAL B 660 13.81 -48.37 3.43
CA VAL B 660 14.11 -48.57 4.85
C VAL B 660 12.86 -48.37 5.68
N THR B 661 12.84 -48.96 6.88
CA THR B 661 11.76 -48.73 7.82
C THR B 661 12.27 -47.88 8.98
N ILE B 662 11.50 -46.88 9.39
CA ILE B 662 11.89 -46.08 10.54
C ILE B 662 10.85 -46.23 11.64
N THR B 663 11.31 -46.58 12.84
CA THR B 663 10.41 -46.93 13.93
C THR B 663 10.72 -46.09 15.15
N HIS B 664 9.72 -45.36 15.64
CA HIS B 664 9.90 -44.55 16.82
C HIS B 664 9.63 -45.37 18.08
N LEU B 665 10.54 -45.29 19.05
CA LEU B 665 10.39 -46.02 20.30
C LEU B 665 10.02 -45.08 21.45
N ARG B 666 8.81 -45.25 21.97
CA ARG B 666 8.34 -44.51 23.15
C ARG B 666 9.22 -44.85 24.35
N ASP B 667 9.68 -46.09 24.38
CA ASP B 667 10.51 -46.62 25.47
C ASP B 667 11.58 -47.49 24.82
N PRO B 668 12.80 -46.95 24.68
CA PRO B 668 13.86 -47.64 23.92
C PRO B 668 14.17 -49.06 24.44
N SER B 669 13.98 -49.30 25.74
CA SER B 669 14.27 -50.60 26.31
C SER B 669 13.29 -51.67 25.82
N SER B 670 12.18 -51.25 25.20
CA SER B 670 11.19 -52.17 24.66
C SER B 670 11.75 -53.16 23.63
N VAL B 671 12.90 -52.83 23.04
CA VAL B 671 13.48 -53.72 22.03
C VAL B 671 14.10 -54.97 22.66
N LEU B 672 14.28 -54.94 23.97
CA LEU B 672 14.95 -56.03 24.69
C LEU B 672 14.06 -57.25 24.85
N ARG B 673 14.70 -58.42 24.93
CA ARG B 673 14.00 -59.65 25.23
C ARG B 673 13.26 -59.53 26.56
N ARG B 674 12.00 -59.92 26.57
CA ARG B 674 11.21 -59.89 27.77
C ARG B 674 11.08 -61.29 28.36
N PRO B 675 11.01 -61.38 29.69
CA PRO B 675 10.86 -62.66 30.40
C PRO B 675 9.69 -63.45 29.81
N ILE B 676 9.94 -64.72 29.44
CA ILE B 676 8.91 -65.64 28.96
C ILE B 676 7.64 -65.54 29.82
N SER B 677 7.86 -65.38 31.12
CA SER B 677 6.78 -65.26 32.09
C SER B 677 5.92 -64.02 31.85
N GLU B 678 6.54 -62.94 31.37
CA GLU B 678 5.87 -61.65 31.26
C GLU B 678 5.32 -61.36 29.87
N ARG B 679 5.64 -62.22 28.91
CA ARG B 679 5.13 -62.04 27.55
C ARG B 679 3.65 -62.35 27.53
N LYS B 680 2.88 -61.51 26.84
CA LYS B 680 1.45 -61.70 26.73
CA LYS B 680 1.45 -61.73 26.74
C LYS B 680 1.09 -62.36 25.40
N GLU B 681 0.06 -63.20 25.41
CA GLU B 681 -0.36 -63.91 24.23
CA GLU B 681 -0.40 -63.93 24.25
C GLU B 681 -1.17 -63.02 23.28
N CYS B 682 -0.87 -63.16 22.00
CA CYS B 682 -1.55 -62.37 20.97
C CYS B 682 -2.80 -63.10 20.49
N LEU B 683 -3.84 -62.34 20.13
CA LEU B 683 -5.04 -62.97 19.61
C LEU B 683 -4.92 -63.31 18.13
N LEU B 684 -4.21 -62.45 17.40
CA LEU B 684 -4.16 -62.55 15.94
C LEU B 684 -2.73 -62.62 15.42
N PHE B 685 -1.94 -63.52 16.02
CA PHE B 685 -0.54 -63.78 15.65
C PHE B 685 0.44 -62.72 16.14
N THR B 686 0.07 -61.45 16.05
CA THR B 686 0.98 -60.40 16.47
C THR B 686 0.19 -59.38 17.29
N CYS B 687 0.81 -58.75 18.26
CA CYS B 687 0.11 -57.81 19.13
C CYS B 687 1.07 -56.85 19.82
#